data_1E87
# 
_entry.id   1E87 
# 
_audit_conform.dict_name       mmcif_pdbx.dic 
_audit_conform.dict_version    5.397 
_audit_conform.dict_location   http://mmcif.pdb.org/dictionaries/ascii/mmcif_pdbx.dic 
# 
loop_
_database_2.database_id 
_database_2.database_code 
_database_2.pdbx_database_accession 
_database_2.pdbx_DOI 
PDB   1E87         pdb_00001e87 10.2210/pdb1e87/pdb 
PDBE  EBI-5348     ?            ?                   
WWPDB D_1290005348 ?            ?                   
# 
loop_
_pdbx_audit_revision_history.ordinal 
_pdbx_audit_revision_history.data_content_type 
_pdbx_audit_revision_history.major_revision 
_pdbx_audit_revision_history.minor_revision 
_pdbx_audit_revision_history.revision_date 
1 'Structure model' 1 0 2000-09-26 
2 'Structure model' 1 1 2011-08-24 
3 'Structure model' 1 2 2023-12-13 
4 'Structure model' 1 3 2024-10-09 
# 
_pdbx_audit_revision_details.ordinal             1 
_pdbx_audit_revision_details.revision_ordinal    1 
_pdbx_audit_revision_details.data_content_type   'Structure model' 
_pdbx_audit_revision_details.provider            repository 
_pdbx_audit_revision_details.type                'Initial release' 
_pdbx_audit_revision_details.description         ? 
_pdbx_audit_revision_details.details             ? 
# 
loop_
_pdbx_audit_revision_group.ordinal 
_pdbx_audit_revision_group.revision_ordinal 
_pdbx_audit_revision_group.data_content_type 
_pdbx_audit_revision_group.group 
1  2 'Structure model' 'Derived calculations'      
2  2 'Structure model' 'Non-polymer description'   
3  2 'Structure model' Other                       
4  2 'Structure model' 'Refinement description'    
5  2 'Structure model' 'Structure summary'         
6  2 'Structure model' 'Version format compliance' 
7  3 'Structure model' 'Data collection'           
8  3 'Structure model' 'Database references'       
9  3 'Structure model' 'Derived calculations'      
10 3 'Structure model' Other                       
11 3 'Structure model' 'Refinement description'    
12 4 'Structure model' 'Structure summary'         
# 
loop_
_pdbx_audit_revision_category.ordinal 
_pdbx_audit_revision_category.revision_ordinal 
_pdbx_audit_revision_category.data_content_type 
_pdbx_audit_revision_category.category 
1  3 'Structure model' chem_comp_atom                
2  3 'Structure model' chem_comp_bond                
3  3 'Structure model' database_2                    
4  3 'Structure model' pdbx_database_status          
5  3 'Structure model' pdbx_initial_refinement_model 
6  3 'Structure model' pdbx_struct_conn_angle        
7  3 'Structure model' struct_conn                   
8  3 'Structure model' struct_site                   
9  4 'Structure model' pdbx_entry_details            
10 4 'Structure model' pdbx_modification_feature     
# 
loop_
_pdbx_audit_revision_item.ordinal 
_pdbx_audit_revision_item.revision_ordinal 
_pdbx_audit_revision_item.data_content_type 
_pdbx_audit_revision_item.item 
1  3 'Structure model' '_database_2.pdbx_DOI'                         
2  3 'Structure model' '_database_2.pdbx_database_accession'          
3  3 'Structure model' '_pdbx_database_status.status_code_sf'         
4  3 'Structure model' '_pdbx_struct_conn_angle.ptnr1_auth_seq_id'    
5  3 'Structure model' '_pdbx_struct_conn_angle.ptnr3_auth_seq_id'    
6  3 'Structure model' '_pdbx_struct_conn_angle.value'                
7  3 'Structure model' '_struct_conn.pdbx_dist_value'                 
8  3 'Structure model' '_struct_conn.ptnr1_auth_comp_id'              
9  3 'Structure model' '_struct_conn.ptnr1_auth_seq_id'               
10 3 'Structure model' '_struct_conn.ptnr1_label_asym_id'             
11 3 'Structure model' '_struct_conn.ptnr1_label_atom_id'             
12 3 'Structure model' '_struct_conn.ptnr1_label_comp_id'             
13 3 'Structure model' '_struct_conn.ptnr1_label_seq_id'              
14 3 'Structure model' '_struct_conn.ptnr2_auth_comp_id'              
15 3 'Structure model' '_struct_conn.ptnr2_auth_seq_id'               
16 3 'Structure model' '_struct_conn.ptnr2_label_asym_id'             
17 3 'Structure model' '_struct_conn.ptnr2_label_atom_id'             
18 3 'Structure model' '_struct_conn.ptnr2_label_comp_id'             
19 3 'Structure model' '_struct_conn.ptnr2_label_seq_id'              
20 3 'Structure model' '_struct_site.pdbx_auth_asym_id'               
21 3 'Structure model' '_struct_site.pdbx_auth_comp_id'               
22 3 'Structure model' '_struct_site.pdbx_auth_seq_id'                
23 4 'Structure model' '_pdbx_entry_details.has_protein_modification' 
# 
_pdbx_database_status.status_code                     REL 
_pdbx_database_status.entry_id                        1E87 
_pdbx_database_status.deposit_site                    PDBE 
_pdbx_database_status.process_site                    PDBE 
_pdbx_database_status.SG_entry                        . 
_pdbx_database_status.recvd_initial_deposition_date   2000-09-18 
_pdbx_database_status.pdb_format_compatible           Y 
_pdbx_database_status.status_code_sf                  REL 
_pdbx_database_status.status_code_mr                  ? 
_pdbx_database_status.status_code_cs                  ? 
_pdbx_database_status.methods_development_category    ? 
_pdbx_database_status.status_code_nmr_data            ? 
# 
_pdbx_database_related.db_name        PDB 
_pdbx_database_related.db_id          1E8I 
_pdbx_database_related.content_type   unspecified 
_pdbx_database_related.details        'HUMAN CD69 - TETRAGONAL FORM' 
# 
_audit_author.name           'Tormo, J.' 
_audit_author.pdbx_ordinal   1 
# 
_citation.id                        primary 
_citation.title                     
'Crystal Structure of the C-Type Lectin-Like Domain from the Human Hematopoietic Cell Receptor Cd69' 
_citation.journal_abbrev            J.Biol.Chem. 
_citation.journal_volume            276 
_citation.page_first                7312 
_citation.page_last                 ? 
_citation.year                      2001 
_citation.journal_id_ASTM           JBCHA3 
_citation.country                   US 
_citation.journal_id_ISSN           0021-9258 
_citation.journal_id_CSD            0071 
_citation.book_publisher            ? 
_citation.pdbx_database_id_PubMed   11036086 
_citation.pdbx_database_id_DOI      10.1074/JBC.M008573200 
# 
loop_
_citation_author.citation_id 
_citation_author.name 
_citation_author.ordinal 
_citation_author.identifier_ORCID 
primary 'Llera, A.S.'        1 ? 
primary 'Viedma, F.'         2 ? 
primary 'Sanchez-Madrid, F.' 3 ? 
primary 'Tormo, J.'          4 ? 
# 
loop_
_entity.id 
_entity.type 
_entity.src_method 
_entity.pdbx_description 
_entity.formula_weight 
_entity.pdbx_number_of_molecules 
_entity.pdbx_ec 
_entity.pdbx_mutation 
_entity.pdbx_fragment 
_entity.details 
1 polymer     man 'EARLY ACTIVATION ANTIGEN CD69' 13806.557 1   ? ? 'C-TYPE LECTIN-LIKE DOMAIN, RESIDUES 82-199' ? 
2 non-polymer syn 'ZINC ION'                      65.409    1   ? ? ?                                            ? 
3 non-polymer syn GLYCEROL                        92.094    1   ? ? ?                                            ? 
4 water       nat water                           18.015    108 ? ? ?                                            ? 
# 
_entity_name_com.entity_id   1 
_entity_name_com.name        
;ACTIVATION INDUCER MOLECULE, AIM, BL-AC/P26, C-TYPE LECTIN DOMAIN FAMILY 2 MEMBER C, EA1, EARLY T-CELL ACTIVATION ANTIGEN P60, GP32/28, LEUKOCYTE SURFACE ANTIGEN LEU-23, MLR-3, CD69, LEU-23
;
# 
_entity_poly.entity_id                      1 
_entity_poly.type                           'polypeptide(L)' 
_entity_poly.nstd_linkage                   no 
_entity_poly.nstd_monomer                   no 
_entity_poly.pdbx_seq_one_letter_code       
;VSSCSEDWVGYQRKCYFISTVKRSWTSAQNACSEHGATLAVIDSEKDMNFLKRYAGREEHWVGLKKEPGHPWKWSNGKEF
NNWFNVTGSDKCVFLKNTEVSSMECEKNLYWICNKPYK
;
_entity_poly.pdbx_seq_one_letter_code_can   
;VSSCSEDWVGYQRKCYFISTVKRSWTSAQNACSEHGATLAVIDSEKDMNFLKRYAGREEHWVGLKKEPGHPWKWSNGKEF
NNWFNVTGSDKCVFLKNTEVSSMECEKNLYWICNKPYK
;
_entity_poly.pdbx_strand_id                 A 
_entity_poly.pdbx_target_identifier         ? 
# 
loop_
_pdbx_entity_nonpoly.entity_id 
_pdbx_entity_nonpoly.name 
_pdbx_entity_nonpoly.comp_id 
2 'ZINC ION' ZN  
3 GLYCEROL   GOL 
4 water      HOH 
# 
loop_
_entity_poly_seq.entity_id 
_entity_poly_seq.num 
_entity_poly_seq.mon_id 
_entity_poly_seq.hetero 
1 1   VAL n 
1 2   SER n 
1 3   SER n 
1 4   CYS n 
1 5   SER n 
1 6   GLU n 
1 7   ASP n 
1 8   TRP n 
1 9   VAL n 
1 10  GLY n 
1 11  TYR n 
1 12  GLN n 
1 13  ARG n 
1 14  LYS n 
1 15  CYS n 
1 16  TYR n 
1 17  PHE n 
1 18  ILE n 
1 19  SER n 
1 20  THR n 
1 21  VAL n 
1 22  LYS n 
1 23  ARG n 
1 24  SER n 
1 25  TRP n 
1 26  THR n 
1 27  SER n 
1 28  ALA n 
1 29  GLN n 
1 30  ASN n 
1 31  ALA n 
1 32  CYS n 
1 33  SER n 
1 34  GLU n 
1 35  HIS n 
1 36  GLY n 
1 37  ALA n 
1 38  THR n 
1 39  LEU n 
1 40  ALA n 
1 41  VAL n 
1 42  ILE n 
1 43  ASP n 
1 44  SER n 
1 45  GLU n 
1 46  LYS n 
1 47  ASP n 
1 48  MET n 
1 49  ASN n 
1 50  PHE n 
1 51  LEU n 
1 52  LYS n 
1 53  ARG n 
1 54  TYR n 
1 55  ALA n 
1 56  GLY n 
1 57  ARG n 
1 58  GLU n 
1 59  GLU n 
1 60  HIS n 
1 61  TRP n 
1 62  VAL n 
1 63  GLY n 
1 64  LEU n 
1 65  LYS n 
1 66  LYS n 
1 67  GLU n 
1 68  PRO n 
1 69  GLY n 
1 70  HIS n 
1 71  PRO n 
1 72  TRP n 
1 73  LYS n 
1 74  TRP n 
1 75  SER n 
1 76  ASN n 
1 77  GLY n 
1 78  LYS n 
1 79  GLU n 
1 80  PHE n 
1 81  ASN n 
1 82  ASN n 
1 83  TRP n 
1 84  PHE n 
1 85  ASN n 
1 86  VAL n 
1 87  THR n 
1 88  GLY n 
1 89  SER n 
1 90  ASP n 
1 91  LYS n 
1 92  CYS n 
1 93  VAL n 
1 94  PHE n 
1 95  LEU n 
1 96  LYS n 
1 97  ASN n 
1 98  THR n 
1 99  GLU n 
1 100 VAL n 
1 101 SER n 
1 102 SER n 
1 103 MET n 
1 104 GLU n 
1 105 CYS n 
1 106 GLU n 
1 107 LYS n 
1 108 ASN n 
1 109 LEU n 
1 110 TYR n 
1 111 TRP n 
1 112 ILE n 
1 113 CYS n 
1 114 ASN n 
1 115 LYS n 
1 116 PRO n 
1 117 TYR n 
1 118 LYS n 
# 
_entity_src_gen.entity_id                          1 
_entity_src_gen.pdbx_src_id                        1 
_entity_src_gen.pdbx_alt_source_flag               sample 
_entity_src_gen.pdbx_seq_type                      ? 
_entity_src_gen.pdbx_beg_seq_num                   ? 
_entity_src_gen.pdbx_end_seq_num                   ? 
_entity_src_gen.gene_src_common_name               HUMAN 
_entity_src_gen.gene_src_genus                     ? 
_entity_src_gen.pdbx_gene_src_gene                 ? 
_entity_src_gen.gene_src_species                   ? 
_entity_src_gen.gene_src_strain                    ? 
_entity_src_gen.gene_src_tissue                    ? 
_entity_src_gen.gene_src_tissue_fraction           ? 
_entity_src_gen.gene_src_details                   ? 
_entity_src_gen.pdbx_gene_src_fragment             ? 
_entity_src_gen.pdbx_gene_src_scientific_name      'HOMO SAPIENS' 
_entity_src_gen.pdbx_gene_src_ncbi_taxonomy_id     9606 
_entity_src_gen.pdbx_gene_src_variant              ? 
_entity_src_gen.pdbx_gene_src_cell_line            ? 
_entity_src_gen.pdbx_gene_src_atcc                 ? 
_entity_src_gen.pdbx_gene_src_organ                ? 
_entity_src_gen.pdbx_gene_src_organelle            ? 
_entity_src_gen.pdbx_gene_src_cell                 'HEMATOPOIETIC CELL' 
_entity_src_gen.pdbx_gene_src_cellular_location    'CELL SURFACE' 
_entity_src_gen.host_org_common_name               ? 
_entity_src_gen.pdbx_host_org_scientific_name      'ESCHERICHIA COLI' 
_entity_src_gen.pdbx_host_org_ncbi_taxonomy_id     469008 
_entity_src_gen.host_org_genus                     ? 
_entity_src_gen.pdbx_host_org_gene                 ? 
_entity_src_gen.pdbx_host_org_organ                ? 
_entity_src_gen.host_org_species                   ? 
_entity_src_gen.pdbx_host_org_tissue               ? 
_entity_src_gen.pdbx_host_org_tissue_fraction      ? 
_entity_src_gen.pdbx_host_org_strain               'BL21(DE3)' 
_entity_src_gen.pdbx_host_org_variant              ? 
_entity_src_gen.pdbx_host_org_cell_line            ? 
_entity_src_gen.pdbx_host_org_atcc                 ? 
_entity_src_gen.pdbx_host_org_culture_collection   ? 
_entity_src_gen.pdbx_host_org_cell                 ? 
_entity_src_gen.pdbx_host_org_organelle            ? 
_entity_src_gen.pdbx_host_org_cellular_location    'INCLUSION BODIES' 
_entity_src_gen.pdbx_host_org_vector_type          ? 
_entity_src_gen.pdbx_host_org_vector               PET26 
_entity_src_gen.host_org_details                   ? 
_entity_src_gen.expression_system_id               ? 
_entity_src_gen.plasmid_name                       ? 
_entity_src_gen.plasmid_details                    ? 
_entity_src_gen.pdbx_description                   ? 
# 
loop_
_chem_comp.id 
_chem_comp.type 
_chem_comp.mon_nstd_flag 
_chem_comp.name 
_chem_comp.pdbx_synonyms 
_chem_comp.formula 
_chem_comp.formula_weight 
ALA 'L-peptide linking' y ALANINE         ?                               'C3 H7 N O2'     89.093  
ARG 'L-peptide linking' y ARGININE        ?                               'C6 H15 N4 O2 1' 175.209 
ASN 'L-peptide linking' y ASPARAGINE      ?                               'C4 H8 N2 O3'    132.118 
ASP 'L-peptide linking' y 'ASPARTIC ACID' ?                               'C4 H7 N O4'     133.103 
CYS 'L-peptide linking' y CYSTEINE        ?                               'C3 H7 N O2 S'   121.158 
GLN 'L-peptide linking' y GLUTAMINE       ?                               'C5 H10 N2 O3'   146.144 
GLU 'L-peptide linking' y 'GLUTAMIC ACID' ?                               'C5 H9 N O4'     147.129 
GLY 'peptide linking'   y GLYCINE         ?                               'C2 H5 N O2'     75.067  
GOL non-polymer         . GLYCEROL        'GLYCERIN; PROPANE-1,2,3-TRIOL' 'C3 H8 O3'       92.094  
HIS 'L-peptide linking' y HISTIDINE       ?                               'C6 H10 N3 O2 1' 156.162 
HOH non-polymer         . WATER           ?                               'H2 O'           18.015  
ILE 'L-peptide linking' y ISOLEUCINE      ?                               'C6 H13 N O2'    131.173 
LEU 'L-peptide linking' y LEUCINE         ?                               'C6 H13 N O2'    131.173 
LYS 'L-peptide linking' y LYSINE          ?                               'C6 H15 N2 O2 1' 147.195 
MET 'L-peptide linking' y METHIONINE      ?                               'C5 H11 N O2 S'  149.211 
PHE 'L-peptide linking' y PHENYLALANINE   ?                               'C9 H11 N O2'    165.189 
PRO 'L-peptide linking' y PROLINE         ?                               'C5 H9 N O2'     115.130 
SER 'L-peptide linking' y SERINE          ?                               'C3 H7 N O3'     105.093 
THR 'L-peptide linking' y THREONINE       ?                               'C4 H9 N O3'     119.119 
TRP 'L-peptide linking' y TRYPTOPHAN      ?                               'C11 H12 N2 O2'  204.225 
TYR 'L-peptide linking' y TYROSINE        ?                               'C9 H11 N O3'    181.189 
VAL 'L-peptide linking' y VALINE          ?                               'C5 H11 N O2'    117.146 
ZN  non-polymer         . 'ZINC ION'      ?                               'Zn 2'           65.409  
# 
loop_
_pdbx_poly_seq_scheme.asym_id 
_pdbx_poly_seq_scheme.entity_id 
_pdbx_poly_seq_scheme.seq_id 
_pdbx_poly_seq_scheme.mon_id 
_pdbx_poly_seq_scheme.ndb_seq_num 
_pdbx_poly_seq_scheme.pdb_seq_num 
_pdbx_poly_seq_scheme.auth_seq_num 
_pdbx_poly_seq_scheme.pdb_mon_id 
_pdbx_poly_seq_scheme.auth_mon_id 
_pdbx_poly_seq_scheme.pdb_strand_id 
_pdbx_poly_seq_scheme.pdb_ins_code 
_pdbx_poly_seq_scheme.hetero 
A 1 1   VAL 1   82  ?   ?   ?   A . n 
A 1 2   SER 2   83  83  SER SER A . n 
A 1 3   SER 3   84  84  SER SER A . n 
A 1 4   CYS 4   85  85  CYS CYS A . n 
A 1 5   SER 5   86  86  SER SER A . n 
A 1 6   GLU 6   87  87  GLU GLU A . n 
A 1 7   ASP 7   88  88  ASP ASP A . n 
A 1 8   TRP 8   89  89  TRP TRP A . n 
A 1 9   VAL 9   90  90  VAL VAL A . n 
A 1 10  GLY 10  91  91  GLY GLY A . n 
A 1 11  TYR 11  92  92  TYR TYR A . n 
A 1 12  GLN 12  93  93  GLN GLN A . n 
A 1 13  ARG 13  94  94  ARG ARG A . n 
A 1 14  LYS 14  95  95  LYS LYS A . n 
A 1 15  CYS 15  96  96  CYS CYS A . n 
A 1 16  TYR 16  97  97  TYR TYR A . n 
A 1 17  PHE 17  98  98  PHE PHE A . n 
A 1 18  ILE 18  99  99  ILE ILE A . n 
A 1 19  SER 19  100 100 SER SER A . n 
A 1 20  THR 20  101 101 THR THR A . n 
A 1 21  VAL 21  102 102 VAL VAL A . n 
A 1 22  LYS 22  103 103 LYS LYS A . n 
A 1 23  ARG 23  104 104 ARG ARG A . n 
A 1 24  SER 24  105 105 SER SER A . n 
A 1 25  TRP 25  106 106 TRP TRP A . n 
A 1 26  THR 26  107 107 THR THR A . n 
A 1 27  SER 27  108 108 SER SER A . n 
A 1 28  ALA 28  109 109 ALA ALA A . n 
A 1 29  GLN 29  110 110 GLN GLN A . n 
A 1 30  ASN 30  111 111 ASN ASN A . n 
A 1 31  ALA 31  112 112 ALA ALA A . n 
A 1 32  CYS 32  113 113 CYS CYS A . n 
A 1 33  SER 33  114 114 SER SER A . n 
A 1 34  GLU 34  115 115 GLU GLU A . n 
A 1 35  HIS 35  116 116 HIS HIS A . n 
A 1 36  GLY 36  117 117 GLY GLY A . n 
A 1 37  ALA 37  118 118 ALA ALA A . n 
A 1 38  THR 38  119 119 THR THR A . n 
A 1 39  LEU 39  120 120 LEU LEU A . n 
A 1 40  ALA 40  121 121 ALA ALA A . n 
A 1 41  VAL 41  122 122 VAL VAL A . n 
A 1 42  ILE 42  123 123 ILE ILE A . n 
A 1 43  ASP 43  124 124 ASP ASP A . n 
A 1 44  SER 44  125 125 SER SER A . n 
A 1 45  GLU 45  126 126 GLU GLU A . n 
A 1 46  LYS 46  127 127 LYS LYS A . n 
A 1 47  ASP 47  128 128 ASP ASP A . n 
A 1 48  MET 48  129 129 MET MET A . n 
A 1 49  ASN 49  130 130 ASN ASN A . n 
A 1 50  PHE 50  131 131 PHE PHE A . n 
A 1 51  LEU 51  132 132 LEU LEU A . n 
A 1 52  LYS 52  133 133 LYS LYS A . n 
A 1 53  ARG 53  134 134 ARG ARG A . n 
A 1 54  TYR 54  135 135 TYR TYR A . n 
A 1 55  ALA 55  136 136 ALA ALA A . n 
A 1 56  GLY 56  137 137 GLY GLY A . n 
A 1 57  ARG 57  138 138 ARG ARG A . n 
A 1 58  GLU 58  139 139 GLU GLU A . n 
A 1 59  GLU 59  140 140 GLU GLU A . n 
A 1 60  HIS 60  141 141 HIS HIS A . n 
A 1 61  TRP 61  142 142 TRP TRP A . n 
A 1 62  VAL 62  143 143 VAL VAL A . n 
A 1 63  GLY 63  144 144 GLY GLY A . n 
A 1 64  LEU 64  145 145 LEU LEU A . n 
A 1 65  LYS 65  146 146 LYS LYS A . n 
A 1 66  LYS 66  147 147 LYS LYS A . n 
A 1 67  GLU 67  148 148 GLU GLU A . n 
A 1 68  PRO 68  149 149 PRO PRO A . n 
A 1 69  GLY 69  150 150 GLY GLY A . n 
A 1 70  HIS 70  151 151 HIS HIS A . n 
A 1 71  PRO 71  152 152 PRO PRO A . n 
A 1 72  TRP 72  153 153 TRP TRP A . n 
A 1 73  LYS 73  154 154 LYS LYS A . n 
A 1 74  TRP 74  155 155 TRP TRP A . n 
A 1 75  SER 75  156 156 SER SER A . n 
A 1 76  ASN 76  157 157 ASN ASN A . n 
A 1 77  GLY 77  158 158 GLY GLY A . n 
A 1 78  LYS 78  159 159 LYS LYS A . n 
A 1 79  GLU 79  160 160 GLU GLU A . n 
A 1 80  PHE 80  161 161 PHE PHE A . n 
A 1 81  ASN 81  162 162 ASN ASN A . n 
A 1 82  ASN 82  163 163 ASN ASN A . n 
A 1 83  TRP 83  164 164 TRP TRP A . n 
A 1 84  PHE 84  165 165 PHE PHE A . n 
A 1 85  ASN 85  166 166 ASN ASN A . n 
A 1 86  VAL 86  167 167 VAL VAL A . n 
A 1 87  THR 87  168 168 THR THR A . n 
A 1 88  GLY 88  169 169 GLY GLY A . n 
A 1 89  SER 89  170 170 SER SER A . n 
A 1 90  ASP 90  171 171 ASP ASP A . n 
A 1 91  LYS 91  172 172 LYS LYS A . n 
A 1 92  CYS 92  173 173 CYS CYS A . n 
A 1 93  VAL 93  174 174 VAL VAL A . n 
A 1 94  PHE 94  175 175 PHE PHE A . n 
A 1 95  LEU 95  176 176 LEU LEU A . n 
A 1 96  LYS 96  177 177 LYS LYS A . n 
A 1 97  ASN 97  178 178 ASN ASN A . n 
A 1 98  THR 98  179 179 THR THR A . n 
A 1 99  GLU 99  180 180 GLU GLU A . n 
A 1 100 VAL 100 181 181 VAL VAL A . n 
A 1 101 SER 101 182 182 SER SER A . n 
A 1 102 SER 102 183 183 SER SER A . n 
A 1 103 MET 103 184 184 MET MET A . n 
A 1 104 GLU 104 185 185 GLU GLU A . n 
A 1 105 CYS 105 186 186 CYS CYS A . n 
A 1 106 GLU 106 187 187 GLU GLU A . n 
A 1 107 LYS 107 188 188 LYS LYS A . n 
A 1 108 ASN 108 189 189 ASN ASN A . n 
A 1 109 LEU 109 190 190 LEU LEU A . n 
A 1 110 TYR 110 191 191 TYR TYR A . n 
A 1 111 TRP 111 192 192 TRP TRP A . n 
A 1 112 ILE 112 193 193 ILE ILE A . n 
A 1 113 CYS 113 194 194 CYS CYS A . n 
A 1 114 ASN 114 195 195 ASN ASN A . n 
A 1 115 LYS 115 196 196 LYS LYS A . n 
A 1 116 PRO 116 197 197 PRO PRO A . n 
A 1 117 TYR 117 198 198 TYR TYR A . n 
A 1 118 LYS 118 199 199 LYS LYS A . n 
# 
loop_
_pdbx_nonpoly_scheme.asym_id 
_pdbx_nonpoly_scheme.entity_id 
_pdbx_nonpoly_scheme.mon_id 
_pdbx_nonpoly_scheme.ndb_seq_num 
_pdbx_nonpoly_scheme.pdb_seq_num 
_pdbx_nonpoly_scheme.auth_seq_num 
_pdbx_nonpoly_scheme.pdb_mon_id 
_pdbx_nonpoly_scheme.auth_mon_id 
_pdbx_nonpoly_scheme.pdb_strand_id 
_pdbx_nonpoly_scheme.pdb_ins_code 
B 2 ZN  1   1001 1001 ZN  ZN  A . 
C 3 GOL 1   1002 1002 GOL GOL A . 
D 4 HOH 1   2001 2001 HOH HOH A . 
D 4 HOH 2   2002 2002 HOH HOH A . 
D 4 HOH 3   2003 2003 HOH HOH A . 
D 4 HOH 4   2004 2004 HOH HOH A . 
D 4 HOH 5   2005 2005 HOH HOH A . 
D 4 HOH 6   2006 2006 HOH HOH A . 
D 4 HOH 7   2007 2007 HOH HOH A . 
D 4 HOH 8   2008 2008 HOH HOH A . 
D 4 HOH 9   2009 2009 HOH HOH A . 
D 4 HOH 10  2010 2010 HOH HOH A . 
D 4 HOH 11  2011 2011 HOH HOH A . 
D 4 HOH 12  2012 2012 HOH HOH A . 
D 4 HOH 13  2013 2013 HOH HOH A . 
D 4 HOH 14  2014 2014 HOH HOH A . 
D 4 HOH 15  2015 2015 HOH HOH A . 
D 4 HOH 16  2016 2016 HOH HOH A . 
D 4 HOH 17  2017 2017 HOH HOH A . 
D 4 HOH 18  2018 2018 HOH HOH A . 
D 4 HOH 19  2019 2019 HOH HOH A . 
D 4 HOH 20  2020 2020 HOH HOH A . 
D 4 HOH 21  2021 2021 HOH HOH A . 
D 4 HOH 22  2022 2022 HOH HOH A . 
D 4 HOH 23  2023 2023 HOH HOH A . 
D 4 HOH 24  2024 2024 HOH HOH A . 
D 4 HOH 25  2025 2025 HOH HOH A . 
D 4 HOH 26  2026 2026 HOH HOH A . 
D 4 HOH 27  2027 2027 HOH HOH A . 
D 4 HOH 28  2028 2028 HOH HOH A . 
D 4 HOH 29  2029 2029 HOH HOH A . 
D 4 HOH 30  2030 2030 HOH HOH A . 
D 4 HOH 31  2031 2031 HOH HOH A . 
D 4 HOH 32  2032 2032 HOH HOH A . 
D 4 HOH 33  2033 2033 HOH HOH A . 
D 4 HOH 34  2034 2034 HOH HOH A . 
D 4 HOH 35  2035 2035 HOH HOH A . 
D 4 HOH 36  2036 2036 HOH HOH A . 
D 4 HOH 37  2037 2037 HOH HOH A . 
D 4 HOH 38  2038 2038 HOH HOH A . 
D 4 HOH 39  2039 2039 HOH HOH A . 
D 4 HOH 40  2040 2040 HOH HOH A . 
D 4 HOH 41  2041 2041 HOH HOH A . 
D 4 HOH 42  2042 2042 HOH HOH A . 
D 4 HOH 43  2043 2043 HOH HOH A . 
D 4 HOH 44  2044 2044 HOH HOH A . 
D 4 HOH 45  2045 2045 HOH HOH A . 
D 4 HOH 46  2046 2046 HOH HOH A . 
D 4 HOH 47  2047 2047 HOH HOH A . 
D 4 HOH 48  2048 2048 HOH HOH A . 
D 4 HOH 49  2049 2049 HOH HOH A . 
D 4 HOH 50  2050 2050 HOH HOH A . 
D 4 HOH 51  2051 2051 HOH HOH A . 
D 4 HOH 52  2052 2052 HOH HOH A . 
D 4 HOH 53  2053 2053 HOH HOH A . 
D 4 HOH 54  2054 2054 HOH HOH A . 
D 4 HOH 55  2055 2055 HOH HOH A . 
D 4 HOH 56  2056 2056 HOH HOH A . 
D 4 HOH 57  2057 2057 HOH HOH A . 
D 4 HOH 58  2058 2058 HOH HOH A . 
D 4 HOH 59  2059 2059 HOH HOH A . 
D 4 HOH 60  2060 2060 HOH HOH A . 
D 4 HOH 61  2061 2061 HOH HOH A . 
D 4 HOH 62  2062 2062 HOH HOH A . 
D 4 HOH 63  2063 2063 HOH HOH A . 
D 4 HOH 64  2064 2064 HOH HOH A . 
D 4 HOH 65  2065 2065 HOH HOH A . 
D 4 HOH 66  2066 2066 HOH HOH A . 
D 4 HOH 67  2067 2067 HOH HOH A . 
D 4 HOH 68  2068 2068 HOH HOH A . 
D 4 HOH 69  2069 2069 HOH HOH A . 
D 4 HOH 70  2070 2070 HOH HOH A . 
D 4 HOH 71  2071 2071 HOH HOH A . 
D 4 HOH 72  2072 2072 HOH HOH A . 
D 4 HOH 73  2073 2073 HOH HOH A . 
D 4 HOH 74  2074 2074 HOH HOH A . 
D 4 HOH 75  2075 2075 HOH HOH A . 
D 4 HOH 76  2076 2076 HOH HOH A . 
D 4 HOH 77  2077 2077 HOH HOH A . 
D 4 HOH 78  2078 2078 HOH HOH A . 
D 4 HOH 79  2079 2079 HOH HOH A . 
D 4 HOH 80  2080 2080 HOH HOH A . 
D 4 HOH 81  2081 2081 HOH HOH A . 
D 4 HOH 82  2082 2082 HOH HOH A . 
D 4 HOH 83  2083 2083 HOH HOH A . 
D 4 HOH 84  2084 2084 HOH HOH A . 
D 4 HOH 85  2085 2085 HOH HOH A . 
D 4 HOH 86  2086 2086 HOH HOH A . 
D 4 HOH 87  2087 2087 HOH HOH A . 
D 4 HOH 88  2088 2088 HOH HOH A . 
D 4 HOH 89  2089 2089 HOH HOH A . 
D 4 HOH 90  2090 2090 HOH HOH A . 
D 4 HOH 91  2091 2091 HOH HOH A . 
D 4 HOH 92  2092 2092 HOH HOH A . 
D 4 HOH 93  2093 2093 HOH HOH A . 
D 4 HOH 94  2094 2094 HOH HOH A . 
D 4 HOH 95  2095 2095 HOH HOH A . 
D 4 HOH 96  2096 2096 HOH HOH A . 
D 4 HOH 97  2097 2097 HOH HOH A . 
D 4 HOH 98  2098 2098 HOH HOH A . 
D 4 HOH 99  2099 2099 HOH HOH A . 
D 4 HOH 100 2100 2100 HOH HOH A . 
D 4 HOH 101 2101 2101 HOH HOH A . 
D 4 HOH 102 2102 2102 HOH HOH A . 
D 4 HOH 103 2103 2103 HOH HOH A . 
D 4 HOH 104 2104 2104 HOH HOH A . 
D 4 HOH 105 2105 2105 HOH HOH A . 
D 4 HOH 106 2106 2106 HOH HOH A . 
D 4 HOH 107 2107 2107 HOH HOH A . 
D 4 HOH 108 2108 2108 HOH HOH A . 
# 
loop_
_software.name 
_software.classification 
_software.version 
_software.citation_id 
_software.pdbx_ordinal 
CNS       refinement       1.0 ? 1 
DENZO     'data reduction' .   ? 2 
SCALEPACK 'data scaling'   .   ? 3 
CNS       phasing          1.0 ? 4 
# 
_cell.entry_id           1E87 
_cell.length_a           48.424 
_cell.length_b           48.424 
_cell.length_c           119.886 
_cell.angle_alpha        90.00 
_cell.angle_beta         90.00 
_cell.angle_gamma        120.00 
_cell.Z_PDB              6 
_cell.pdbx_unique_axis   ? 
# 
_symmetry.entry_id                         1E87 
_symmetry.space_group_name_H-M             'P 31 2 1' 
_symmetry.pdbx_full_space_group_name_H-M   ? 
_symmetry.cell_setting                     ? 
_symmetry.Int_Tables_number                152 
# 
_exptl.entry_id          1E87 
_exptl.method            'X-RAY DIFFRACTION' 
_exptl.crystals_number   1 
# 
_exptl_crystal.id                    1 
_exptl_crystal.density_meas          ? 
_exptl_crystal.density_Matthews      2.94 
_exptl_crystal.density_percent_sol   58 
_exptl_crystal.description           ? 
# 
_exptl_crystal_grow.crystal_id      1 
_exptl_crystal_grow.method          ? 
_exptl_crystal_grow.temp            ? 
_exptl_crystal_grow.temp_details    ? 
_exptl_crystal_grow.pH              5.20 
_exptl_crystal_grow.pdbx_pH_range   ? 
_exptl_crystal_grow.pdbx_details    'pH 5.20' 
# 
_diffrn.id                     1 
_diffrn.ambient_temp           100.0 
_diffrn.ambient_temp_details   ? 
_diffrn.crystal_id             1 
# 
_diffrn_detector.diffrn_id              1 
_diffrn_detector.detector               CCD 
_diffrn_detector.type                   MARRESEARCH 
_diffrn_detector.pdbx_collection_date   ? 
_diffrn_detector.details                ? 
# 
_diffrn_radiation.diffrn_id                        1 
_diffrn_radiation.wavelength_id                    1 
_diffrn_radiation.pdbx_monochromatic_or_laue_m_l   M 
_diffrn_radiation.monochromator                    ? 
_diffrn_radiation.pdbx_diffrn_protocol             'SINGLE WAVELENGTH' 
_diffrn_radiation.pdbx_scattering_type             x-ray 
# 
_diffrn_radiation_wavelength.id           1 
_diffrn_radiation_wavelength.wavelength   0.9310 
_diffrn_radiation_wavelength.wt           1.0 
# 
_diffrn_source.diffrn_id                   1 
_diffrn_source.source                      SYNCHROTRON 
_diffrn_source.type                        'ESRF BEAMLINE ID14-3' 
_diffrn_source.pdbx_synchrotron_site       ESRF 
_diffrn_source.pdbx_synchrotron_beamline   ID14-3 
_diffrn_source.pdbx_wavelength             0.9310 
_diffrn_source.pdbx_wavelength_list        ? 
# 
_reflns.pdbx_diffrn_id               1 
_reflns.pdbx_ordinal                 1 
_reflns.entry_id                     1E87 
_reflns.observed_criterion_sigma_I   ? 
_reflns.observed_criterion_sigma_F   ? 
_reflns.d_resolution_low             20.000 
_reflns.d_resolution_high            1.500 
_reflns.number_obs                   26542 
_reflns.number_all                   ? 
_reflns.percent_possible_obs         98.6 
_reflns.pdbx_Rmerge_I_obs            ? 
_reflns.pdbx_Rsym_value              0.06200 
_reflns.pdbx_netI_over_sigmaI        33.5000 
_reflns.B_iso_Wilson_estimate        19.5 
_reflns.pdbx_redundancy              5.700 
# 
_reflns_shell.pdbx_diffrn_id         1 
_reflns_shell.pdbx_ordinal           1 
_reflns_shell.d_res_high             1.50 
_reflns_shell.d_res_low              1.53 
_reflns_shell.percent_possible_all   100.0 
_reflns_shell.Rmerge_I_obs           ? 
_reflns_shell.pdbx_Rsym_value        0.10600 
_reflns_shell.meanI_over_sigI_obs    15.600 
_reflns_shell.pdbx_redundancy        ? 
# 
_refine.pdbx_refine_id                           'X-RAY DIFFRACTION' 
_refine.entry_id                                 1E87 
_refine.pdbx_diffrn_id                           1 
_refine.pdbx_TLS_residual_ADP_flag               ? 
_refine.ls_number_reflns_obs                     26522 
_refine.ls_number_reflns_all                     ? 
_refine.pdbx_ls_sigma_I                          ? 
_refine.pdbx_ls_sigma_F                          0.0 
_refine.pdbx_data_cutoff_high_absF               ? 
_refine.pdbx_data_cutoff_low_absF                ? 
_refine.pdbx_data_cutoff_high_rms_absF           ? 
_refine.ls_d_res_low                             19.79 
_refine.ls_d_res_high                            1.50 
_refine.ls_percent_reflns_obs                    98.6 
_refine.ls_R_factor_obs                          0.229 
_refine.ls_R_factor_all                          ? 
_refine.ls_R_factor_R_work                       0.229 
_refine.ls_R_factor_R_free                       0.245 
_refine.ls_R_factor_R_free_error                 0.006 
_refine.ls_R_factor_R_free_error_details         ? 
_refine.ls_percent_reflns_R_free                 7.4 
_refine.ls_number_reflns_R_free                  1961 
_refine.ls_number_parameters                     ? 
_refine.ls_number_restraints                     ? 
_refine.occupancy_min                            ? 
_refine.occupancy_max                            ? 
_refine.correlation_coeff_Fo_to_Fc               ? 
_refine.correlation_coeff_Fo_to_Fc_free          ? 
_refine.B_iso_mean                               20.3 
_refine.aniso_B[1][1]                            0.29 
_refine.aniso_B[2][2]                            0.29 
_refine.aniso_B[3][3]                            -0.58 
_refine.aniso_B[1][2]                            0.36 
_refine.aniso_B[1][3]                            0.00 
_refine.aniso_B[2][3]                            0.00 
_refine.solvent_model_details                    'FLAT MODEL' 
_refine.solvent_model_param_ksol                 0.386021 
_refine.solvent_model_param_bsol                 35.6827 
_refine.pdbx_solvent_vdw_probe_radii             ? 
_refine.pdbx_solvent_ion_probe_radii             ? 
_refine.pdbx_solvent_shrinkage_radii             ? 
_refine.pdbx_ls_cross_valid_method               THROUGHOUT 
_refine.details                                  ? 
_refine.pdbx_starting_model                      'PDB ENTRY 1E8I' 
_refine.pdbx_method_to_determine_struct          'MOLECULAR REPLACEMENT' 
_refine.pdbx_isotropic_thermal_model             RESTRAINED 
_refine.pdbx_stereochemistry_target_values       ? 
_refine.pdbx_stereochem_target_val_spec_case     ? 
_refine.pdbx_R_Free_selection_details            RANDOM 
_refine.pdbx_overall_ESU_R                       ? 
_refine.pdbx_overall_ESU_R_Free                  ? 
_refine.overall_SU_ML                            ? 
_refine.pdbx_overall_phase_error                 ? 
_refine.overall_SU_B                             ? 
_refine.overall_SU_R_Cruickshank_DPI             ? 
_refine.pdbx_overall_SU_R_free_Cruickshank_DPI   ? 
_refine.pdbx_overall_SU_R_Blow_DPI               ? 
_refine.pdbx_overall_SU_R_free_Blow_DPI          ? 
# 
_refine_analyze.pdbx_refine_id                  'X-RAY DIFFRACTION' 
_refine_analyze.entry_id                        1E87 
_refine_analyze.Luzzati_coordinate_error_obs    0.19 
_refine_analyze.Luzzati_sigma_a_obs             0.06 
_refine_analyze.Luzzati_d_res_low_obs           5.00 
_refine_analyze.Luzzati_coordinate_error_free   0.21 
_refine_analyze.Luzzati_sigma_a_free            0.11 
_refine_analyze.Luzzati_d_res_low_free          ? 
_refine_analyze.number_disordered_residues      ? 
_refine_analyze.occupancy_sum_hydrogen          ? 
_refine_analyze.occupancy_sum_non_hydrogen      ? 
# 
_refine_hist.pdbx_refine_id                   'X-RAY DIFFRACTION' 
_refine_hist.cycle_id                         LAST 
_refine_hist.pdbx_number_atoms_protein        963 
_refine_hist.pdbx_number_atoms_nucleic_acid   0 
_refine_hist.pdbx_number_atoms_ligand         7 
_refine_hist.number_atoms_solvent             108 
_refine_hist.number_atoms_total               1078 
_refine_hist.d_res_high                       1.50 
_refine_hist.d_res_low                        19.79 
# 
loop_
_refine_ls_restr.type 
_refine_ls_restr.dev_ideal 
_refine_ls_restr.dev_ideal_target 
_refine_ls_restr.weight 
_refine_ls_restr.number 
_refine_ls_restr.pdbx_refine_id 
_refine_ls_restr.pdbx_restraint_function 
c_bond_d                0.009 ?    ? ? 'X-RAY DIFFRACTION' ? 
c_bond_d_na             ?     ?    ? ? 'X-RAY DIFFRACTION' ? 
c_bond_d_prot           ?     ?    ? ? 'X-RAY DIFFRACTION' ? 
c_angle_d               ?     ?    ? ? 'X-RAY DIFFRACTION' ? 
c_angle_d_na            ?     ?    ? ? 'X-RAY DIFFRACTION' ? 
c_angle_d_prot          ?     ?    ? ? 'X-RAY DIFFRACTION' ? 
c_angle_deg             1.6   ?    ? ? 'X-RAY DIFFRACTION' ? 
c_angle_deg_na          ?     ?    ? ? 'X-RAY DIFFRACTION' ? 
c_angle_deg_prot        ?     ?    ? ? 'X-RAY DIFFRACTION' ? 
c_dihedral_angle_d      22.7  ?    ? ? 'X-RAY DIFFRACTION' ? 
c_dihedral_angle_d_na   ?     ?    ? ? 'X-RAY DIFFRACTION' ? 
c_dihedral_angle_d_prot ?     ?    ? ? 'X-RAY DIFFRACTION' ? 
c_improper_angle_d      0.94  ?    ? ? 'X-RAY DIFFRACTION' ? 
c_improper_angle_d_na   ?     ?    ? ? 'X-RAY DIFFRACTION' ? 
c_improper_angle_d_prot ?     ?    ? ? 'X-RAY DIFFRACTION' ? 
c_mcbond_it             1.30  1.50 ? ? 'X-RAY DIFFRACTION' ? 
c_mcangle_it            2.10  2.00 ? ? 'X-RAY DIFFRACTION' ? 
c_scbond_it             2.17  2.00 ? ? 'X-RAY DIFFRACTION' ? 
c_scangle_it            3.33  2.50 ? ? 'X-RAY DIFFRACTION' ? 
# 
_refine_ls_shell.pdbx_refine_id                   'X-RAY DIFFRACTION' 
_refine_ls_shell.pdbx_total_number_of_bins_used   6 
_refine_ls_shell.d_res_high                       1.50 
_refine_ls_shell.d_res_low                        1.59 
_refine_ls_shell.number_reflns_R_work             4015 
_refine_ls_shell.R_factor_R_work                  0.235 
_refine_ls_shell.percent_reflns_obs               99.1 
_refine_ls_shell.R_factor_R_free                  0.281 
_refine_ls_shell.R_factor_R_free_error            0.015 
_refine_ls_shell.percent_reflns_R_free            7.7 
_refine_ls_shell.number_reflns_R_free             335 
_refine_ls_shell.number_reflns_all                ? 
_refine_ls_shell.R_factor_all                     ? 
# 
loop_
_pdbx_xplor_file.pdbx_refine_id 
_pdbx_xplor_file.serial_no 
_pdbx_xplor_file.param_file 
_pdbx_xplor_file.topol_file 
'X-RAY DIFFRACTION' 1 PROTEIN_REP.PARAM PROTEIN.TOP 
'X-RAY DIFFRACTION' 2 ION.PARAM         ION.TOP     
'X-RAY DIFFRACTION' 3 WATER_REP.PARAM   WATER.TOP   
'X-RAY DIFFRACTION' 4 GOL.PAR           GOL.TOP     
# 
_struct.entry_id                  1E87 
_struct.title                     'Human CD69 - trigonal form' 
_struct.pdbx_model_details        ? 
_struct.pdbx_CASP_flag            ? 
_struct.pdbx_model_type_details   ? 
# 
_struct_keywords.entry_id        1E87 
_struct_keywords.pdbx_keywords   'SUGAR BINDING PROTEIN' 
_struct_keywords.text            'HEMATOPOIETIC CELL RECEPTOR, LEUCOCYTE, NKD, KLR, SUGAR BINDING PROTEIN' 
# 
loop_
_struct_asym.id 
_struct_asym.pdbx_blank_PDB_chainid_flag 
_struct_asym.pdbx_modified 
_struct_asym.entity_id 
_struct_asym.details 
A N N 1 ? 
B N N 2 ? 
C N N 3 ? 
D N N 4 ? 
# 
_struct_ref.id                         1 
_struct_ref.db_name                    UNP 
_struct_ref.db_code                    CD69_HUMAN 
_struct_ref.entity_id                  1 
_struct_ref.pdbx_seq_one_letter_code   ? 
_struct_ref.pdbx_align_begin           ? 
_struct_ref.pdbx_db_accession          Q07108 
_struct_ref.pdbx_db_isoform            ? 
# 
_struct_ref_seq.align_id                      1 
_struct_ref_seq.ref_id                        1 
_struct_ref_seq.pdbx_PDB_id_code              1E87 
_struct_ref_seq.pdbx_strand_id                A 
_struct_ref_seq.seq_align_beg                 1 
_struct_ref_seq.pdbx_seq_align_beg_ins_code   ? 
_struct_ref_seq.seq_align_end                 118 
_struct_ref_seq.pdbx_seq_align_end_ins_code   ? 
_struct_ref_seq.pdbx_db_accession             Q07108 
_struct_ref_seq.db_align_beg                  82 
_struct_ref_seq.pdbx_db_align_beg_ins_code    ? 
_struct_ref_seq.db_align_end                  199 
_struct_ref_seq.pdbx_db_align_end_ins_code    ? 
_struct_ref_seq.pdbx_auth_seq_align_beg       82 
_struct_ref_seq.pdbx_auth_seq_align_end       199 
# 
_pdbx_struct_assembly.id                   1 
_pdbx_struct_assembly.details              software_defined_assembly 
_pdbx_struct_assembly.method_details       PQS 
_pdbx_struct_assembly.oligomeric_details   dimeric 
_pdbx_struct_assembly.oligomeric_count     2 
# 
loop_
_pdbx_struct_assembly_prop.biol_id 
_pdbx_struct_assembly_prop.type 
_pdbx_struct_assembly_prop.value 
_pdbx_struct_assembly_prop.details 
1 'ABSA (A^2)' 2150  ? 
1 MORE         -1.7  ? 
1 'SSA (A^2)'  13950 ? 
# 
_pdbx_struct_assembly_gen.assembly_id       1 
_pdbx_struct_assembly_gen.oper_expression   1,2 
_pdbx_struct_assembly_gen.asym_id_list      A,B,C,D 
# 
loop_
_pdbx_struct_oper_list.id 
_pdbx_struct_oper_list.type 
_pdbx_struct_oper_list.name 
_pdbx_struct_oper_list.symmetry_operation 
_pdbx_struct_oper_list.matrix[1][1] 
_pdbx_struct_oper_list.matrix[1][2] 
_pdbx_struct_oper_list.matrix[1][3] 
_pdbx_struct_oper_list.vector[1] 
_pdbx_struct_oper_list.matrix[2][1] 
_pdbx_struct_oper_list.matrix[2][2] 
_pdbx_struct_oper_list.matrix[2][3] 
_pdbx_struct_oper_list.vector[2] 
_pdbx_struct_oper_list.matrix[3][1] 
_pdbx_struct_oper_list.matrix[3][2] 
_pdbx_struct_oper_list.matrix[3][3] 
_pdbx_struct_oper_list.vector[3] 
1 'identity operation'         1_555 x,y,z  1.0000000000  0.0000000000 0.0000000000 0.0000000000  0.0000000000 1.0000000000  0.0000000000 0.0000000000   0.0000000000 0.0000000000 1.0000000000 0.0000000000  
2 'crystal symmetry operation' 4_555 y,x,-z -0.9526884917 0.1664335415 0.2543315043 -0.8267342768 0.1664335415 -0.4145161562 0.8946933735 -22.6427699052 0.2543315043 0.8946933735 0.3672046479 14.9711316412 
# 
_struct_biol.id        1 
_struct_biol.details   
;THE BIOLOGICALLY FUNTIONAL MOLECULE IS A                     
 DIMER WHICH CAN BE BUILT BY APPLYING THE MATRIX                      
  GIVEN IN REMARK 350
;
# 
loop_
_struct_conf.conf_type_id 
_struct_conf.id 
_struct_conf.pdbx_PDB_helix_id 
_struct_conf.beg_label_comp_id 
_struct_conf.beg_label_asym_id 
_struct_conf.beg_label_seq_id 
_struct_conf.pdbx_beg_PDB_ins_code 
_struct_conf.end_label_comp_id 
_struct_conf.end_label_asym_id 
_struct_conf.end_label_seq_id 
_struct_conf.pdbx_end_PDB_ins_code 
_struct_conf.beg_auth_comp_id 
_struct_conf.beg_auth_asym_id 
_struct_conf.beg_auth_seq_id 
_struct_conf.end_auth_comp_id 
_struct_conf.end_auth_asym_id 
_struct_conf.end_auth_seq_id 
_struct_conf.pdbx_PDB_helix_class 
_struct_conf.details 
_struct_conf.pdbx_PDB_helix_length 
HELX_P HELX_P1 1 SER A 24 ? HIS A 35 ? SER A 105 HIS A 116 1 ? 12 
HELX_P HELX_P2 2 SER A 44 ? GLY A 56 ? SER A 125 GLY A 137 1 ? 13 
# 
_struct_conf_type.id          HELX_P 
_struct_conf_type.criteria    ? 
_struct_conf_type.reference   ? 
# 
loop_
_struct_conn.id 
_struct_conn.conn_type_id 
_struct_conn.pdbx_leaving_atom_flag 
_struct_conn.pdbx_PDB_id 
_struct_conn.ptnr1_label_asym_id 
_struct_conn.ptnr1_label_comp_id 
_struct_conn.ptnr1_label_seq_id 
_struct_conn.ptnr1_label_atom_id 
_struct_conn.pdbx_ptnr1_label_alt_id 
_struct_conn.pdbx_ptnr1_PDB_ins_code 
_struct_conn.pdbx_ptnr1_standard_comp_id 
_struct_conn.ptnr1_symmetry 
_struct_conn.ptnr2_label_asym_id 
_struct_conn.ptnr2_label_comp_id 
_struct_conn.ptnr2_label_seq_id 
_struct_conn.ptnr2_label_atom_id 
_struct_conn.pdbx_ptnr2_label_alt_id 
_struct_conn.pdbx_ptnr2_PDB_ins_code 
_struct_conn.ptnr1_auth_asym_id 
_struct_conn.ptnr1_auth_comp_id 
_struct_conn.ptnr1_auth_seq_id 
_struct_conn.ptnr2_auth_asym_id 
_struct_conn.ptnr2_auth_comp_id 
_struct_conn.ptnr2_auth_seq_id 
_struct_conn.ptnr2_symmetry 
_struct_conn.pdbx_ptnr3_label_atom_id 
_struct_conn.pdbx_ptnr3_label_seq_id 
_struct_conn.pdbx_ptnr3_label_comp_id 
_struct_conn.pdbx_ptnr3_label_asym_id 
_struct_conn.pdbx_ptnr3_label_alt_id 
_struct_conn.pdbx_ptnr3_PDB_ins_code 
_struct_conn.details 
_struct_conn.pdbx_dist_value 
_struct_conn.pdbx_value_order 
_struct_conn.pdbx_role 
disulf1 disulf ? ? A CYS 4  SG  ? ? ? 1_555 A CYS 15  SG ? ? A CYS 85   A CYS 96   1_555 ? ? ? ? ? ? ? 2.037 ? ? 
disulf2 disulf ? ? A CYS 32 SG  ? ? ? 1_555 A CYS 113 SG ? ? A CYS 113  A CYS 194  1_555 ? ? ? ? ? ? ? 2.076 ? ? 
disulf3 disulf ? ? A CYS 92 SG  ? ? ? 1_555 A CYS 105 SG ? ? A CYS 173  A CYS 186  1_555 ? ? ? ? ? ? ? 2.021 ? ? 
metalc1 metalc ? ? A HIS 35 ND1 ? ? ? 1_555 B ZN  .   ZN ? ? A HIS 116  A ZN  1001 1_555 ? ? ? ? ? ? ? 2.088 ? ? 
metalc2 metalc ? ? B ZN  .  ZN  ? ? ? 1_555 D HOH .   O  ? ? A ZN  1001 A HOH 2104 1_555 ? ? ? ? ? ? ? 2.017 ? ? 
metalc3 metalc ? ? B ZN  .  ZN  ? ? ? 1_555 D HOH .   O  ? ? A ZN  1001 A HOH 2105 1_555 ? ? ? ? ? ? ? 2.063 ? ? 
metalc4 metalc ? ? B ZN  .  ZN  ? ? ? 1_555 D HOH .   O  ? ? A ZN  1001 A HOH 2106 1_555 ? ? ? ? ? ? ? 1.848 ? ? 
# 
loop_
_struct_conn_type.id 
_struct_conn_type.criteria 
_struct_conn_type.reference 
disulf ? ? 
metalc ? ? 
# 
loop_
_pdbx_struct_conn_angle.id 
_pdbx_struct_conn_angle.ptnr1_label_atom_id 
_pdbx_struct_conn_angle.ptnr1_label_alt_id 
_pdbx_struct_conn_angle.ptnr1_label_asym_id 
_pdbx_struct_conn_angle.ptnr1_label_comp_id 
_pdbx_struct_conn_angle.ptnr1_label_seq_id 
_pdbx_struct_conn_angle.ptnr1_auth_atom_id 
_pdbx_struct_conn_angle.ptnr1_auth_asym_id 
_pdbx_struct_conn_angle.ptnr1_auth_comp_id 
_pdbx_struct_conn_angle.ptnr1_auth_seq_id 
_pdbx_struct_conn_angle.ptnr1_PDB_ins_code 
_pdbx_struct_conn_angle.ptnr1_symmetry 
_pdbx_struct_conn_angle.ptnr2_label_atom_id 
_pdbx_struct_conn_angle.ptnr2_label_alt_id 
_pdbx_struct_conn_angle.ptnr2_label_asym_id 
_pdbx_struct_conn_angle.ptnr2_label_comp_id 
_pdbx_struct_conn_angle.ptnr2_label_seq_id 
_pdbx_struct_conn_angle.ptnr2_auth_atom_id 
_pdbx_struct_conn_angle.ptnr2_auth_asym_id 
_pdbx_struct_conn_angle.ptnr2_auth_comp_id 
_pdbx_struct_conn_angle.ptnr2_auth_seq_id 
_pdbx_struct_conn_angle.ptnr2_PDB_ins_code 
_pdbx_struct_conn_angle.ptnr2_symmetry 
_pdbx_struct_conn_angle.ptnr3_label_atom_id 
_pdbx_struct_conn_angle.ptnr3_label_alt_id 
_pdbx_struct_conn_angle.ptnr3_label_asym_id 
_pdbx_struct_conn_angle.ptnr3_label_comp_id 
_pdbx_struct_conn_angle.ptnr3_label_seq_id 
_pdbx_struct_conn_angle.ptnr3_auth_atom_id 
_pdbx_struct_conn_angle.ptnr3_auth_asym_id 
_pdbx_struct_conn_angle.ptnr3_auth_comp_id 
_pdbx_struct_conn_angle.ptnr3_auth_seq_id 
_pdbx_struct_conn_angle.ptnr3_PDB_ins_code 
_pdbx_struct_conn_angle.ptnr3_symmetry 
_pdbx_struct_conn_angle.value 
_pdbx_struct_conn_angle.value_esd 
1 ND1 ? A HIS 35 ? A HIS 116  ? 1_555 ZN ? B ZN . ? A ZN 1001 ? 1_555 O ? D HOH . ? A HOH 2104 ? 1_555 105.8 ? 
2 ND1 ? A HIS 35 ? A HIS 116  ? 1_555 ZN ? B ZN . ? A ZN 1001 ? 1_555 O ? D HOH . ? A HOH 2105 ? 1_555 98.9  ? 
3 O   ? D HOH .  ? A HOH 2104 ? 1_555 ZN ? B ZN . ? A ZN 1001 ? 1_555 O ? D HOH . ? A HOH 2105 ? 1_555 107.1 ? 
4 ND1 ? A HIS 35 ? A HIS 116  ? 1_555 ZN ? B ZN . ? A ZN 1001 ? 1_555 O ? D HOH . ? A HOH 2106 ? 1_555 120.6 ? 
5 O   ? D HOH .  ? A HOH 2104 ? 1_555 ZN ? B ZN . ? A ZN 1001 ? 1_555 O ? D HOH . ? A HOH 2106 ? 1_555 106.2 ? 
6 O   ? D HOH .  ? A HOH 2105 ? 1_555 ZN ? B ZN . ? A ZN 1001 ? 1_555 O ? D HOH . ? A HOH 2106 ? 1_555 117.1 ? 
# 
loop_
_pdbx_modification_feature.ordinal 
_pdbx_modification_feature.label_comp_id 
_pdbx_modification_feature.label_asym_id 
_pdbx_modification_feature.label_seq_id 
_pdbx_modification_feature.label_alt_id 
_pdbx_modification_feature.modified_residue_label_comp_id 
_pdbx_modification_feature.modified_residue_label_asym_id 
_pdbx_modification_feature.modified_residue_label_seq_id 
_pdbx_modification_feature.modified_residue_label_alt_id 
_pdbx_modification_feature.auth_comp_id 
_pdbx_modification_feature.auth_asym_id 
_pdbx_modification_feature.auth_seq_id 
_pdbx_modification_feature.PDB_ins_code 
_pdbx_modification_feature.symmetry 
_pdbx_modification_feature.modified_residue_auth_comp_id 
_pdbx_modification_feature.modified_residue_auth_asym_id 
_pdbx_modification_feature.modified_residue_auth_seq_id 
_pdbx_modification_feature.modified_residue_PDB_ins_code 
_pdbx_modification_feature.modified_residue_symmetry 
_pdbx_modification_feature.comp_id_linking_atom 
_pdbx_modification_feature.modified_residue_id_linking_atom 
_pdbx_modification_feature.modified_residue_id 
_pdbx_modification_feature.ref_pcm_id 
_pdbx_modification_feature.ref_comp_id 
_pdbx_modification_feature.type 
_pdbx_modification_feature.category 
1 CYS A 4  ? CYS A 15  ? CYS A 85  ? 1_555 CYS A 96  ? 1_555 SG SG . . . None 'Disulfide bridge' 
2 CYS A 32 ? CYS A 113 ? CYS A 113 ? 1_555 CYS A 194 ? 1_555 SG SG . . . None 'Disulfide bridge' 
3 CYS A 92 ? CYS A 105 ? CYS A 173 ? 1_555 CYS A 186 ? 1_555 SG SG . . . None 'Disulfide bridge' 
# 
loop_
_struct_sheet.id 
_struct_sheet.type 
_struct_sheet.number_strands 
_struct_sheet.details 
A ? 3 ? 
B ? 2 ? 
C ? 2 ? 
# 
loop_
_struct_sheet_order.sheet_id 
_struct_sheet_order.range_id_1 
_struct_sheet_order.range_id_2 
_struct_sheet_order.offset 
_struct_sheet_order.sense 
A 1 2 ? anti-parallel 
A 2 3 ? anti-parallel 
B 1 2 ? anti-parallel 
C 1 2 ? anti-parallel 
# 
loop_
_struct_sheet_range.sheet_id 
_struct_sheet_range.id 
_struct_sheet_range.beg_label_comp_id 
_struct_sheet_range.beg_label_asym_id 
_struct_sheet_range.beg_label_seq_id 
_struct_sheet_range.pdbx_beg_PDB_ins_code 
_struct_sheet_range.end_label_comp_id 
_struct_sheet_range.end_label_asym_id 
_struct_sheet_range.end_label_seq_id 
_struct_sheet_range.pdbx_end_PDB_ins_code 
_struct_sheet_range.beg_auth_comp_id 
_struct_sheet_range.beg_auth_asym_id 
_struct_sheet_range.beg_auth_seq_id 
_struct_sheet_range.end_auth_comp_id 
_struct_sheet_range.end_auth_asym_id 
_struct_sheet_range.end_auth_seq_id 
A 1 VAL A 9   ? TYR A 11  ? VAL A 90  TYR A 92  
A 2 LYS A 14  ? ILE A 18  ? LYS A 95  ILE A 99  
A 3 ILE A 112 ? PRO A 116 ? ILE A 193 PRO A 197 
B 1 LEU A 64  ? LYS A 66  ? LEU A 145 LYS A 147 
B 2 TRP A 72  ? TRP A 74  ? TRP A 153 TRP A 155 
C 1 CYS A 92  ? LYS A 96  ? CYS A 173 LYS A 177 
C 2 GLU A 99  ? MET A 103 ? GLU A 180 MET A 184 
# 
loop_
_pdbx_struct_sheet_hbond.sheet_id 
_pdbx_struct_sheet_hbond.range_id_1 
_pdbx_struct_sheet_hbond.range_id_2 
_pdbx_struct_sheet_hbond.range_1_label_atom_id 
_pdbx_struct_sheet_hbond.range_1_label_comp_id 
_pdbx_struct_sheet_hbond.range_1_label_asym_id 
_pdbx_struct_sheet_hbond.range_1_label_seq_id 
_pdbx_struct_sheet_hbond.range_1_PDB_ins_code 
_pdbx_struct_sheet_hbond.range_1_auth_atom_id 
_pdbx_struct_sheet_hbond.range_1_auth_comp_id 
_pdbx_struct_sheet_hbond.range_1_auth_asym_id 
_pdbx_struct_sheet_hbond.range_1_auth_seq_id 
_pdbx_struct_sheet_hbond.range_2_label_atom_id 
_pdbx_struct_sheet_hbond.range_2_label_comp_id 
_pdbx_struct_sheet_hbond.range_2_label_asym_id 
_pdbx_struct_sheet_hbond.range_2_label_seq_id 
_pdbx_struct_sheet_hbond.range_2_PDB_ins_code 
_pdbx_struct_sheet_hbond.range_2_auth_atom_id 
_pdbx_struct_sheet_hbond.range_2_auth_comp_id 
_pdbx_struct_sheet_hbond.range_2_auth_asym_id 
_pdbx_struct_sheet_hbond.range_2_auth_seq_id 
A 1 2 O VAL A 9  ? O VAL A 90  N TYR A 16  ? N TYR A 97  
A 2 3 O CYS A 15 ? O CYS A 96  N LYS A 115 ? N LYS A 196 
B 1 2 O LYS A 65 ? O LYS A 146 N LYS A 73  ? N LYS A 154 
C 1 2 O CYS A 92 ? O CYS A 173 N MET A 103 ? N MET A 184 
# 
loop_
_struct_site.id 
_struct_site.pdbx_evidence_code 
_struct_site.pdbx_auth_asym_id 
_struct_site.pdbx_auth_comp_id 
_struct_site.pdbx_auth_seq_id 
_struct_site.pdbx_auth_ins_code 
_struct_site.pdbx_num_residues 
_struct_site.details 
AC1 Software A ZN  1001 ? 4 'BINDING SITE FOR RESIDUE ZN A 1001'  
AC2 Software A GOL 1002 ? 6 'BINDING SITE FOR RESIDUE GOL A 1002' 
# 
loop_
_struct_site_gen.id 
_struct_site_gen.site_id 
_struct_site_gen.pdbx_num_res 
_struct_site_gen.label_comp_id 
_struct_site_gen.label_asym_id 
_struct_site_gen.label_seq_id 
_struct_site_gen.pdbx_auth_ins_code 
_struct_site_gen.auth_comp_id 
_struct_site_gen.auth_asym_id 
_struct_site_gen.auth_seq_id 
_struct_site_gen.label_atom_id 
_struct_site_gen.label_alt_id 
_struct_site_gen.symmetry 
_struct_site_gen.details 
1  AC1 4 HIS A 35  ? HIS A 116  . ? 1_555 ? 
2  AC1 4 HOH D .   ? HOH A 2104 . ? 1_555 ? 
3  AC1 4 HOH D .   ? HOH A 2105 . ? 1_555 ? 
4  AC1 4 HOH D .   ? HOH A 2106 . ? 1_555 ? 
5  AC2 6 SER A 24  ? SER A 105  . ? 1_555 ? 
6  AC2 6 SER A 27  ? SER A 108  . ? 1_555 ? 
7  AC2 6 GLU A 106 ? GLU A 187  . ? 1_555 ? 
8  AC2 6 HOH D .   ? HOH A 2093 . ? 1_555 ? 
9  AC2 6 HOH D .   ? HOH A 2107 . ? 1_555 ? 
10 AC2 6 HOH D .   ? HOH A 2108 . ? 1_555 ? 
# 
_pdbx_entry_details.entry_id                   1E87 
_pdbx_entry_details.compound_details           
;SIGNAL TRANSMITTING RECEPTOR IN LYMPHOCYTES, NATURAL KILLER (NK)
CELLS, AND PLATELETS. INVOLVED IN LYMPHOCYTE PROLIFERATION
;
_pdbx_entry_details.source_details             ? 
_pdbx_entry_details.nonpolymer_details         ? 
_pdbx_entry_details.sequence_details           ? 
_pdbx_entry_details.has_ligand_of_interest     ? 
_pdbx_entry_details.has_protein_modification   Y 
# 
_pdbx_validate_close_contact.id               1 
_pdbx_validate_close_contact.PDB_model_num    1 
_pdbx_validate_close_contact.auth_atom_id_1   OD2 
_pdbx_validate_close_contact.auth_asym_id_1   A 
_pdbx_validate_close_contact.auth_comp_id_1   ASP 
_pdbx_validate_close_contact.auth_seq_id_1    171 
_pdbx_validate_close_contact.PDB_ins_code_1   ? 
_pdbx_validate_close_contact.label_alt_id_1   ? 
_pdbx_validate_close_contact.auth_atom_id_2   O 
_pdbx_validate_close_contact.auth_asym_id_2   A 
_pdbx_validate_close_contact.auth_comp_id_2   HOH 
_pdbx_validate_close_contact.auth_seq_id_2    2084 
_pdbx_validate_close_contact.PDB_ins_code_2   ? 
_pdbx_validate_close_contact.label_alt_id_2   ? 
_pdbx_validate_close_contact.dist             2.16 
# 
loop_
_pdbx_validate_torsion.id 
_pdbx_validate_torsion.PDB_model_num 
_pdbx_validate_torsion.auth_comp_id 
_pdbx_validate_torsion.auth_asym_id 
_pdbx_validate_torsion.auth_seq_id 
_pdbx_validate_torsion.PDB_ins_code 
_pdbx_validate_torsion.label_alt_id 
_pdbx_validate_torsion.phi 
_pdbx_validate_torsion.psi 
1 1 LYS A 133 ? B -62.87 -80.61 
2 1 ARG A 134 ? B -28.79 -51.28 
3 1 ALA A 136 ? B -36.57 -28.39 
# 
_pdbx_unobs_or_zero_occ_residues.id               1 
_pdbx_unobs_or_zero_occ_residues.PDB_model_num    1 
_pdbx_unobs_or_zero_occ_residues.polymer_flag     Y 
_pdbx_unobs_or_zero_occ_residues.occupancy_flag   1 
_pdbx_unobs_or_zero_occ_residues.auth_asym_id     A 
_pdbx_unobs_or_zero_occ_residues.auth_comp_id     VAL 
_pdbx_unobs_or_zero_occ_residues.auth_seq_id      82 
_pdbx_unobs_or_zero_occ_residues.PDB_ins_code     ? 
_pdbx_unobs_or_zero_occ_residues.label_asym_id    A 
_pdbx_unobs_or_zero_occ_residues.label_comp_id    VAL 
_pdbx_unobs_or_zero_occ_residues.label_seq_id     1 
# 
loop_
_chem_comp_atom.comp_id 
_chem_comp_atom.atom_id 
_chem_comp_atom.type_symbol 
_chem_comp_atom.pdbx_aromatic_flag 
_chem_comp_atom.pdbx_stereo_config 
_chem_comp_atom.pdbx_ordinal 
ALA N    N  N N 1   
ALA CA   C  N S 2   
ALA C    C  N N 3   
ALA O    O  N N 4   
ALA CB   C  N N 5   
ALA OXT  O  N N 6   
ALA H    H  N N 7   
ALA H2   H  N N 8   
ALA HA   H  N N 9   
ALA HB1  H  N N 10  
ALA HB2  H  N N 11  
ALA HB3  H  N N 12  
ALA HXT  H  N N 13  
ARG N    N  N N 14  
ARG CA   C  N S 15  
ARG C    C  N N 16  
ARG O    O  N N 17  
ARG CB   C  N N 18  
ARG CG   C  N N 19  
ARG CD   C  N N 20  
ARG NE   N  N N 21  
ARG CZ   C  N N 22  
ARG NH1  N  N N 23  
ARG NH2  N  N N 24  
ARG OXT  O  N N 25  
ARG H    H  N N 26  
ARG H2   H  N N 27  
ARG HA   H  N N 28  
ARG HB2  H  N N 29  
ARG HB3  H  N N 30  
ARG HG2  H  N N 31  
ARG HG3  H  N N 32  
ARG HD2  H  N N 33  
ARG HD3  H  N N 34  
ARG HE   H  N N 35  
ARG HH11 H  N N 36  
ARG HH12 H  N N 37  
ARG HH21 H  N N 38  
ARG HH22 H  N N 39  
ARG HXT  H  N N 40  
ASN N    N  N N 41  
ASN CA   C  N S 42  
ASN C    C  N N 43  
ASN O    O  N N 44  
ASN CB   C  N N 45  
ASN CG   C  N N 46  
ASN OD1  O  N N 47  
ASN ND2  N  N N 48  
ASN OXT  O  N N 49  
ASN H    H  N N 50  
ASN H2   H  N N 51  
ASN HA   H  N N 52  
ASN HB2  H  N N 53  
ASN HB3  H  N N 54  
ASN HD21 H  N N 55  
ASN HD22 H  N N 56  
ASN HXT  H  N N 57  
ASP N    N  N N 58  
ASP CA   C  N S 59  
ASP C    C  N N 60  
ASP O    O  N N 61  
ASP CB   C  N N 62  
ASP CG   C  N N 63  
ASP OD1  O  N N 64  
ASP OD2  O  N N 65  
ASP OXT  O  N N 66  
ASP H    H  N N 67  
ASP H2   H  N N 68  
ASP HA   H  N N 69  
ASP HB2  H  N N 70  
ASP HB3  H  N N 71  
ASP HD2  H  N N 72  
ASP HXT  H  N N 73  
CYS N    N  N N 74  
CYS CA   C  N R 75  
CYS C    C  N N 76  
CYS O    O  N N 77  
CYS CB   C  N N 78  
CYS SG   S  N N 79  
CYS OXT  O  N N 80  
CYS H    H  N N 81  
CYS H2   H  N N 82  
CYS HA   H  N N 83  
CYS HB2  H  N N 84  
CYS HB3  H  N N 85  
CYS HG   H  N N 86  
CYS HXT  H  N N 87  
GLN N    N  N N 88  
GLN CA   C  N S 89  
GLN C    C  N N 90  
GLN O    O  N N 91  
GLN CB   C  N N 92  
GLN CG   C  N N 93  
GLN CD   C  N N 94  
GLN OE1  O  N N 95  
GLN NE2  N  N N 96  
GLN OXT  O  N N 97  
GLN H    H  N N 98  
GLN H2   H  N N 99  
GLN HA   H  N N 100 
GLN HB2  H  N N 101 
GLN HB3  H  N N 102 
GLN HG2  H  N N 103 
GLN HG3  H  N N 104 
GLN HE21 H  N N 105 
GLN HE22 H  N N 106 
GLN HXT  H  N N 107 
GLU N    N  N N 108 
GLU CA   C  N S 109 
GLU C    C  N N 110 
GLU O    O  N N 111 
GLU CB   C  N N 112 
GLU CG   C  N N 113 
GLU CD   C  N N 114 
GLU OE1  O  N N 115 
GLU OE2  O  N N 116 
GLU OXT  O  N N 117 
GLU H    H  N N 118 
GLU H2   H  N N 119 
GLU HA   H  N N 120 
GLU HB2  H  N N 121 
GLU HB3  H  N N 122 
GLU HG2  H  N N 123 
GLU HG3  H  N N 124 
GLU HE2  H  N N 125 
GLU HXT  H  N N 126 
GLY N    N  N N 127 
GLY CA   C  N N 128 
GLY C    C  N N 129 
GLY O    O  N N 130 
GLY OXT  O  N N 131 
GLY H    H  N N 132 
GLY H2   H  N N 133 
GLY HA2  H  N N 134 
GLY HA3  H  N N 135 
GLY HXT  H  N N 136 
GOL C1   C  N N 137 
GOL O1   O  N N 138 
GOL C2   C  N N 139 
GOL O2   O  N N 140 
GOL C3   C  N N 141 
GOL O3   O  N N 142 
GOL H11  H  N N 143 
GOL H12  H  N N 144 
GOL HO1  H  N N 145 
GOL H2   H  N N 146 
GOL HO2  H  N N 147 
GOL H31  H  N N 148 
GOL H32  H  N N 149 
GOL HO3  H  N N 150 
HIS N    N  N N 151 
HIS CA   C  N S 152 
HIS C    C  N N 153 
HIS O    O  N N 154 
HIS CB   C  N N 155 
HIS CG   C  Y N 156 
HIS ND1  N  Y N 157 
HIS CD2  C  Y N 158 
HIS CE1  C  Y N 159 
HIS NE2  N  Y N 160 
HIS OXT  O  N N 161 
HIS H    H  N N 162 
HIS H2   H  N N 163 
HIS HA   H  N N 164 
HIS HB2  H  N N 165 
HIS HB3  H  N N 166 
HIS HD1  H  N N 167 
HIS HD2  H  N N 168 
HIS HE1  H  N N 169 
HIS HE2  H  N N 170 
HIS HXT  H  N N 171 
HOH O    O  N N 172 
HOH H1   H  N N 173 
HOH H2   H  N N 174 
ILE N    N  N N 175 
ILE CA   C  N S 176 
ILE C    C  N N 177 
ILE O    O  N N 178 
ILE CB   C  N S 179 
ILE CG1  C  N N 180 
ILE CG2  C  N N 181 
ILE CD1  C  N N 182 
ILE OXT  O  N N 183 
ILE H    H  N N 184 
ILE H2   H  N N 185 
ILE HA   H  N N 186 
ILE HB   H  N N 187 
ILE HG12 H  N N 188 
ILE HG13 H  N N 189 
ILE HG21 H  N N 190 
ILE HG22 H  N N 191 
ILE HG23 H  N N 192 
ILE HD11 H  N N 193 
ILE HD12 H  N N 194 
ILE HD13 H  N N 195 
ILE HXT  H  N N 196 
LEU N    N  N N 197 
LEU CA   C  N S 198 
LEU C    C  N N 199 
LEU O    O  N N 200 
LEU CB   C  N N 201 
LEU CG   C  N N 202 
LEU CD1  C  N N 203 
LEU CD2  C  N N 204 
LEU OXT  O  N N 205 
LEU H    H  N N 206 
LEU H2   H  N N 207 
LEU HA   H  N N 208 
LEU HB2  H  N N 209 
LEU HB3  H  N N 210 
LEU HG   H  N N 211 
LEU HD11 H  N N 212 
LEU HD12 H  N N 213 
LEU HD13 H  N N 214 
LEU HD21 H  N N 215 
LEU HD22 H  N N 216 
LEU HD23 H  N N 217 
LEU HXT  H  N N 218 
LYS N    N  N N 219 
LYS CA   C  N S 220 
LYS C    C  N N 221 
LYS O    O  N N 222 
LYS CB   C  N N 223 
LYS CG   C  N N 224 
LYS CD   C  N N 225 
LYS CE   C  N N 226 
LYS NZ   N  N N 227 
LYS OXT  O  N N 228 
LYS H    H  N N 229 
LYS H2   H  N N 230 
LYS HA   H  N N 231 
LYS HB2  H  N N 232 
LYS HB3  H  N N 233 
LYS HG2  H  N N 234 
LYS HG3  H  N N 235 
LYS HD2  H  N N 236 
LYS HD3  H  N N 237 
LYS HE2  H  N N 238 
LYS HE3  H  N N 239 
LYS HZ1  H  N N 240 
LYS HZ2  H  N N 241 
LYS HZ3  H  N N 242 
LYS HXT  H  N N 243 
MET N    N  N N 244 
MET CA   C  N S 245 
MET C    C  N N 246 
MET O    O  N N 247 
MET CB   C  N N 248 
MET CG   C  N N 249 
MET SD   S  N N 250 
MET CE   C  N N 251 
MET OXT  O  N N 252 
MET H    H  N N 253 
MET H2   H  N N 254 
MET HA   H  N N 255 
MET HB2  H  N N 256 
MET HB3  H  N N 257 
MET HG2  H  N N 258 
MET HG3  H  N N 259 
MET HE1  H  N N 260 
MET HE2  H  N N 261 
MET HE3  H  N N 262 
MET HXT  H  N N 263 
PHE N    N  N N 264 
PHE CA   C  N S 265 
PHE C    C  N N 266 
PHE O    O  N N 267 
PHE CB   C  N N 268 
PHE CG   C  Y N 269 
PHE CD1  C  Y N 270 
PHE CD2  C  Y N 271 
PHE CE1  C  Y N 272 
PHE CE2  C  Y N 273 
PHE CZ   C  Y N 274 
PHE OXT  O  N N 275 
PHE H    H  N N 276 
PHE H2   H  N N 277 
PHE HA   H  N N 278 
PHE HB2  H  N N 279 
PHE HB3  H  N N 280 
PHE HD1  H  N N 281 
PHE HD2  H  N N 282 
PHE HE1  H  N N 283 
PHE HE2  H  N N 284 
PHE HZ   H  N N 285 
PHE HXT  H  N N 286 
PRO N    N  N N 287 
PRO CA   C  N S 288 
PRO C    C  N N 289 
PRO O    O  N N 290 
PRO CB   C  N N 291 
PRO CG   C  N N 292 
PRO CD   C  N N 293 
PRO OXT  O  N N 294 
PRO H    H  N N 295 
PRO HA   H  N N 296 
PRO HB2  H  N N 297 
PRO HB3  H  N N 298 
PRO HG2  H  N N 299 
PRO HG3  H  N N 300 
PRO HD2  H  N N 301 
PRO HD3  H  N N 302 
PRO HXT  H  N N 303 
SER N    N  N N 304 
SER CA   C  N S 305 
SER C    C  N N 306 
SER O    O  N N 307 
SER CB   C  N N 308 
SER OG   O  N N 309 
SER OXT  O  N N 310 
SER H    H  N N 311 
SER H2   H  N N 312 
SER HA   H  N N 313 
SER HB2  H  N N 314 
SER HB3  H  N N 315 
SER HG   H  N N 316 
SER HXT  H  N N 317 
THR N    N  N N 318 
THR CA   C  N S 319 
THR C    C  N N 320 
THR O    O  N N 321 
THR CB   C  N R 322 
THR OG1  O  N N 323 
THR CG2  C  N N 324 
THR OXT  O  N N 325 
THR H    H  N N 326 
THR H2   H  N N 327 
THR HA   H  N N 328 
THR HB   H  N N 329 
THR HG1  H  N N 330 
THR HG21 H  N N 331 
THR HG22 H  N N 332 
THR HG23 H  N N 333 
THR HXT  H  N N 334 
TRP N    N  N N 335 
TRP CA   C  N S 336 
TRP C    C  N N 337 
TRP O    O  N N 338 
TRP CB   C  N N 339 
TRP CG   C  Y N 340 
TRP CD1  C  Y N 341 
TRP CD2  C  Y N 342 
TRP NE1  N  Y N 343 
TRP CE2  C  Y N 344 
TRP CE3  C  Y N 345 
TRP CZ2  C  Y N 346 
TRP CZ3  C  Y N 347 
TRP CH2  C  Y N 348 
TRP OXT  O  N N 349 
TRP H    H  N N 350 
TRP H2   H  N N 351 
TRP HA   H  N N 352 
TRP HB2  H  N N 353 
TRP HB3  H  N N 354 
TRP HD1  H  N N 355 
TRP HE1  H  N N 356 
TRP HE3  H  N N 357 
TRP HZ2  H  N N 358 
TRP HZ3  H  N N 359 
TRP HH2  H  N N 360 
TRP HXT  H  N N 361 
TYR N    N  N N 362 
TYR CA   C  N S 363 
TYR C    C  N N 364 
TYR O    O  N N 365 
TYR CB   C  N N 366 
TYR CG   C  Y N 367 
TYR CD1  C  Y N 368 
TYR CD2  C  Y N 369 
TYR CE1  C  Y N 370 
TYR CE2  C  Y N 371 
TYR CZ   C  Y N 372 
TYR OH   O  N N 373 
TYR OXT  O  N N 374 
TYR H    H  N N 375 
TYR H2   H  N N 376 
TYR HA   H  N N 377 
TYR HB2  H  N N 378 
TYR HB3  H  N N 379 
TYR HD1  H  N N 380 
TYR HD2  H  N N 381 
TYR HE1  H  N N 382 
TYR HE2  H  N N 383 
TYR HH   H  N N 384 
TYR HXT  H  N N 385 
VAL N    N  N N 386 
VAL CA   C  N S 387 
VAL C    C  N N 388 
VAL O    O  N N 389 
VAL CB   C  N N 390 
VAL CG1  C  N N 391 
VAL CG2  C  N N 392 
VAL OXT  O  N N 393 
VAL H    H  N N 394 
VAL H2   H  N N 395 
VAL HA   H  N N 396 
VAL HB   H  N N 397 
VAL HG11 H  N N 398 
VAL HG12 H  N N 399 
VAL HG13 H  N N 400 
VAL HG21 H  N N 401 
VAL HG22 H  N N 402 
VAL HG23 H  N N 403 
VAL HXT  H  N N 404 
ZN  ZN   ZN N N 405 
# 
loop_
_chem_comp_bond.comp_id 
_chem_comp_bond.atom_id_1 
_chem_comp_bond.atom_id_2 
_chem_comp_bond.value_order 
_chem_comp_bond.pdbx_aromatic_flag 
_chem_comp_bond.pdbx_stereo_config 
_chem_comp_bond.pdbx_ordinal 
ALA N   CA   sing N N 1   
ALA N   H    sing N N 2   
ALA N   H2   sing N N 3   
ALA CA  C    sing N N 4   
ALA CA  CB   sing N N 5   
ALA CA  HA   sing N N 6   
ALA C   O    doub N N 7   
ALA C   OXT  sing N N 8   
ALA CB  HB1  sing N N 9   
ALA CB  HB2  sing N N 10  
ALA CB  HB3  sing N N 11  
ALA OXT HXT  sing N N 12  
ARG N   CA   sing N N 13  
ARG N   H    sing N N 14  
ARG N   H2   sing N N 15  
ARG CA  C    sing N N 16  
ARG CA  CB   sing N N 17  
ARG CA  HA   sing N N 18  
ARG C   O    doub N N 19  
ARG C   OXT  sing N N 20  
ARG CB  CG   sing N N 21  
ARG CB  HB2  sing N N 22  
ARG CB  HB3  sing N N 23  
ARG CG  CD   sing N N 24  
ARG CG  HG2  sing N N 25  
ARG CG  HG3  sing N N 26  
ARG CD  NE   sing N N 27  
ARG CD  HD2  sing N N 28  
ARG CD  HD3  sing N N 29  
ARG NE  CZ   sing N N 30  
ARG NE  HE   sing N N 31  
ARG CZ  NH1  sing N N 32  
ARG CZ  NH2  doub N N 33  
ARG NH1 HH11 sing N N 34  
ARG NH1 HH12 sing N N 35  
ARG NH2 HH21 sing N N 36  
ARG NH2 HH22 sing N N 37  
ARG OXT HXT  sing N N 38  
ASN N   CA   sing N N 39  
ASN N   H    sing N N 40  
ASN N   H2   sing N N 41  
ASN CA  C    sing N N 42  
ASN CA  CB   sing N N 43  
ASN CA  HA   sing N N 44  
ASN C   O    doub N N 45  
ASN C   OXT  sing N N 46  
ASN CB  CG   sing N N 47  
ASN CB  HB2  sing N N 48  
ASN CB  HB3  sing N N 49  
ASN CG  OD1  doub N N 50  
ASN CG  ND2  sing N N 51  
ASN ND2 HD21 sing N N 52  
ASN ND2 HD22 sing N N 53  
ASN OXT HXT  sing N N 54  
ASP N   CA   sing N N 55  
ASP N   H    sing N N 56  
ASP N   H2   sing N N 57  
ASP CA  C    sing N N 58  
ASP CA  CB   sing N N 59  
ASP CA  HA   sing N N 60  
ASP C   O    doub N N 61  
ASP C   OXT  sing N N 62  
ASP CB  CG   sing N N 63  
ASP CB  HB2  sing N N 64  
ASP CB  HB3  sing N N 65  
ASP CG  OD1  doub N N 66  
ASP CG  OD2  sing N N 67  
ASP OD2 HD2  sing N N 68  
ASP OXT HXT  sing N N 69  
CYS N   CA   sing N N 70  
CYS N   H    sing N N 71  
CYS N   H2   sing N N 72  
CYS CA  C    sing N N 73  
CYS CA  CB   sing N N 74  
CYS CA  HA   sing N N 75  
CYS C   O    doub N N 76  
CYS C   OXT  sing N N 77  
CYS CB  SG   sing N N 78  
CYS CB  HB2  sing N N 79  
CYS CB  HB3  sing N N 80  
CYS SG  HG   sing N N 81  
CYS OXT HXT  sing N N 82  
GLN N   CA   sing N N 83  
GLN N   H    sing N N 84  
GLN N   H2   sing N N 85  
GLN CA  C    sing N N 86  
GLN CA  CB   sing N N 87  
GLN CA  HA   sing N N 88  
GLN C   O    doub N N 89  
GLN C   OXT  sing N N 90  
GLN CB  CG   sing N N 91  
GLN CB  HB2  sing N N 92  
GLN CB  HB3  sing N N 93  
GLN CG  CD   sing N N 94  
GLN CG  HG2  sing N N 95  
GLN CG  HG3  sing N N 96  
GLN CD  OE1  doub N N 97  
GLN CD  NE2  sing N N 98  
GLN NE2 HE21 sing N N 99  
GLN NE2 HE22 sing N N 100 
GLN OXT HXT  sing N N 101 
GLU N   CA   sing N N 102 
GLU N   H    sing N N 103 
GLU N   H2   sing N N 104 
GLU CA  C    sing N N 105 
GLU CA  CB   sing N N 106 
GLU CA  HA   sing N N 107 
GLU C   O    doub N N 108 
GLU C   OXT  sing N N 109 
GLU CB  CG   sing N N 110 
GLU CB  HB2  sing N N 111 
GLU CB  HB3  sing N N 112 
GLU CG  CD   sing N N 113 
GLU CG  HG2  sing N N 114 
GLU CG  HG3  sing N N 115 
GLU CD  OE1  doub N N 116 
GLU CD  OE2  sing N N 117 
GLU OE2 HE2  sing N N 118 
GLU OXT HXT  sing N N 119 
GLY N   CA   sing N N 120 
GLY N   H    sing N N 121 
GLY N   H2   sing N N 122 
GLY CA  C    sing N N 123 
GLY CA  HA2  sing N N 124 
GLY CA  HA3  sing N N 125 
GLY C   O    doub N N 126 
GLY C   OXT  sing N N 127 
GLY OXT HXT  sing N N 128 
GOL C1  O1   sing N N 129 
GOL C1  C2   sing N N 130 
GOL C1  H11  sing N N 131 
GOL C1  H12  sing N N 132 
GOL O1  HO1  sing N N 133 
GOL C2  O2   sing N N 134 
GOL C2  C3   sing N N 135 
GOL C2  H2   sing N N 136 
GOL O2  HO2  sing N N 137 
GOL C3  O3   sing N N 138 
GOL C3  H31  sing N N 139 
GOL C3  H32  sing N N 140 
GOL O3  HO3  sing N N 141 
HIS N   CA   sing N N 142 
HIS N   H    sing N N 143 
HIS N   H2   sing N N 144 
HIS CA  C    sing N N 145 
HIS CA  CB   sing N N 146 
HIS CA  HA   sing N N 147 
HIS C   O    doub N N 148 
HIS C   OXT  sing N N 149 
HIS CB  CG   sing N N 150 
HIS CB  HB2  sing N N 151 
HIS CB  HB3  sing N N 152 
HIS CG  ND1  sing Y N 153 
HIS CG  CD2  doub Y N 154 
HIS ND1 CE1  doub Y N 155 
HIS ND1 HD1  sing N N 156 
HIS CD2 NE2  sing Y N 157 
HIS CD2 HD2  sing N N 158 
HIS CE1 NE2  sing Y N 159 
HIS CE1 HE1  sing N N 160 
HIS NE2 HE2  sing N N 161 
HIS OXT HXT  sing N N 162 
HOH O   H1   sing N N 163 
HOH O   H2   sing N N 164 
ILE N   CA   sing N N 165 
ILE N   H    sing N N 166 
ILE N   H2   sing N N 167 
ILE CA  C    sing N N 168 
ILE CA  CB   sing N N 169 
ILE CA  HA   sing N N 170 
ILE C   O    doub N N 171 
ILE C   OXT  sing N N 172 
ILE CB  CG1  sing N N 173 
ILE CB  CG2  sing N N 174 
ILE CB  HB   sing N N 175 
ILE CG1 CD1  sing N N 176 
ILE CG1 HG12 sing N N 177 
ILE CG1 HG13 sing N N 178 
ILE CG2 HG21 sing N N 179 
ILE CG2 HG22 sing N N 180 
ILE CG2 HG23 sing N N 181 
ILE CD1 HD11 sing N N 182 
ILE CD1 HD12 sing N N 183 
ILE CD1 HD13 sing N N 184 
ILE OXT HXT  sing N N 185 
LEU N   CA   sing N N 186 
LEU N   H    sing N N 187 
LEU N   H2   sing N N 188 
LEU CA  C    sing N N 189 
LEU CA  CB   sing N N 190 
LEU CA  HA   sing N N 191 
LEU C   O    doub N N 192 
LEU C   OXT  sing N N 193 
LEU CB  CG   sing N N 194 
LEU CB  HB2  sing N N 195 
LEU CB  HB3  sing N N 196 
LEU CG  CD1  sing N N 197 
LEU CG  CD2  sing N N 198 
LEU CG  HG   sing N N 199 
LEU CD1 HD11 sing N N 200 
LEU CD1 HD12 sing N N 201 
LEU CD1 HD13 sing N N 202 
LEU CD2 HD21 sing N N 203 
LEU CD2 HD22 sing N N 204 
LEU CD2 HD23 sing N N 205 
LEU OXT HXT  sing N N 206 
LYS N   CA   sing N N 207 
LYS N   H    sing N N 208 
LYS N   H2   sing N N 209 
LYS CA  C    sing N N 210 
LYS CA  CB   sing N N 211 
LYS CA  HA   sing N N 212 
LYS C   O    doub N N 213 
LYS C   OXT  sing N N 214 
LYS CB  CG   sing N N 215 
LYS CB  HB2  sing N N 216 
LYS CB  HB3  sing N N 217 
LYS CG  CD   sing N N 218 
LYS CG  HG2  sing N N 219 
LYS CG  HG3  sing N N 220 
LYS CD  CE   sing N N 221 
LYS CD  HD2  sing N N 222 
LYS CD  HD3  sing N N 223 
LYS CE  NZ   sing N N 224 
LYS CE  HE2  sing N N 225 
LYS CE  HE3  sing N N 226 
LYS NZ  HZ1  sing N N 227 
LYS NZ  HZ2  sing N N 228 
LYS NZ  HZ3  sing N N 229 
LYS OXT HXT  sing N N 230 
MET N   CA   sing N N 231 
MET N   H    sing N N 232 
MET N   H2   sing N N 233 
MET CA  C    sing N N 234 
MET CA  CB   sing N N 235 
MET CA  HA   sing N N 236 
MET C   O    doub N N 237 
MET C   OXT  sing N N 238 
MET CB  CG   sing N N 239 
MET CB  HB2  sing N N 240 
MET CB  HB3  sing N N 241 
MET CG  SD   sing N N 242 
MET CG  HG2  sing N N 243 
MET CG  HG3  sing N N 244 
MET SD  CE   sing N N 245 
MET CE  HE1  sing N N 246 
MET CE  HE2  sing N N 247 
MET CE  HE3  sing N N 248 
MET OXT HXT  sing N N 249 
PHE N   CA   sing N N 250 
PHE N   H    sing N N 251 
PHE N   H2   sing N N 252 
PHE CA  C    sing N N 253 
PHE CA  CB   sing N N 254 
PHE CA  HA   sing N N 255 
PHE C   O    doub N N 256 
PHE C   OXT  sing N N 257 
PHE CB  CG   sing N N 258 
PHE CB  HB2  sing N N 259 
PHE CB  HB3  sing N N 260 
PHE CG  CD1  doub Y N 261 
PHE CG  CD2  sing Y N 262 
PHE CD1 CE1  sing Y N 263 
PHE CD1 HD1  sing N N 264 
PHE CD2 CE2  doub Y N 265 
PHE CD2 HD2  sing N N 266 
PHE CE1 CZ   doub Y N 267 
PHE CE1 HE1  sing N N 268 
PHE CE2 CZ   sing Y N 269 
PHE CE2 HE2  sing N N 270 
PHE CZ  HZ   sing N N 271 
PHE OXT HXT  sing N N 272 
PRO N   CA   sing N N 273 
PRO N   CD   sing N N 274 
PRO N   H    sing N N 275 
PRO CA  C    sing N N 276 
PRO CA  CB   sing N N 277 
PRO CA  HA   sing N N 278 
PRO C   O    doub N N 279 
PRO C   OXT  sing N N 280 
PRO CB  CG   sing N N 281 
PRO CB  HB2  sing N N 282 
PRO CB  HB3  sing N N 283 
PRO CG  CD   sing N N 284 
PRO CG  HG2  sing N N 285 
PRO CG  HG3  sing N N 286 
PRO CD  HD2  sing N N 287 
PRO CD  HD3  sing N N 288 
PRO OXT HXT  sing N N 289 
SER N   CA   sing N N 290 
SER N   H    sing N N 291 
SER N   H2   sing N N 292 
SER CA  C    sing N N 293 
SER CA  CB   sing N N 294 
SER CA  HA   sing N N 295 
SER C   O    doub N N 296 
SER C   OXT  sing N N 297 
SER CB  OG   sing N N 298 
SER CB  HB2  sing N N 299 
SER CB  HB3  sing N N 300 
SER OG  HG   sing N N 301 
SER OXT HXT  sing N N 302 
THR N   CA   sing N N 303 
THR N   H    sing N N 304 
THR N   H2   sing N N 305 
THR CA  C    sing N N 306 
THR CA  CB   sing N N 307 
THR CA  HA   sing N N 308 
THR C   O    doub N N 309 
THR C   OXT  sing N N 310 
THR CB  OG1  sing N N 311 
THR CB  CG2  sing N N 312 
THR CB  HB   sing N N 313 
THR OG1 HG1  sing N N 314 
THR CG2 HG21 sing N N 315 
THR CG2 HG22 sing N N 316 
THR CG2 HG23 sing N N 317 
THR OXT HXT  sing N N 318 
TRP N   CA   sing N N 319 
TRP N   H    sing N N 320 
TRP N   H2   sing N N 321 
TRP CA  C    sing N N 322 
TRP CA  CB   sing N N 323 
TRP CA  HA   sing N N 324 
TRP C   O    doub N N 325 
TRP C   OXT  sing N N 326 
TRP CB  CG   sing N N 327 
TRP CB  HB2  sing N N 328 
TRP CB  HB3  sing N N 329 
TRP CG  CD1  doub Y N 330 
TRP CG  CD2  sing Y N 331 
TRP CD1 NE1  sing Y N 332 
TRP CD1 HD1  sing N N 333 
TRP CD2 CE2  doub Y N 334 
TRP CD2 CE3  sing Y N 335 
TRP NE1 CE2  sing Y N 336 
TRP NE1 HE1  sing N N 337 
TRP CE2 CZ2  sing Y N 338 
TRP CE3 CZ3  doub Y N 339 
TRP CE3 HE3  sing N N 340 
TRP CZ2 CH2  doub Y N 341 
TRP CZ2 HZ2  sing N N 342 
TRP CZ3 CH2  sing Y N 343 
TRP CZ3 HZ3  sing N N 344 
TRP CH2 HH2  sing N N 345 
TRP OXT HXT  sing N N 346 
TYR N   CA   sing N N 347 
TYR N   H    sing N N 348 
TYR N   H2   sing N N 349 
TYR CA  C    sing N N 350 
TYR CA  CB   sing N N 351 
TYR CA  HA   sing N N 352 
TYR C   O    doub N N 353 
TYR C   OXT  sing N N 354 
TYR CB  CG   sing N N 355 
TYR CB  HB2  sing N N 356 
TYR CB  HB3  sing N N 357 
TYR CG  CD1  doub Y N 358 
TYR CG  CD2  sing Y N 359 
TYR CD1 CE1  sing Y N 360 
TYR CD1 HD1  sing N N 361 
TYR CD2 CE2  doub Y N 362 
TYR CD2 HD2  sing N N 363 
TYR CE1 CZ   doub Y N 364 
TYR CE1 HE1  sing N N 365 
TYR CE2 CZ   sing Y N 366 
TYR CE2 HE2  sing N N 367 
TYR CZ  OH   sing N N 368 
TYR OH  HH   sing N N 369 
TYR OXT HXT  sing N N 370 
VAL N   CA   sing N N 371 
VAL N   H    sing N N 372 
VAL N   H2   sing N N 373 
VAL CA  C    sing N N 374 
VAL CA  CB   sing N N 375 
VAL CA  HA   sing N N 376 
VAL C   O    doub N N 377 
VAL C   OXT  sing N N 378 
VAL CB  CG1  sing N N 379 
VAL CB  CG2  sing N N 380 
VAL CB  HB   sing N N 381 
VAL CG1 HG11 sing N N 382 
VAL CG1 HG12 sing N N 383 
VAL CG1 HG13 sing N N 384 
VAL CG2 HG21 sing N N 385 
VAL CG2 HG22 sing N N 386 
VAL CG2 HG23 sing N N 387 
VAL OXT HXT  sing N N 388 
# 
_pdbx_initial_refinement_model.id               1 
_pdbx_initial_refinement_model.entity_id_list   ? 
_pdbx_initial_refinement_model.type             'experimental model' 
_pdbx_initial_refinement_model.source_name      PDB 
_pdbx_initial_refinement_model.accession_code   1E8I 
_pdbx_initial_refinement_model.details          'PDB ENTRY 1E8I' 
# 
_atom_sites.entry_id                    1E87 
_atom_sites.fract_transf_matrix[1][1]   -0.00185661 
_atom_sites.fract_transf_matrix[1][2]   0.02062270 
_atom_sites.fract_transf_matrix[1][3]   0.01182705 
_atom_sites.fract_transf_matrix[2][1]   0.00820918 
_atom_sites.fract_transf_matrix[2][2]   0.00172404 
_atom_sites.fract_transf_matrix[2][3]   0.02232194 
_atom_sites.fract_transf_matrix[3][1]   0.00745183 
_atom_sites.fract_transf_matrix[3][2]   0.00234648 
_atom_sites.fract_transf_matrix[3][3]   -0.00292174 
_atom_sites.fract_transf_vector[1]      0.474016 
_atom_sites.fract_transf_vector[2]      0.185659 
_atom_sites.fract_transf_vector[3]      0.051517 
# 
loop_
_atom_type.symbol 
C  
N  
O  
S  
ZN 
# 
loop_
_atom_site.group_PDB 
_atom_site.id 
_atom_site.type_symbol 
_atom_site.label_atom_id 
_atom_site.label_alt_id 
_atom_site.label_comp_id 
_atom_site.label_asym_id 
_atom_site.label_entity_id 
_atom_site.label_seq_id 
_atom_site.pdbx_PDB_ins_code 
_atom_site.Cartn_x 
_atom_site.Cartn_y 
_atom_site.Cartn_z 
_atom_site.occupancy 
_atom_site.B_iso_or_equiv 
_atom_site.pdbx_formal_charge 
_atom_site.auth_seq_id 
_atom_site.auth_comp_id 
_atom_site.auth_asym_id 
_atom_site.auth_atom_id 
_atom_site.pdbx_PDB_model_num 
ATOM   1    N  N   . SER A 1 2   ? -2.286  -1.519  22.422  1.00 42.25 ? 83   SER A N   1 
ATOM   2    C  CA  . SER A 1 2   ? -1.375  -0.431  22.876  1.00 42.11 ? 83   SER A CA  1 
ATOM   3    C  C   . SER A 1 2   ? -0.614  0.193   21.703  1.00 40.93 ? 83   SER A C   1 
ATOM   4    O  O   . SER A 1 2   ? -0.807  1.367   21.387  1.00 41.90 ? 83   SER A O   1 
ATOM   5    C  CB  . SER A 1 2   ? -0.384  -0.975  23.914  1.00 43.18 ? 83   SER A CB  1 
ATOM   6    O  OG  . SER A 1 2   ? 0.509   0.036   24.359  1.00 44.43 ? 83   SER A OG  1 
ATOM   7    N  N   . SER A 1 3   ? 0.243   -0.593  21.057  1.00 39.29 ? 84   SER A N   1 
ATOM   8    C  CA  . SER A 1 3   ? 1.025   -0.103  19.923  1.00 36.70 ? 84   SER A CA  1 
ATOM   9    C  C   . SER A 1 3   ? 0.112   0.263   18.757  1.00 34.40 ? 84   SER A C   1 
ATOM   10   O  O   . SER A 1 3   ? 0.297   1.294   18.108  1.00 33.41 ? 84   SER A O   1 
ATOM   11   C  CB  . SER A 1 3   ? 2.033   -1.167  19.481  1.00 37.85 ? 84   SER A CB  1 
ATOM   12   O  OG  . SER A 1 3   ? 2.896   -1.530  20.549  1.00 38.77 ? 84   SER A OG  1 
ATOM   13   N  N   . CYS A 1 4   ? -0.873  -0.592  18.499  1.00 32.15 ? 85   CYS A N   1 
ATOM   14   C  CA  . CYS A 1 4   ? -1.844  -0.380  17.424  1.00 29.41 ? 85   CYS A CA  1 
ATOM   15   C  C   . CYS A 1 4   ? -3.204  -0.764  17.937  1.00 28.10 ? 85   CYS A C   1 
ATOM   16   O  O   . CYS A 1 4   ? -3.331  -1.418  18.975  1.00 28.13 ? 85   CYS A O   1 
ATOM   17   C  CB  . CYS A 1 4   ? -1.592  -1.305  16.231  1.00 26.40 ? 85   CYS A CB  1 
ATOM   18   S  SG  . CYS A 1 4   ? 0.022   -1.199  15.438  1.00 24.20 ? 85   CYS A SG  1 
ATOM   19   N  N   . SER A 1 5   ? -4.234  -0.376  17.203  1.00 27.73 ? 86   SER A N   1 
ATOM   20   C  CA  . SER A 1 5   ? -5.560  -0.796  17.586  1.00 28.33 ? 86   SER A CA  1 
ATOM   21   C  C   . SER A 1 5   ? -5.472  -2.317  17.517  1.00 27.91 ? 86   SER A C   1 
ATOM   22   O  O   . SER A 1 5   ? -4.750  -2.858  16.681  1.00 27.94 ? 86   SER A O   1 
ATOM   23   C  CB  . SER A 1 5   ? -6.595  -0.335  16.577  1.00 29.27 ? 86   SER A CB  1 
ATOM   24   O  OG  . SER A 1 5   ? -7.767  -1.118  16.728  1.00 32.68 ? 86   SER A OG  1 
ATOM   25   N  N   . GLU A 1 6   ? -6.197  -3.006  18.391  1.00 27.55 ? 87   GLU A N   1 
ATOM   26   C  CA  . GLU A 1 6   ? -6.184  -4.461  18.392  1.00 27.21 ? 87   GLU A CA  1 
ATOM   27   C  C   . GLU A 1 6   ? -6.659  -4.984  17.035  1.00 25.93 ? 87   GLU A C   1 
ATOM   28   O  O   . GLU A 1 6   ? -6.280  -6.086  16.623  1.00 24.75 ? 87   GLU A O   1 
ATOM   29   C  CB  A GLU A 1 6   ? -7.080  -4.996  19.514  0.50 28.38 ? 87   GLU A CB  1 
ATOM   30   C  CB  B GLU A 1 6   ? -7.108  -4.998  19.496  0.50 28.62 ? 87   GLU A CB  1 
ATOM   31   C  CG  A GLU A 1 6   ? -6.804  -4.345  20.863  0.50 29.99 ? 87   GLU A CG  1 
ATOM   32   C  CG  B GLU A 1 6   ? -6.667  -4.666  20.921  0.50 30.69 ? 87   GLU A CG  1 
ATOM   33   C  CD  A GLU A 1 6   ? -7.594  -4.966  22.004  0.50 31.12 ? 87   GLU A CD  1 
ATOM   34   C  CD  B GLU A 1 6   ? -7.703  -5.065  21.973  0.50 31.92 ? 87   GLU A CD  1 
ATOM   35   O  OE1 A GLU A 1 6   ? -8.765  -5.345  21.786  0.50 30.13 ? 87   GLU A OE1 1 
ATOM   36   O  OE1 B GLU A 1 6   ? -8.141  -6.235  21.970  0.50 32.21 ? 87   GLU A OE1 1 
ATOM   37   O  OE2 A GLU A 1 6   ? -7.045  -5.058  23.123  0.50 31.66 ? 87   GLU A OE2 1 
ATOM   38   O  OE2 B GLU A 1 6   ? -8.073  -4.211  22.809  0.50 32.48 ? 87   GLU A OE2 1 
ATOM   39   N  N   . ASP A 1 7   ? -7.472  -4.190  16.336  1.00 24.54 ? 88   ASP A N   1 
ATOM   40   C  CA  . ASP A 1 7   ? -8.022  -4.577  15.039  1.00 23.46 ? 88   ASP A CA  1 
ATOM   41   C  C   . ASP A 1 7   ? -7.120  -4.296  13.846  1.00 19.88 ? 88   ASP A C   1 
ATOM   42   O  O   . ASP A 1 7   ? -7.440  -4.657  12.706  1.00 19.93 ? 88   ASP A O   1 
ATOM   43   C  CB  . ASP A 1 7   ? -9.378  -3.913  14.829  1.00 27.21 ? 88   ASP A CB  1 
ATOM   44   C  CG  . ASP A 1 7   ? -10.441 -4.499  15.729  1.00 30.42 ? 88   ASP A CG  1 
ATOM   45   O  OD1 . ASP A 1 7   ? -10.639 -5.734  15.669  1.00 34.03 ? 88   ASP A OD1 1 
ATOM   46   O  OD2 . ASP A 1 7   ? -11.068 -3.736  16.493  1.00 33.26 ? 88   ASP A OD2 1 
ATOM   47   N  N   . TRP A 1 8   ? -6.003  -3.635  14.113  1.00 17.58 ? 89   TRP A N   1 
ATOM   48   C  CA  . TRP A 1 8   ? -5.023  -3.362  13.076  1.00 13.55 ? 89   TRP A CA  1 
ATOM   49   C  C   . TRP A 1 8   ? -3.888  -4.337  13.366  1.00 13.46 ? 89   TRP A C   1 
ATOM   50   O  O   . TRP A 1 8   ? -3.836  -4.946  14.440  1.00 14.64 ? 89   TRP A O   1 
ATOM   51   C  CB  . TRP A 1 8   ? -4.515  -1.919  13.167  1.00 13.97 ? 89   TRP A CB  1 
ATOM   52   C  CG  . TRP A 1 8   ? -5.485  -0.898  12.610  1.00 13.21 ? 89   TRP A CG  1 
ATOM   53   C  CD1 . TRP A 1 8   ? -6.805  -0.742  12.956  1.00 14.54 ? 89   TRP A CD1 1 
ATOM   54   C  CD2 . TRP A 1 8   ? -5.216  0.086   11.606  1.00 12.98 ? 89   TRP A CD2 1 
ATOM   55   N  NE1 . TRP A 1 8   ? -7.370  0.276   12.227  1.00 16.10 ? 89   TRP A NE1 1 
ATOM   56   C  CE2 . TRP A 1 8   ? -6.418  0.799   11.390  1.00 13.36 ? 89   TRP A CE2 1 
ATOM   57   C  CE3 . TRP A 1 8   ? -4.079  0.437   10.866  1.00 12.35 ? 89   TRP A CE3 1 
ATOM   58   C  CZ2 . TRP A 1 8   ? -6.513  1.848   10.452  1.00 12.89 ? 89   TRP A CZ2 1 
ATOM   59   C  CZ3 . TRP A 1 8   ? -4.174  1.477   9.935   1.00 12.90 ? 89   TRP A CZ3 1 
ATOM   60   C  CH2 . TRP A 1 8   ? -5.389  2.166   9.741   1.00 13.15 ? 89   TRP A CH2 1 
ATOM   61   N  N   . VAL A 1 9   ? -2.998  -4.503  12.402  1.00 11.75 ? 90   VAL A N   1 
ATOM   62   C  CA  . VAL A 1 9   ? -1.879  -5.429  12.525  1.00 12.70 ? 90   VAL A CA  1 
ATOM   63   C  C   . VAL A 1 9   ? -0.578  -4.660  12.714  1.00 12.32 ? 90   VAL A C   1 
ATOM   64   O  O   . VAL A 1 9   ? -0.238  -3.803  11.891  1.00 13.44 ? 90   VAL A O   1 
ATOM   65   C  CB  . VAL A 1 9   ? -1.809  -6.311  11.264  1.00 12.73 ? 90   VAL A CB  1 
ATOM   66   C  CG1 . VAL A 1 9   ? -0.596  -7.225  11.319  1.00 15.97 ? 90   VAL A CG1 1 
ATOM   67   C  CG2 . VAL A 1 9   ? -3.097  -7.140  11.158  1.00 13.16 ? 90   VAL A CG2 1 
ATOM   68   N  N   . GLY A 1 10  ? 0.144   -4.969  13.787  1.00 12.17 ? 91   GLY A N   1 
ATOM   69   C  CA  . GLY A 1 10  ? 1.393   -4.277  14.058  1.00 12.30 ? 91   GLY A CA  1 
ATOM   70   C  C   . GLY A 1 10  ? 2.610   -5.047  13.603  1.00 12.42 ? 91   GLY A C   1 
ATOM   71   O  O   . GLY A 1 10  ? 2.757   -6.220  13.934  1.00 13.66 ? 91   GLY A O   1 
ATOM   72   N  N   . TYR A 1 11  ? 3.488   -4.412  12.834  1.00 12.75 ? 92   TYR A N   1 
ATOM   73   C  CA  . TYR A 1 11  ? 4.698   -5.068  12.375  1.00 13.39 ? 92   TYR A CA  1 
ATOM   74   C  C   . TYR A 1 11  ? 5.729   -4.029  12.015  1.00 15.33 ? 92   TYR A C   1 
ATOM   75   O  O   . TYR A 1 11  ? 5.421   -3.060  11.320  1.00 16.92 ? 92   TYR A O   1 
ATOM   76   C  CB  . TYR A 1 11  ? 4.426   -5.943  11.144  1.00 13.23 ? 92   TYR A CB  1 
ATOM   77   C  CG  . TYR A 1 11  ? 5.646   -6.708  10.648  1.00 14.73 ? 92   TYR A CG  1 
ATOM   78   C  CD1 . TYR A 1 11  ? 6.286   -7.638  11.462  1.00 14.88 ? 92   TYR A CD1 1 
ATOM   79   C  CD2 . TYR A 1 11  ? 6.146   -6.521  9.360   1.00 15.57 ? 92   TYR A CD2 1 
ATOM   80   C  CE1 . TYR A 1 11  ? 7.395   -8.365  11.002  1.00 15.28 ? 92   TYR A CE1 1 
ATOM   81   C  CE2 . TYR A 1 11  ? 7.254   -7.238  8.896   1.00 16.55 ? 92   TYR A CE2 1 
ATOM   82   C  CZ  . TYR A 1 11  ? 7.876   -8.160  9.722   1.00 16.63 ? 92   TYR A CZ  1 
ATOM   83   O  OH  . TYR A 1 11  ? 8.979   -8.862  9.267   1.00 18.27 ? 92   TYR A OH  1 
ATOM   84   N  N   . GLN A 1 12  ? 6.944   -4.225  12.511  1.00 15.01 ? 93   GLN A N   1 
ATOM   85   C  CA  . GLN A 1 12  ? 8.063   -3.330  12.211  1.00 18.09 ? 93   GLN A CA  1 
ATOM   86   C  C   . GLN A 1 12  ? 7.754   -1.859  12.447  1.00 17.74 ? 93   GLN A C   1 
ATOM   87   O  O   . GLN A 1 12  ? 8.050   -1.016  11.607  1.00 19.03 ? 93   GLN A O   1 
ATOM   88   C  CB  . GLN A 1 12  ? 8.522   -3.534  10.760  1.00 19.93 ? 93   GLN A CB  1 
ATOM   89   C  CG  . GLN A 1 12  ? 9.159   -4.879  10.481  1.00 23.68 ? 93   GLN A CG  1 
ATOM   90   C  CD  . GLN A 1 12  ? 10.563  -4.976  11.030  1.00 27.71 ? 93   GLN A CD  1 
ATOM   91   O  OE1 . GLN A 1 12  ? 11.463  -4.281  10.569  1.00 29.66 ? 93   GLN A OE1 1 
ATOM   92   N  NE2 . GLN A 1 12  ? 10.757  -5.830  12.028  1.00 30.39 ? 93   GLN A NE2 1 
ATOM   93   N  N   . ARG A 1 13  ? 7.142   -1.557  13.582  1.00 18.93 ? 94   ARG A N   1 
ATOM   94   C  CA  . ARG A 1 13  ? 6.836   -0.176  13.939  1.00 21.87 ? 94   ARG A CA  1 
ATOM   95   C  C   . ARG A 1 13  ? 5.724   0.509   13.148  1.00 22.02 ? 94   ARG A C   1 
ATOM   96   O  O   . ARG A 1 13  ? 5.570   1.728   13.224  1.00 22.71 ? 94   ARG A O   1 
ATOM   97   C  CB  . ARG A 1 13  ? 8.111   0.677   13.865  1.00 24.36 ? 94   ARG A CB  1 
ATOM   98   C  CG  . ARG A 1 13  ? 9.208   0.209   14.801  1.00 29.30 ? 94   ARG A CG  1 
ATOM   99   C  CD  . ARG A 1 13  ? 8.787   0.367   16.246  1.00 34.16 ? 94   ARG A CD  1 
ATOM   100  N  NE  . ARG A 1 13  ? 8.589   1.767   16.615  1.00 38.00 ? 94   ARG A NE  1 
ATOM   101  C  CZ  . ARG A 1 13  ? 8.345   2.185   17.856  1.00 39.17 ? 94   ARG A CZ  1 
ATOM   102  N  NH1 . ARG A 1 13  ? 8.270   1.309   18.848  1.00 39.32 ? 94   ARG A NH1 1 
ATOM   103  N  NH2 . ARG A 1 13  ? 8.171   3.477   18.101  1.00 40.30 ? 94   ARG A NH2 1 
ATOM   104  N  N   . LYS A 1 14  ? 4.957   -0.263  12.389  1.00 19.13 ? 95   LYS A N   1 
ATOM   105  C  CA  . LYS A 1 14  ? 3.844   0.312   11.656  1.00 18.37 ? 95   LYS A CA  1 
ATOM   106  C  C   . LYS A 1 14  ? 2.599   -0.494  11.935  1.00 16.35 ? 95   LYS A C   1 
ATOM   107  O  O   . LYS A 1 14  ? 2.680   -1.670  12.297  1.00 17.35 ? 95   LYS A O   1 
ATOM   108  C  CB  . LYS A 1 14  ? 4.124   0.337   10.164  1.00 19.44 ? 95   LYS A CB  1 
ATOM   109  C  CG  . LYS A 1 14  ? 5.308   1.240   9.810   1.00 23.34 ? 95   LYS A CG  1 
ATOM   110  C  CD  . LYS A 1 14  ? 5.474   1.365   8.316   1.00 26.87 ? 95   LYS A CD  1 
ATOM   111  C  CE  . LYS A 1 14  ? 6.655   2.267   7.958   1.00 29.16 ? 95   LYS A CE  1 
ATOM   112  N  NZ  . LYS A 1 14  ? 7.976   1.643   8.256   1.00 31.90 ? 95   LYS A NZ  1 
ATOM   113  N  N   . CYS A 1 15  ? 1.457   0.161   11.806  1.00 14.01 ? 96   CYS A N   1 
ATOM   114  C  CA  . CYS A 1 15  ? 0.157   -0.451  12.015  1.00 13.02 ? 96   CYS A CA  1 
ATOM   115  C  C   . CYS A 1 15  ? -0.530  -0.543  10.678  1.00 12.50 ? 96   CYS A C   1 
ATOM   116  O  O   . CYS A 1 15  ? -0.603  0.449   9.954   1.00 11.92 ? 96   CYS A O   1 
ATOM   117  C  CB  . CYS A 1 15  ? -0.710  0.396   12.938  1.00 13.91 ? 96   CYS A CB  1 
ATOM   118  S  SG  . CYS A 1 15  ? 0.006   0.655   14.594  1.00 19.57 ? 96   CYS A SG  1 
ATOM   119  N  N   . TYR A 1 16  ? -1.034  -1.732  10.376  1.00 9.98  ? 97   TYR A N   1 
ATOM   120  C  CA  . TYR A 1 16  ? -1.680  -2.005  9.105   1.00 9.78  ? 97   TYR A CA  1 
ATOM   121  C  C   . TYR A 1 16  ? -3.159  -2.304  9.182   1.00 10.80 ? 97   TYR A C   1 
ATOM   122  O  O   . TYR A 1 16  ? -3.647  -2.908  10.152  1.00 11.60 ? 97   TYR A O   1 
ATOM   123  C  CB  . TYR A 1 16  ? -1.003  -3.206  8.460   1.00 10.92 ? 97   TYR A CB  1 
ATOM   124  C  CG  . TYR A 1 16  ? 0.418   -2.990  8.084   1.00 11.66 ? 97   TYR A CG  1 
ATOM   125  C  CD1 . TYR A 1 16  ? 1.444   -3.102  9.031   1.00 13.16 ? 97   TYR A CD1 1 
ATOM   126  C  CD2 . TYR A 1 16  ? 0.755   -2.617  6.781   1.00 11.22 ? 97   TYR A CD2 1 
ATOM   127  C  CE1 . TYR A 1 16  ? 2.769   -2.837  8.670   1.00 14.31 ? 97   TYR A CE1 1 
ATOM   128  C  CE2 . TYR A 1 16  ? 2.052   -2.357  6.422   1.00 13.25 ? 97   TYR A CE2 1 
ATOM   129  C  CZ  . TYR A 1 16  ? 3.057   -2.462  7.366   1.00 14.80 ? 97   TYR A CZ  1 
ATOM   130  O  OH  . TYR A 1 16  ? 4.343   -2.146  7.000   1.00 18.71 ? 97   TYR A OH  1 
ATOM   131  N  N   . PHE A 1 17  ? -3.864  -1.907  8.128   1.00 10.85 ? 98   PHE A N   1 
ATOM   132  C  CA  . PHE A 1 17  ? -5.282  -2.174  7.996   1.00 12.25 ? 98   PHE A CA  1 
ATOM   133  C  C   . PHE A 1 17  ? -5.488  -2.722  6.587   1.00 12.26 ? 98   PHE A C   1 
ATOM   134  O  O   . PHE A 1 17  ? -4.934  -2.197  5.619   1.00 11.86 ? 98   PHE A O   1 
ATOM   135  C  CB  . PHE A 1 17  ? -6.111  -0.894  8.123   1.00 15.24 ? 98   PHE A CB  1 
ATOM   136  C  CG  . PHE A 1 17  ? -7.548  -1.058  7.686   1.00 20.74 ? 98   PHE A CG  1 
ATOM   137  C  CD1 . PHE A 1 17  ? -8.488  -1.603  8.550   1.00 23.26 ? 98   PHE A CD1 1 
ATOM   138  C  CD2 . PHE A 1 17  ? -7.947  -0.682  6.407   1.00 21.64 ? 98   PHE A CD2 1 
ATOM   139  C  CE1 . PHE A 1 17  ? -9.815  -1.771  8.147   1.00 24.59 ? 98   PHE A CE1 1 
ATOM   140  C  CE2 . PHE A 1 17  ? -9.264  -0.843  5.987   1.00 24.26 ? 98   PHE A CE2 1 
ATOM   141  C  CZ  . PHE A 1 17  ? -10.201 -1.387  6.861   1.00 24.96 ? 98   PHE A CZ  1 
ATOM   142  N  N   . ILE A 1 18  ? -6.267  -3.785  6.477   1.00 13.06 ? 99   ILE A N   1 
ATOM   143  C  CA  . ILE A 1 18  ? -6.537  -4.366  5.175   1.00 13.84 ? 99   ILE A CA  1 
ATOM   144  C  C   . ILE A 1 18  ? -8.037  -4.271  4.903   1.00 14.75 ? 99   ILE A C   1 
ATOM   145  O  O   . ILE A 1 18  ? -8.867  -4.637  5.736   1.00 17.03 ? 99   ILE A O   1 
ATOM   146  C  CB  A ILE A 1 18  ? -6.088  -5.834  5.121   0.50 11.40 ? 99   ILE A CB  1 
ATOM   147  C  CB  B ILE A 1 18  ? -6.023  -5.837  5.128   0.50 15.38 ? 99   ILE A CB  1 
ATOM   148  C  CG1 A ILE A 1 18  ? -6.217  -6.365  3.696   0.50 6.83  ? 99   ILE A CG1 1 
ATOM   149  C  CG1 B ILE A 1 18  ? -6.429  -6.611  6.397   0.50 18.37 ? 99   ILE A CG1 1 
ATOM   150  C  CG2 A ILE A 1 18  ? -6.996  -6.702  5.997   0.50 10.91 ? 99   ILE A CG2 1 
ATOM   151  C  CG2 B ILE A 1 18  ? -4.506  -5.844  5.021   0.50 15.91 ? 99   ILE A CG2 1 
ATOM   152  C  CD1 A ILE A 1 18  ? -5.492  -7.632  3.506   0.50 10.65 ? 99   ILE A CD1 1 
ATOM   153  C  CD1 B ILE A 1 18  ? -7.890  -7.051  6.470   0.50 20.65 ? 99   ILE A CD1 1 
ATOM   154  N  N   . SER A 1 19  ? -8.402  -3.747  3.737   1.00 13.80 ? 100  SER A N   1 
ATOM   155  C  CA  . SER A 1 19  ? -9.820  -3.571  3.421   1.00 15.03 ? 100  SER A CA  1 
ATOM   156  C  C   . SER A 1 19  ? -10.558 -4.856  3.076   1.00 16.62 ? 100  SER A C   1 
ATOM   157  O  O   . SER A 1 19  ? -9.937  -5.865  2.760   1.00 19.08 ? 100  SER A O   1 
ATOM   158  C  CB  . SER A 1 19  ? -9.995  -2.578  2.271   1.00 15.01 ? 100  SER A CB  1 
ATOM   159  O  OG  . SER A 1 19  ? -9.782  -3.209  1.025   1.00 15.04 ? 100  SER A OG  1 
ATOM   160  N  N   . THR A 1 20  ? -11.883 -4.799  3.143   1.00 19.77 ? 101  THR A N   1 
ATOM   161  C  CA  . THR A 1 20  ? -12.706 -5.960  2.819   1.00 22.33 ? 101  THR A CA  1 
ATOM   162  C  C   . THR A 1 20  ? -13.495 -5.666  1.548   1.00 22.44 ? 101  THR A C   1 
ATOM   163  O  O   . THR A 1 20  ? -14.143 -6.560  0.981   1.00 23.94 ? 101  THR A O   1 
ATOM   164  C  CB  . THR A 1 20  ? -13.692 -6.304  3.973   1.00 22.47 ? 101  THR A CB  1 
ATOM   165  O  OG1 . THR A 1 20  ? -14.451 -5.140  4.319   1.00 26.30 ? 101  THR A OG1 1 
ATOM   166  C  CG2 . THR A 1 20  ? -12.935 -6.791  5.195   1.00 26.72 ? 101  THR A CG2 1 
ATOM   167  N  N   . VAL A 1 21  ? -13.439 -4.408  1.111   1.00 20.54 ? 102  VAL A N   1 
ATOM   168  C  CA  . VAL A 1 21  ? -14.115 -3.971  -0.106  1.00 19.06 ? 102  VAL A CA  1 
ATOM   169  C  C   . VAL A 1 21  ? -13.106 -3.341  -1.062  1.00 16.95 ? 102  VAL A C   1 
ATOM   170  O  O   . VAL A 1 21  ? -11.959 -3.065  -0.690  1.00 16.52 ? 102  VAL A O   1 
ATOM   171  C  CB  . VAL A 1 21  ? -15.228 -2.952  0.194   1.00 20.78 ? 102  VAL A CB  1 
ATOM   172  C  CG1 . VAL A 1 21  ? -16.325 -3.621  1.027   1.00 22.27 ? 102  VAL A CG1 1 
ATOM   173  C  CG2 . VAL A 1 21  ? -14.659 -1.762  0.939   1.00 21.47 ? 102  VAL A CG2 1 
ATOM   174  N  N   . LYS A 1 22  ? -13.539 -3.111  -2.290  1.00 15.10 ? 103  LYS A N   1 
ATOM   175  C  CA  . LYS A 1 22  ? -12.662 -2.562  -3.328  1.00 13.23 ? 103  LYS A CA  1 
ATOM   176  C  C   . LYS A 1 22  ? -12.940 -1.104  -3.660  1.00 14.66 ? 103  LYS A C   1 
ATOM   177  O  O   . LYS A 1 22  ? -14.078 -0.682  -3.709  1.00 15.56 ? 103  LYS A O   1 
ATOM   178  C  CB  . LYS A 1 22  ? -12.817 -3.374  -4.608  1.00 13.94 ? 103  LYS A CB  1 
ATOM   179  C  CG  . LYS A 1 22  ? -12.564 -4.861  -4.462  1.00 14.54 ? 103  LYS A CG  1 
ATOM   180  C  CD  . LYS A 1 22  ? -12.642 -5.556  -5.824  1.00 18.51 ? 103  LYS A CD  1 
ATOM   181  C  CE  . LYS A 1 22  ? -12.470 -7.063  -5.702  1.00 22.48 ? 103  LYS A CE  1 
ATOM   182  N  NZ  . LYS A 1 22  ? -12.620 -7.754  -7.024  1.00 25.91 ? 103  LYS A NZ  1 
ATOM   183  N  N   . ARG A 1 23  ? -11.884 -0.344  -3.906  1.00 13.63 ? 104  ARG A N   1 
ATOM   184  C  CA  . ARG A 1 23  ? -12.021 1.060   -4.267  1.00 13.24 ? 104  ARG A CA  1 
ATOM   185  C  C   . ARG A 1 23  ? -10.885 1.440   -5.198  1.00 11.53 ? 104  ARG A C   1 
ATOM   186  O  O   . ARG A 1 23  ? -9.872  0.743   -5.291  1.00 10.82 ? 104  ARG A O   1 
ATOM   187  C  CB  A ARG A 1 23  ? -11.909 1.966   -3.038  0.50 14.55 ? 104  ARG A CB  1 
ATOM   188  C  CB  B ARG A 1 23  ? -11.999 1.943   -3.016  0.50 15.48 ? 104  ARG A CB  1 
ATOM   189  C  CG  A ARG A 1 23  ? -13.113 2.029   -2.126  0.50 15.82 ? 104  ARG A CG  1 
ATOM   190  C  CG  B ARG A 1 23  ? -13.250 1.820   -2.143  0.50 17.60 ? 104  ARG A CG  1 
ATOM   191  C  CD  A ARG A 1 23  ? -12.894 3.155   -1.128  0.50 17.71 ? 104  ARG A CD  1 
ATOM   192  C  CD  B ARG A 1 23  ? -14.493 2.368   -2.839  0.50 20.63 ? 104  ARG A CD  1 
ATOM   193  N  NE  A ARG A 1 23  ? -13.984 3.277   -0.165  0.50 19.41 ? 104  ARG A NE  1 
ATOM   194  N  NE  B ARG A 1 23  ? -15.638 2.434   -1.932  0.50 22.86 ? 104  ARG A NE  1 
ATOM   195  C  CZ  A ARG A 1 23  ? -14.230 4.368   0.554   0.50 19.88 ? 104  ARG A CZ  1 
ATOM   196  C  CZ  B ARG A 1 23  ? -16.413 1.400   -1.614  0.50 22.59 ? 104  ARG A CZ  1 
ATOM   197  N  NH1 A ARG A 1 23  ? -13.472 5.455   0.427   0.50 18.96 ? 104  ARG A NH1 1 
ATOM   198  N  NH1 B ARG A 1 23  ? -16.182 0.202   -2.134  0.50 22.06 ? 104  ARG A NH1 1 
ATOM   199  N  NH2 A ARG A 1 23  ? -15.240 4.369   1.409   0.50 19.96 ? 104  ARG A NH2 1 
ATOM   200  N  NH2 B ARG A 1 23  ? -17.415 1.563   -0.760  0.50 24.11 ? 104  ARG A NH2 1 
ATOM   201  N  N   . SER A 1 24  ? -11.060 2.562   -5.884  1.00 11.30 ? 105  SER A N   1 
ATOM   202  C  CA  . SER A 1 24  ? -10.029 3.098   -6.756  1.00 10.92 ? 105  SER A CA  1 
ATOM   203  C  C   . SER A 1 24  ? -8.889  3.548   -5.834  1.00 9.54  ? 105  SER A C   1 
ATOM   204  O  O   . SER A 1 24  ? -9.073  3.688   -4.610  1.00 11.10 ? 105  SER A O   1 
ATOM   205  C  CB  . SER A 1 24  ? -10.572 4.314   -7.487  1.00 11.60 ? 105  SER A CB  1 
ATOM   206  O  OG  . SER A 1 24  ? -10.805 5.369   -6.563  1.00 13.70 ? 105  SER A OG  1 
ATOM   207  N  N   . TRP A 1 25  ? -7.731  3.819   -6.415  1.00 11.06 ? 106  TRP A N   1 
ATOM   208  C  CA  . TRP A 1 25  ? -6.593  4.223   -5.595  1.00 9.68  ? 106  TRP A CA  1 
ATOM   209  C  C   . TRP A 1 25  ? -6.920  5.490   -4.795  1.00 11.37 ? 106  TRP A C   1 
ATOM   210  O  O   . TRP A 1 25  ? -6.692  5.551   -3.583  1.00 12.10 ? 106  TRP A O   1 
ATOM   211  C  CB  . TRP A 1 25  ? -5.370  4.455   -6.468  1.00 11.14 ? 106  TRP A CB  1 
ATOM   212  C  CG  . TRP A 1 25  ? -4.072  4.516   -5.706  1.00 10.88 ? 106  TRP A CG  1 
ATOM   213  C  CD1 . TRP A 1 25  ? -3.182  3.508   -5.552  1.00 9.75  ? 106  TRP A CD1 1 
ATOM   214  C  CD2 . TRP A 1 25  ? -3.505  5.662   -5.050  1.00 11.35 ? 106  TRP A CD2 1 
ATOM   215  N  NE1 . TRP A 1 25  ? -2.079  3.943   -4.839  1.00 11.68 ? 106  TRP A NE1 1 
ATOM   216  C  CE2 . TRP A 1 25  ? -2.256  5.263   -4.527  1.00 10.39 ? 106  TRP A CE2 1 
ATOM   217  C  CE3 . TRP A 1 25  ? -3.929  6.978   -4.856  1.00 11.40 ? 106  TRP A CE3 1 
ATOM   218  C  CZ2 . TRP A 1 25  ? -1.424  6.143   -3.819  1.00 11.20 ? 106  TRP A CZ2 1 
ATOM   219  C  CZ3 . TRP A 1 25  ? -3.102  7.849   -4.145  1.00 11.75 ? 106  TRP A CZ3 1 
ATOM   220  C  CH2 . TRP A 1 25  ? -1.863  7.420   -3.638  1.00 12.49 ? 106  TRP A CH2 1 
ATOM   221  N  N   . THR A 1 26  ? -7.449  6.510   -5.456  1.00 13.17 ? 107  THR A N   1 
ATOM   222  C  CA  . THR A 1 26  ? -7.782  7.750   -4.774  1.00 14.00 ? 107  THR A CA  1 
ATOM   223  C  C   . THR A 1 26  ? -8.821  7.549   -3.681  1.00 12.08 ? 107  THR A C   1 
ATOM   224  O  O   . THR A 1 26  ? -8.707  8.109   -2.586  1.00 13.42 ? 107  THR A O   1 
ATOM   225  C  CB  . THR A 1 26  ? -8.308  8.794   -5.784  1.00 15.84 ? 107  THR A CB  1 
ATOM   226  O  OG1 . THR A 1 26  ? -7.226  9.187   -6.625  1.00 20.08 ? 107  THR A OG1 1 
ATOM   227  C  CG2 . THR A 1 26  ? -8.878  10.018  -5.065  1.00 20.25 ? 107  THR A CG2 1 
ATOM   228  N  N   . SER A 1 27  ? -9.843  6.746   -3.953  1.00 12.43 ? 108  SER A N   1 
ATOM   229  C  CA  . SER A 1 27  ? -10.862 6.537   -2.938  1.00 13.41 ? 108  SER A CA  1 
ATOM   230  C  C   . SER A 1 27  ? -10.313 5.714   -1.776  1.00 12.17 ? 108  SER A C   1 
ATOM   231  O  O   . SER A 1 27  ? -10.684 5.930   -0.618  1.00 13.54 ? 108  SER A O   1 
ATOM   232  C  CB  A SER A 1 27  ? -12.065 5.833   -3.558  0.50 13.67 ? 108  SER A CB  1 
ATOM   233  C  CB  B SER A 1 27  ? -12.090 5.855   -3.540  0.50 15.24 ? 108  SER A CB  1 
ATOM   234  O  OG  A SER A 1 27  ? -13.149 5.810   -2.654  0.50 13.67 ? 108  SER A OG  1 
ATOM   235  O  OG  B SER A 1 27  ? -12.875 6.783   -4.272  0.50 20.12 ? 108  SER A OG  1 
ATOM   236  N  N   . ALA A 1 28  ? -9.418  4.780   -2.086  1.00 12.02 ? 109  ALA A N   1 
ATOM   237  C  CA  . ALA A 1 28  ? -8.809  3.973   -1.030  1.00 11.24 ? 109  ALA A CA  1 
ATOM   238  C  C   . ALA A 1 28  ? -7.933  4.864   -0.149  1.00 10.42 ? 109  ALA A C   1 
ATOM   239  O  O   . ALA A 1 28  ? -7.944  4.726   1.080   1.00 10.81 ? 109  ALA A O   1 
ATOM   240  C  CB  . ALA A 1 28  ? -7.985  2.847   -1.635  1.00 10.61 ? 109  ALA A CB  1 
ATOM   241  N  N   . GLN A 1 29  ? -7.181  5.774   -0.764  1.00 11.15 ? 110  GLN A N   1 
ATOM   242  C  CA  . GLN A 1 29  ? -6.340  6.697   -0.008  1.00 10.88 ? 110  GLN A CA  1 
ATOM   243  C  C   . GLN A 1 29  ? -7.218  7.554   0.909   1.00 11.95 ? 110  GLN A C   1 
ATOM   244  O  O   . GLN A 1 29  ? -6.851  7.803   2.057   1.00 11.47 ? 110  GLN A O   1 
ATOM   245  C  CB  . GLN A 1 29  ? -5.547  7.584   -0.976  1.00 11.11 ? 110  GLN A CB  1 
ATOM   246  C  CG  . GLN A 1 29  ? -4.725  8.676   -0.297  1.00 11.63 ? 110  GLN A CG  1 
ATOM   247  C  CD  . GLN A 1 29  ? -3.692  8.144   0.673   1.00 12.38 ? 110  GLN A CD  1 
ATOM   248  O  OE1 . GLN A 1 29  ? -3.243  6.996   0.575   1.00 12.30 ? 110  GLN A OE1 1 
ATOM   249  N  NE2 . GLN A 1 29  ? -3.285  8.996   1.613   1.00 11.46 ? 110  GLN A NE2 1 
ATOM   250  N  N   . ASN A 1 30  ? -8.380  8.004   0.421   1.00 11.77 ? 111  ASN A N   1 
ATOM   251  C  CA  . ASN A 1 30  ? -9.243  8.815   1.284   1.00 13.34 ? 111  ASN A CA  1 
ATOM   252  C  C   . ASN A 1 30  ? -9.732  8.006   2.486   1.00 13.42 ? 111  ASN A C   1 
ATOM   253  O  O   . ASN A 1 30  ? -9.783  8.515   3.612   1.00 13.73 ? 111  ASN A O   1 
ATOM   254  C  CB  A ASN A 1 30  ? -10.412 9.390   0.483   0.50 14.72 ? 111  ASN A CB  1 
ATOM   255  C  CB  B ASN A 1 30  ? -10.438 9.350   0.483   0.50 16.52 ? 111  ASN A CB  1 
ATOM   256  C  CG  A ASN A 1 30  ? -9.957  10.459  -0.488  0.50 15.52 ? 111  ASN A CG  1 
ATOM   257  C  CG  B ASN A 1 30  ? -11.389 10.172  1.331   0.50 19.24 ? 111  ASN A CG  1 
ATOM   258  O  OD1 A ASN A 1 30  ? -8.958  11.132  -0.245  0.50 17.79 ? 111  ASN A OD1 1 
ATOM   259  O  OD1 B ASN A 1 30  ? -12.310 9.638   1.944   0.50 21.48 ? 111  ASN A OD1 1 
ATOM   260  N  ND2 A ASN A 1 30  ? -10.684 10.630  -1.581  0.50 16.67 ? 111  ASN A ND2 1 
ATOM   261  N  ND2 B ASN A 1 30  ? -11.158 11.477  1.381   0.50 22.65 ? 111  ASN A ND2 1 
ATOM   262  N  N   . ALA A 1 31  ? -10.078 6.742   2.259   1.00 11.85 ? 112  ALA A N   1 
ATOM   263  C  CA  . ALA A 1 31  ? -10.494 5.873   3.343   1.00 11.81 ? 112  ALA A CA  1 
ATOM   264  C  C   . ALA A 1 31  ? -9.339  5.745   4.341   1.00 12.23 ? 112  ALA A C   1 
ATOM   265  O  O   . ALA A 1 31  ? -9.549  5.871   5.549   1.00 12.82 ? 112  ALA A O   1 
ATOM   266  C  CB  . ALA A 1 31  ? -10.887 4.492   2.806   1.00 12.71 ? 112  ALA A CB  1 
ATOM   267  N  N   . CYS A 1 32  ? -8.119  5.518   3.861   1.00 11.04 ? 113  CYS A N   1 
ATOM   268  C  CA  . CYS A 1 32  ? -6.981  5.427   4.785   1.00 11.54 ? 113  CYS A CA  1 
ATOM   269  C  C   . CYS A 1 32  ? -6.808  6.714   5.582   1.00 11.53 ? 113  CYS A C   1 
ATOM   270  O  O   . CYS A 1 32  ? -6.584  6.670   6.794   1.00 11.72 ? 113  CYS A O   1 
ATOM   271  C  CB  . CYS A 1 32  ? -5.663  5.165   4.047   1.00 9.49  ? 113  CYS A CB  1 
ATOM   272  S  SG  . CYS A 1 32  ? -5.548  3.536   3.259   1.00 12.13 ? 113  CYS A SG  1 
ATOM   273  N  N   . SER A 1 33  ? -6.921  7.850   4.896   1.00 11.09 ? 114  SER A N   1 
ATOM   274  C  CA  . SER A 1 33  ? -6.743  9.153   5.539   1.00 12.35 ? 114  SER A CA  1 
ATOM   275  C  C   . SER A 1 33  ? -7.732  9.372   6.687   1.00 12.82 ? 114  SER A C   1 
ATOM   276  O  O   . SER A 1 33  ? -7.382  10.014  7.684   1.00 12.43 ? 114  SER A O   1 
ATOM   277  C  CB  A SER A 1 33  ? -6.897  10.266  4.497   0.50 11.55 ? 114  SER A CB  1 
ATOM   278  C  CB  B SER A 1 33  ? -6.901  10.270  4.508   0.50 13.53 ? 114  SER A CB  1 
ATOM   279  O  OG  A SER A 1 33  ? -6.597  11.524  5.074   0.50 9.95  ? 114  SER A OG  1 
ATOM   280  O  OG  B SER A 1 33  ? -8.268  10.530  4.283   0.50 17.82 ? 114  SER A OG  1 
ATOM   281  N  N   . GLU A 1 34  ? -8.949  8.845   6.568   1.00 13.12 ? 115  GLU A N   1 
ATOM   282  C  CA  . GLU A 1 34  ? -9.946  8.988   7.629   1.00 15.10 ? 115  GLU A CA  1 
ATOM   283  C  C   . GLU A 1 34  ? -9.477  8.331   8.930   1.00 14.74 ? 115  GLU A C   1 
ATOM   284  O  O   . GLU A 1 34  ? -9.879  8.736   10.009  1.00 14.23 ? 115  GLU A O   1 
ATOM   285  C  CB  . GLU A 1 34  ? -11.285 8.387   7.191   1.00 17.37 ? 115  GLU A CB  1 
ATOM   286  C  CG  . GLU A 1 34  ? -11.989 9.173   6.104   1.00 22.60 ? 115  GLU A CG  1 
ATOM   287  C  CD  . GLU A 1 34  ? -13.461 8.805   5.962   1.00 26.20 ? 115  GLU A CD  1 
ATOM   288  O  OE1 . GLU A 1 34  ? -13.934 7.883   6.668   1.00 29.71 ? 115  GLU A OE1 1 
ATOM   289  O  OE2 . GLU A 1 34  ? -14.148 9.448   5.138   1.00 28.99 ? 115  GLU A OE2 1 
ATOM   290  N  N   . HIS A 1 35  ? -8.648  7.301   8.823   1.00 13.24 ? 116  HIS A N   1 
ATOM   291  C  CA  . HIS A 1 35  ? -8.100  6.622   9.998   1.00 14.68 ? 116  HIS A CA  1 
ATOM   292  C  C   . HIS A 1 35  ? -6.748  7.225   10.388  1.00 14.36 ? 116  HIS A C   1 
ATOM   293  O  O   . HIS A 1 35  ? -6.022  6.637   11.186  1.00 15.62 ? 116  HIS A O   1 
ATOM   294  C  CB  . HIS A 1 35  ? -7.821  5.137   9.712   1.00 18.70 ? 116  HIS A CB  1 
ATOM   295  C  CG  . HIS A 1 35  ? -9.002  4.350   9.243   1.00 23.29 ? 116  HIS A CG  1 
ATOM   296  N  ND1 . HIS A 1 35  ? -9.948  3.842   10.104  1.00 24.21 ? 116  HIS A ND1 1 
ATOM   297  C  CD2 . HIS A 1 35  ? -9.341  3.906   8.008   1.00 23.26 ? 116  HIS A CD2 1 
ATOM   298  C  CE1 . HIS A 1 35  ? -10.816 3.113   9.423   1.00 24.49 ? 116  HIS A CE1 1 
ATOM   299  N  NE2 . HIS A 1 35  ? -10.471 3.137   8.149   1.00 24.56 ? 116  HIS A NE2 1 
ATOM   300  N  N   . GLY A 1 36  ? -6.384  8.379   9.840   1.00 12.79 ? 117  GLY A N   1 
ATOM   301  C  CA  . GLY A 1 36  ? -5.085  8.943   10.169  1.00 12.71 ? 117  GLY A CA  1 
ATOM   302  C  C   . GLY A 1 36  ? -3.957  8.111   9.581   1.00 12.60 ? 117  GLY A C   1 
ATOM   303  O  O   . GLY A 1 36  ? -2.817  8.169   10.039  1.00 15.78 ? 117  GLY A O   1 
ATOM   304  N  N   . ALA A 1 37  ? -4.287  7.362   8.531   1.00 12.37 ? 118  ALA A N   1 
ATOM   305  C  CA  . ALA A 1 37  ? -3.324  6.492   7.887   1.00 12.05 ? 118  ALA A CA  1 
ATOM   306  C  C   . ALA A 1 37  ? -3.165  6.852   6.423   1.00 12.33 ? 118  ALA A C   1 
ATOM   307  O  O   . ALA A 1 37  ? -3.686  7.861   5.963   1.00 12.71 ? 118  ALA A O   1 
ATOM   308  C  CB  . ALA A 1 37  ? -3.770  5.040   8.039   1.00 10.81 ? 118  ALA A CB  1 
ATOM   309  N  N   . THR A 1 38  ? -2.470  6.007   5.685   1.00 11.92 ? 119  THR A N   1 
ATOM   310  C  CA  . THR A 1 38  ? -2.194  6.299   4.277   1.00 10.98 ? 119  THR A CA  1 
ATOM   311  C  C   . THR A 1 38  ? -2.008  4.980   3.541   1.00 10.30 ? 119  THR A C   1 
ATOM   312  O  O   . THR A 1 38  ? -1.717  3.983   4.182   1.00 10.74 ? 119  THR A O   1 
ATOM   313  C  CB  . THR A 1 38  ? -0.905  7.161   4.232   1.00 12.24 ? 119  THR A CB  1 
ATOM   314  O  OG1 . THR A 1 38  ? -0.810  7.826   2.972   1.00 12.91 ? 119  THR A OG1 1 
ATOM   315  C  CG2 . THR A 1 38  ? 0.348   6.307   4.439   1.00 12.08 ? 119  THR A CG2 1 
ATOM   316  N  N   . LEU A 1 39  ? -2.199  4.943   2.212   1.00 10.06 ? 120  LEU A N   1 
ATOM   317  C  CA  . LEU A 1 39  ? -1.988  3.684   1.494   1.00 8.97  ? 120  LEU A CA  1 
ATOM   318  C  C   . LEU A 1 39  ? -0.560  3.257   1.833   1.00 9.50  ? 120  LEU A C   1 
ATOM   319  O  O   . LEU A 1 39  ? 0.373   4.063   1.814   1.00 10.07 ? 120  LEU A O   1 
ATOM   320  C  CB  . LEU A 1 39  ? -2.225  3.837   -0.009  1.00 9.53  ? 120  LEU A CB  1 
ATOM   321  C  CG  . LEU A 1 39  ? -3.712  3.793   -0.374  1.00 8.97  ? 120  LEU A CG  1 
ATOM   322  C  CD1 . LEU A 1 39  ? -3.906  4.224   -1.816  1.00 10.59 ? 120  LEU A CD1 1 
ATOM   323  C  CD2 . LEU A 1 39  ? -4.248  2.372   -0.149  1.00 10.99 ? 120  LEU A CD2 1 
ATOM   324  N  N   . ALA A 1 40  ? -0.403  1.977   2.132   1.00 9.70  ? 121  ALA A N   1 
ATOM   325  C  CA  . ALA A 1 40  ? 0.846   1.487   2.683   1.00 10.60 ? 121  ALA A CA  1 
ATOM   326  C  C   . ALA A 1 40  ? 2.151   1.924   2.071   1.00 9.53  ? 121  ALA A C   1 
ATOM   327  O  O   . ALA A 1 40  ? 2.407   1.730   0.883   1.00 11.21 ? 121  ALA A O   1 
ATOM   328  C  CB  . ALA A 1 40  ? 0.820   -0.037  2.800   1.00 10.33 ? 121  ALA A CB  1 
ATOM   329  N  N   . VAL A 1 41  ? 2.991   2.482   2.941   1.00 11.54 ? 122  VAL A N   1 
ATOM   330  C  CA  . VAL A 1 41  ? 4.341   2.899   2.582   1.00 12.54 ? 122  VAL A CA  1 
ATOM   331  C  C   . VAL A 1 41  ? 5.201   1.689   2.936   1.00 13.04 ? 122  VAL A C   1 
ATOM   332  O  O   . VAL A 1 41  ? 5.058   1.101   4.021   1.00 14.78 ? 122  VAL A O   1 
ATOM   333  C  CB  . VAL A 1 41  ? 4.763   4.130   3.384   1.00 13.94 ? 122  VAL A CB  1 
ATOM   334  C  CG1 . VAL A 1 41  ? 6.244   4.434   3.172   1.00 17.44 ? 122  VAL A CG1 1 
ATOM   335  C  CG2 . VAL A 1 41  ? 3.930   5.310   2.936   1.00 14.39 ? 122  VAL A CG2 1 
ATOM   336  N  N   . ILE A 1 42  ? 6.070   1.309   2.015   1.00 12.87 ? 123  ILE A N   1 
ATOM   337  C  CA  . ILE A 1 42  ? 6.879   0.101   2.143   1.00 12.31 ? 123  ILE A CA  1 
ATOM   338  C  C   . ILE A 1 42  ? 8.357   0.448   2.096   1.00 12.71 ? 123  ILE A C   1 
ATOM   339  O  O   . ILE A 1 42  ? 8.936   0.598   1.019   1.00 14.73 ? 123  ILE A O   1 
ATOM   340  C  CB  . ILE A 1 42  ? 6.538   -0.872  0.985   1.00 12.86 ? 123  ILE A CB  1 
ATOM   341  C  CG1 . ILE A 1 42  ? 5.019   -0.940  0.795   1.00 14.72 ? 123  ILE A CG1 1 
ATOM   342  C  CG2 . ILE A 1 42  ? 7.089   -2.268  1.295   1.00 14.68 ? 123  ILE A CG2 1 
ATOM   343  C  CD1 . ILE A 1 42  ? 4.580   -1.838  -0.363  1.00 16.36 ? 123  ILE A CD1 1 
ATOM   344  N  N   . ASP A 1 43  ? 8.964   0.522   3.272   1.00 14.58 ? 124  ASP A N   1 
ATOM   345  C  CA  . ASP A 1 43  ? 10.364  0.929   3.355   1.00 15.50 ? 124  ASP A CA  1 
ATOM   346  C  C   . ASP A 1 43  ? 11.424  -0.150  3.397   1.00 16.66 ? 124  ASP A C   1 
ATOM   347  O  O   . ASP A 1 43  ? 12.603  0.167   3.293   1.00 18.45 ? 124  ASP A O   1 
ATOM   348  C  CB  . ASP A 1 43  ? 10.573  1.813   4.584   1.00 18.12 ? 124  ASP A CB  1 
ATOM   349  C  CG  . ASP A 1 43  ? 9.793   3.111   4.518   1.00 19.79 ? 124  ASP A CG  1 
ATOM   350  O  OD1 . ASP A 1 43  ? 9.745   3.743   3.434   1.00 22.58 ? 124  ASP A OD1 1 
ATOM   351  O  OD2 . ASP A 1 43  ? 9.233   3.506   5.560   1.00 23.68 ? 124  ASP A OD2 1 
ATOM   352  N  N   . SER A 1 44  ? 11.031  -1.409  3.555   1.00 14.99 ? 125  SER A N   1 
ATOM   353  C  CA  . SER A 1 44  ? 12.017  -2.476  3.665   1.00 16.48 ? 125  SER A CA  1 
ATOM   354  C  C   . SER A 1 44  ? 11.526  -3.772  3.066   1.00 17.11 ? 125  SER A C   1 
ATOM   355  O  O   . SER A 1 44  ? 10.327  -3.947  2.818   1.00 16.13 ? 125  SER A O   1 
ATOM   356  C  CB  . SER A 1 44  ? 12.320  -2.732  5.134   1.00 15.91 ? 125  SER A CB  1 
ATOM   357  O  OG  . SER A 1 44  ? 11.213  -3.386  5.749   1.00 18.09 ? 125  SER A OG  1 
ATOM   358  N  N   . GLU A 1 45  ? 12.458  -4.689  2.873   1.00 17.60 ? 126  GLU A N   1 
ATOM   359  C  CA  . GLU A 1 45  ? 12.160  -5.994  2.337   1.00 17.36 ? 126  GLU A CA  1 
ATOM   360  C  C   . GLU A 1 45  ? 11.267  -6.733  3.329   1.00 16.66 ? 126  GLU A C   1 
ATOM   361  O  O   . GLU A 1 45  ? 10.384  -7.481  2.917   1.00 15.90 ? 126  GLU A O   1 
ATOM   362  C  CB  . GLU A 1 45  ? 13.456  -6.770  2.095   1.00 21.68 ? 126  GLU A CB  1 
ATOM   363  C  CG  . GLU A 1 45  ? 13.228  -8.098  1.428   1.00 27.03 ? 126  GLU A CG  1 
ATOM   364  C  CD  . GLU A 1 45  ? 12.439  -7.979  0.127   1.00 30.85 ? 126  GLU A CD  1 
ATOM   365  O  OE1 . GLU A 1 45  ? 12.231  -6.847  -0.365  1.00 33.39 ? 126  GLU A OE1 1 
ATOM   366  O  OE2 . GLU A 1 45  ? 12.029  -9.027  -0.416  1.00 34.46 ? 126  GLU A OE2 1 
ATOM   367  N  N   . LYS A 1 46  ? 11.484  -6.520  4.625   1.00 17.16 ? 127  LYS A N   1 
ATOM   368  C  CA  . LYS A 1 46  ? 10.629  -7.158  5.625   1.00 15.74 ? 127  LYS A CA  1 
ATOM   369  C  C   . LYS A 1 46  ? 9.188   -6.688  5.463   1.00 16.05 ? 127  LYS A C   1 
ATOM   370  O  O   . LYS A 1 46  ? 8.258   -7.503  5.517   1.00 15.28 ? 127  LYS A O   1 
ATOM   371  C  CB  . LYS A 1 46  ? 11.103  -6.850  7.053   1.00 18.33 ? 127  LYS A CB  1 
ATOM   372  C  CG  . LYS A 1 46  ? 12.165  -7.825  7.563   1.00 20.44 ? 127  LYS A CG  1 
ATOM   373  C  CD  . LYS A 1 46  ? 12.731  -7.374  8.900   1.00 22.84 ? 127  LYS A CD  1 
ATOM   374  C  CE  . LYS A 1 46  ? 13.799  -8.340  9.399   1.00 27.41 ? 127  LYS A CE  1 
ATOM   375  N  NZ  . LYS A 1 46  ? 14.356  -7.930  10.722  1.00 28.23 ? 127  LYS A NZ  1 
ATOM   376  N  N   . ASP A 1 47  ? 8.994   -5.382  5.294   1.00 14.45 ? 128  ASP A N   1 
ATOM   377  C  CA  . ASP A 1 47  ? 7.644   -4.852  5.103   1.00 13.34 ? 128  ASP A CA  1 
ATOM   378  C  C   . ASP A 1 47  ? 7.014   -5.430  3.839   1.00 14.17 ? 128  ASP A C   1 
ATOM   379  O  O   . ASP A 1 47  ? 5.839   -5.817  3.825   1.00 13.56 ? 128  ASP A O   1 
ATOM   380  C  CB  . ASP A 1 47  ? 7.651   -3.326  4.936   1.00 15.89 ? 128  ASP A CB  1 
ATOM   381  C  CG  . ASP A 1 47  ? 8.130   -2.582  6.160   1.00 21.30 ? 128  ASP A CG  1 
ATOM   382  O  OD1 . ASP A 1 47  ? 8.142   -3.151  7.264   1.00 22.34 ? 128  ASP A OD1 1 
ATOM   383  O  OD2 . ASP A 1 47  ? 8.478   -1.395  5.990   1.00 26.50 ? 128  ASP A OD2 1 
ATOM   384  N  N   . MET A 1 48  ? 7.804   -5.481  2.769   1.00 12.47 ? 129  MET A N   1 
ATOM   385  C  CA  . MET A 1 48  ? 7.328   -5.969  1.493   1.00 12.93 ? 129  MET A CA  1 
ATOM   386  C  C   . MET A 1 48  ? 6.900   -7.418  1.545   1.00 13.14 ? 129  MET A C   1 
ATOM   387  O  O   . MET A 1 48  ? 5.865   -7.777  0.999   1.00 13.26 ? 129  MET A O   1 
ATOM   388  C  CB  . MET A 1 48  ? 8.428   -5.803  0.447   1.00 13.23 ? 129  MET A CB  1 
ATOM   389  C  CG  . MET A 1 48  ? 8.003   -6.191  -0.962  1.00 16.25 ? 129  MET A CG  1 
ATOM   390  S  SD  . MET A 1 48  ? 6.708   -5.116  -1.637  1.00 18.29 ? 129  MET A SD  1 
ATOM   391  C  CE  . MET A 1 48  ? 7.706   -3.732  -2.206  1.00 19.29 ? 129  MET A CE  1 
ATOM   392  N  N   . ASN A 1 49  ? 7.708   -8.262  2.184   1.00 15.00 ? 130  ASN A N   1 
ATOM   393  C  CA  . ASN A 1 49  ? 7.362   -9.673  2.278   1.00 16.43 ? 130  ASN A CA  1 
ATOM   394  C  C   . ASN A 1 49  ? 6.117   -9.861  3.129   1.00 16.93 ? 130  ASN A C   1 
ATOM   395  O  O   . ASN A 1 49  ? 5.257   -10.688 2.796   1.00 17.17 ? 130  ASN A O   1 
ATOM   396  C  CB  . ASN A 1 49  ? 8.533   -10.463 2.845   1.00 19.55 ? 130  ASN A CB  1 
ATOM   397  C  CG  . ASN A 1 49  ? 9.685   -10.536 1.873   1.00 22.98 ? 130  ASN A CG  1 
ATOM   398  O  OD1 . ASN A 1 49  ? 9.489   -10.450 0.652   1.00 24.71 ? 130  ASN A OD1 1 
ATOM   399  N  ND2 . ASN A 1 49  ? 10.895  -10.706 2.399   1.00 26.44 ? 130  ASN A ND2 1 
ATOM   400  N  N   . PHE A 1 50  ? 6.019   -9.091  4.206   1.00 16.81 ? 131  PHE A N   1 
ATOM   401  C  CA  . PHE A 1 50  ? 4.854   -9.127  5.101   1.00 17.46 ? 131  PHE A CA  1 
ATOM   402  C  C   . PHE A 1 50  ? 3.600   -8.749  4.315   1.00 17.99 ? 131  PHE A C   1 
ATOM   403  O  O   . PHE A 1 50  ? 2.596   -9.462  4.338   1.00 19.97 ? 131  PHE A O   1 
ATOM   404  C  CB  . PHE A 1 50  ? 5.033   -8.131  6.254   1.00 19.01 ? 131  PHE A CB  1 
ATOM   405  C  CG  . PHE A 1 50  ? 3.758   -7.827  7.020   1.00 19.57 ? 131  PHE A CG  1 
ATOM   406  C  CD1 . PHE A 1 50  ? 3.305   -8.681  8.019   1.00 22.71 ? 131  PHE A CD1 1 
ATOM   407  C  CD2 . PHE A 1 50  ? 2.996   -6.707  6.710   1.00 21.41 ? 131  PHE A CD2 1 
ATOM   408  C  CE1 . PHE A 1 50  ? 2.107   -8.424  8.688   1.00 21.64 ? 131  PHE A CE1 1 
ATOM   409  C  CE2 . PHE A 1 50  ? 1.799   -6.449  7.375   1.00 19.96 ? 131  PHE A CE2 1 
ATOM   410  C  CZ  . PHE A 1 50  ? 1.357   -7.311  8.363   1.00 22.67 ? 131  PHE A CZ  1 
ATOM   411  N  N   . LEU A 1 51  ? 3.666   -7.624  3.608   1.00 17.05 ? 132  LEU A N   1 
ATOM   412  C  CA  . LEU A 1 51  ? 2.511   -7.143  2.849   1.00 15.46 ? 132  LEU A CA  1 
ATOM   413  C  C   . LEU A 1 51  ? 2.072   -8.079  1.741   1.00 15.59 ? 132  LEU A C   1 
ATOM   414  O  O   . LEU A 1 51  ? 0.878   -8.293  1.549   1.00 14.76 ? 132  LEU A O   1 
ATOM   415  C  CB  . LEU A 1 51  ? 2.798   -5.757  2.271   1.00 14.64 ? 132  LEU A CB  1 
ATOM   416  C  CG  . LEU A 1 51  ? 2.652   -4.547  3.199   1.00 16.51 ? 132  LEU A CG  1 
ATOM   417  C  CD1 . LEU A 1 51  ? 3.327   -3.340  2.596   1.00 17.31 ? 132  LEU A CD1 1 
ATOM   418  C  CD2 . LEU A 1 51  ? 1.159   -4.266  3.421   1.00 19.05 ? 132  LEU A CD2 1 
ATOM   419  N  N   A LYS A 1 52  ? 3.034   -8.643  1.022   0.50 14.41 ? 133  LYS A N   1 
ATOM   420  N  N   B LYS A 1 52  ? 3.017   -8.614  0.980   0.50 14.07 ? 133  LYS A N   1 
ATOM   421  C  CA  A LYS A 1 52  ? 2.725   -9.567  -0.059  0.50 14.30 ? 133  LYS A CA  1 
ATOM   422  C  CA  B LYS A 1 52  ? 2.657   -9.516  -0.107  0.50 13.80 ? 133  LYS A CA  1 
ATOM   423  C  C   A LYS A 1 52  ? 1.978   -10.780 0.467   0.50 15.55 ? 133  LYS A C   1 
ATOM   424  C  C   B LYS A 1 52  ? 1.978   -10.759 0.450   0.50 14.55 ? 133  LYS A C   1 
ATOM   425  O  O   A LYS A 1 52  ? 1.242   -11.431 -0.302  0.50 14.21 ? 133  LYS A O   1 
ATOM   426  O  O   B LYS A 1 52  ? 0.743   -10.861 0.461   0.50 13.17 ? 133  LYS A O   1 
ATOM   427  C  CB  A LYS A 1 52  ? 4.000   -10.001 -0.775  0.50 15.59 ? 133  LYS A CB  1 
ATOM   428  C  CB  B LYS A 1 52  ? 3.897   -9.898  -0.928  0.50 15.16 ? 133  LYS A CB  1 
ATOM   429  C  CG  A LYS A 1 52  ? 4.525   -8.948  -1.734  0.50 16.88 ? 133  LYS A CG  1 
ATOM   430  C  CG  B LYS A 1 52  ? 4.469   -8.730  -1.732  0.50 16.84 ? 133  LYS A CG  1 
ATOM   431  C  CD  A LYS A 1 52  ? 5.892   -9.317  -2.283  0.50 18.40 ? 133  LYS A CD  1 
ATOM   432  C  CD  B LYS A 1 52  ? 5.815   -9.051  -2.385  0.50 18.63 ? 133  LYS A CD  1 
ATOM   433  C  CE  A LYS A 1 52  ? 5.886   -10.689 -2.922  0.50 19.87 ? 133  LYS A CE  1 
ATOM   434  C  CE  B LYS A 1 52  ? 5.695   -10.113 -3.459  0.50 21.09 ? 133  LYS A CE  1 
ATOM   435  N  NZ  A LYS A 1 52  ? 7.243   -11.069 -3.387  0.50 22.19 ? 133  LYS A NZ  1 
ATOM   436  N  NZ  B LYS A 1 52  ? 7.015   -10.397 -4.091  0.50 22.24 ? 133  LYS A NZ  1 
ATOM   437  N  N   A ARG A 1 53  ? 2.173   -11.078 1.760   0.50 13.78 ? 134  ARG A N   1 
ATOM   438  N  N   B ARG A 1 53  ? 2.776   -11.698 0.938   0.50 13.14 ? 134  ARG A N   1 
ATOM   439  C  CA  A ARG A 1 53  ? 1.495   -12.199 2.403   0.50 15.10 ? 134  ARG A CA  1 
ATOM   440  C  CA  B ARG A 1 53  ? 2.210   -12.923 1.468   0.50 11.11 ? 134  ARG A CA  1 
ATOM   441  C  C   A ARG A 1 53  ? 0.205   -11.750 3.114   0.50 13.58 ? 134  ARG A C   1 
ATOM   442  C  C   B ARG A 1 53  ? 0.800   -12.696 2.026   0.50 11.71 ? 134  ARG A C   1 
ATOM   443  O  O   A ARG A 1 53  ? -0.798  -12.467 3.081   0.50 13.01 ? 134  ARG A O   1 
ATOM   444  O  O   B ARG A 1 53  ? -0.138  -13.381 1.647   0.50 12.67 ? 134  ARG A O   1 
ATOM   445  C  CB  A ARG A 1 53  ? 2.428   -12.956 3.379   0.50 16.04 ? 134  ARG A CB  1 
ATOM   446  C  CB  B ARG A 1 53  ? 3.121   -13.543 2.538   0.50 10.97 ? 134  ARG A CB  1 
ATOM   447  C  CG  A ARG A 1 53  ? 2.172   -14.499 3.335   0.50 16.77 ? 134  ARG A CG  1 
ATOM   448  C  CG  B ARG A 1 53  ? 2.700   -14.978 2.857   0.50 11.15 ? 134  ARG A CG  1 
ATOM   449  C  CD  A ARG A 1 53  ? 3.199   -15.378 4.076   0.50 18.14 ? 134  ARG A CD  1 
ATOM   450  C  CD  B ARG A 1 53  ? 3.655   -15.735 3.759   0.50 14.55 ? 134  ARG A CD  1 
ATOM   451  N  NE  A ARG A 1 53  ? 3.418   -14.893 5.425   0.50 18.73 ? 134  ARG A NE  1 
ATOM   452  N  NE  B ARG A 1 53  ? 3.916   -15.009 4.989   0.50 15.70 ? 134  ARG A NE  1 
ATOM   453  C  CZ  A ARG A 1 53  ? 4.319   -13.971 5.743   0.50 19.86 ? 134  ARG A CZ  1 
ATOM   454  C  CZ  B ARG A 1 53  ? 5.020   -14.302 5.222   0.50 18.25 ? 134  ARG A CZ  1 
ATOM   455  N  NH1 A ARG A 1 53  ? 5.097   -13.454 4.803   0.50 21.51 ? 134  ARG A NH1 1 
ATOM   456  N  NH1 B ARG A 1 53  ? 5.979   -14.224 4.312   0.50 19.28 ? 134  ARG A NH1 1 
ATOM   457  N  NH2 A ARG A 1 53  ? 4.409   -13.532 6.987   0.50 20.85 ? 134  ARG A NH2 1 
ATOM   458  N  NH2 B ARG A 1 53  ? 5.173   -13.665 6.369   0.50 20.27 ? 134  ARG A NH2 1 
ATOM   459  N  N   A TYR A 1 54  ? 0.216   -10.572 3.743   0.50 13.31 ? 135  TYR A N   1 
ATOM   460  N  N   B TYR A 1 54  ? 0.647   -11.697 2.892   0.50 10.35 ? 135  TYR A N   1 
ATOM   461  C  CA  A TYR A 1 54  ? -0.979  -10.042 4.418   0.50 12.69 ? 135  TYR A CA  1 
ATOM   462  C  CA  B TYR A 1 54  ? -0.656  -11.421 3.498   0.50 12.56 ? 135  TYR A CA  1 
ATOM   463  C  C   A TYR A 1 54  ? -2.062  -9.800  3.365   0.50 14.45 ? 135  TYR A C   1 
ATOM   464  C  C   B TYR A 1 54  ? -1.737  -10.921 2.550   0.50 13.52 ? 135  TYR A C   1 
ATOM   465  O  O   A TYR A 1 54  ? -3.251  -9.867  3.654   0.50 13.19 ? 135  TYR A O   1 
ATOM   466  O  O   B TYR A 1 54  ? -2.864  -11.418 2.585   0.50 12.25 ? 135  TYR A O   1 
ATOM   467  C  CB  A TYR A 1 54  ? -0.622  -8.721  5.131   0.50 11.72 ? 135  TYR A CB  1 
ATOM   468  C  CB  B TYR A 1 54  ? -0.513  -10.402 4.619   0.50 11.43 ? 135  TYR A CB  1 
ATOM   469  C  CG  A TYR A 1 54  ? -1.734  -8.002  5.882   0.50 10.88 ? 135  TYR A CG  1 
ATOM   470  C  CG  B TYR A 1 54  ? -1.693  -10.345 5.567   0.50 11.64 ? 135  TYR A CG  1 
ATOM   471  C  CD1 A TYR A 1 54  ? -2.557  -8.673  6.801   0.50 11.35 ? 135  TYR A CD1 1 
ATOM   472  C  CD1 B TYR A 1 54  ? -2.778  -9.505  5.314   0.50 10.38 ? 135  TYR A CD1 1 
ATOM   473  C  CD2 A TYR A 1 54  ? -1.895  -6.622  5.749   0.50 10.08 ? 135  TYR A CD2 1 
ATOM   474  C  CD2 B TYR A 1 54  ? -1.713  -11.121 6.732   0.50 9.54  ? 135  TYR A CD2 1 
ATOM   475  C  CE1 A TYR A 1 54  ? -3.499  -7.971  7.570   0.50 11.86 ? 135  TYR A CE1 1 
ATOM   476  C  CE1 B TYR A 1 54  ? -3.855  -9.435  6.200   0.50 11.38 ? 135  TYR A CE1 1 
ATOM   477  C  CE2 A TYR A 1 54  ? -2.826  -5.922  6.511   0.50 11.11 ? 135  TYR A CE2 1 
ATOM   478  C  CE2 B TYR A 1 54  ? -2.792  -11.057 7.625   0.50 10.24 ? 135  TYR A CE2 1 
ATOM   479  C  CZ  A TYR A 1 54  ? -3.615  -6.591  7.414   0.50 9.79  ? 135  TYR A CZ  1 
ATOM   480  C  CZ  B TYR A 1 54  ? -3.852  -10.215 7.352   0.50 10.13 ? 135  TYR A CZ  1 
ATOM   481  O  OH  A TYR A 1 54  ? -4.494  -5.867  8.193   0.50 11.59 ? 135  TYR A OH  1 
ATOM   482  O  OH  B TYR A 1 54  ? -4.912  -10.166 8.226   0.50 12.99 ? 135  TYR A OH  1 
ATOM   483  N  N   A ALA A 1 55  ? -1.629  -9.510  2.143   0.50 16.42 ? 136  ALA A N   1 
ATOM   484  N  N   B ALA A 1 55  ? -1.404  -9.918  1.731   0.50 16.78 ? 136  ALA A N   1 
ATOM   485  C  CA  A ALA A 1 55  ? -2.540  -9.275  1.027   0.50 18.03 ? 136  ALA A CA  1 
ATOM   486  C  CA  B ALA A 1 55  ? -2.368  -9.331  0.797   0.50 18.51 ? 136  ALA A CA  1 
ATOM   487  C  C   A ALA A 1 55  ? -3.297  -10.535 0.591   0.50 20.22 ? 136  ALA A C   1 
ATOM   488  C  C   B ALA A 1 55  ? -3.213  -10.473 0.313   0.50 20.62 ? 136  ALA A C   1 
ATOM   489  O  O   A ALA A 1 55  ? -4.521  -10.503 0.495   0.50 20.80 ? 136  ALA A O   1 
ATOM   490  O  O   B ALA A 1 55  ? -4.385  -10.332 -0.023  0.50 21.39 ? 136  ALA A O   1 
ATOM   491  C  CB  A ALA A 1 55  ? -1.769  -8.682  -0.169  0.50 17.08 ? 136  ALA A CB  1 
ATOM   492  C  CB  B ALA A 1 55  ? -1.644  -8.671  -0.377  0.50 17.02 ? 136  ALA A CB  1 
ATOM   493  N  N   . GLY A 1 56  ? -2.585  -11.632 0.318   1.00 22.16 ? 137  GLY A N   1 
ATOM   494  C  CA  . GLY A 1 56  ? -3.255  -12.842 -0.095  1.00 24.04 ? 137  GLY A CA  1 
ATOM   495  C  C   . GLY A 1 56  ? -3.199  -12.977 -1.595  1.00 25.35 ? 137  GLY A C   1 
ATOM   496  O  O   . GLY A 1 56  ? -2.297  -12.471 -2.256  1.00 27.02 ? 137  GLY A O   1 
ATOM   497  N  N   . ARG A 1 57  ? -4.203  -13.632 -2.154  1.00 27.03 ? 138  ARG A N   1 
ATOM   498  C  CA  . ARG A 1 57  ? -4.222  -13.863 -3.582  1.00 25.64 ? 138  ARG A CA  1 
ATOM   499  C  C   . ARG A 1 57  ? -4.738  -12.713 -4.460  1.00 24.67 ? 138  ARG A C   1 
ATOM   500  O  O   . ARG A 1 57  ? -4.430  -12.648 -5.642  1.00 25.93 ? 138  ARG A O   1 
ATOM   501  C  CB  . ARG A 1 57  ? -5.045  -15.124 -3.874  1.00 27.25 ? 138  ARG A CB  1 
ATOM   502  C  CG  . ARG A 1 57  ? -4.572  -16.389 -3.147  1.00 30.28 ? 138  ARG A CG  1 
ATOM   503  C  CD  . ARG A 1 57  ? -4.573  -16.240 -1.626  1.00 29.56 ? 138  ARG A CD  1 
ATOM   504  N  NE  . ARG A 1 57  ? -5.682  -15.423 -1.138  1.00 29.23 ? 138  ARG A NE  1 
ATOM   505  C  CZ  . ARG A 1 57  ? -6.268  -15.570 0.049   1.00 28.13 ? 138  ARG A CZ  1 
ATOM   506  N  NH1 . ARG A 1 57  ? -5.861  -16.511 0.887   1.00 32.38 ? 138  ARG A NH1 1 
ATOM   507  N  NH2 . ARG A 1 57  ? -7.277  -14.789 0.399   1.00 21.96 ? 138  ARG A NH2 1 
ATOM   508  N  N   . GLU A 1 58  ? -5.508  -11.802 -3.879  1.00 22.98 ? 139  GLU A N   1 
ATOM   509  C  CA  . GLU A 1 58  ? -6.076  -10.698 -4.655  1.00 21.40 ? 139  GLU A CA  1 
ATOM   510  C  C   . GLU A 1 58  ? -5.187  -9.457  -4.641  1.00 19.68 ? 139  GLU A C   1 
ATOM   511  O  O   . GLU A 1 58  ? -4.461  -9.234  -3.672  1.00 18.91 ? 139  GLU A O   1 
ATOM   512  C  CB  . GLU A 1 58  ? -7.453  -10.370 -4.092  1.00 23.26 ? 139  GLU A CB  1 
ATOM   513  C  CG  . GLU A 1 58  ? -8.392  -11.563 -4.107  1.00 27.37 ? 139  GLU A CG  1 
ATOM   514  C  CD  . GLU A 1 58  ? -8.665  -12.054 -5.515  1.00 30.17 ? 139  GLU A CD  1 
ATOM   515  O  OE1 . GLU A 1 58  ? -9.189  -11.263 -6.322  1.00 32.38 ? 139  GLU A OE1 1 
ATOM   516  O  OE2 . GLU A 1 58  ? -8.357  -13.230 -5.820  1.00 32.85 ? 139  GLU A OE2 1 
ATOM   517  N  N   . GLU A 1 59  ? -5.240  -8.658  -5.707  1.00 17.38 ? 140  GLU A N   1 
ATOM   518  C  CA  . GLU A 1 59  ? -4.430  -7.439  -5.792  1.00 15.34 ? 140  GLU A CA  1 
ATOM   519  C  C   . GLU A 1 59  ? -4.920  -6.405  -4.788  1.00 14.32 ? 140  GLU A C   1 
ATOM   520  O  O   . GLU A 1 59  ? -6.134  -6.205  -4.605  1.00 14.79 ? 140  GLU A O   1 
ATOM   521  C  CB  . GLU A 1 59  ? -4.474  -6.806  -7.194  1.00 17.33 ? 140  GLU A CB  1 
ATOM   522  C  CG  . GLU A 1 59  ? -4.125  -7.744  -8.339  1.00 23.37 ? 140  GLU A CG  1 
ATOM   523  C  CD  . GLU A 1 59  ? -5.340  -8.508  -8.832  1.00 26.87 ? 140  GLU A CD  1 
ATOM   524  O  OE1 . GLU A 1 59  ? -5.827  -9.402  -8.111  1.00 29.17 ? 140  GLU A OE1 1 
ATOM   525  O  OE2 . GLU A 1 59  ? -5.820  -8.198  -9.945  1.00 32.97 ? 140  GLU A OE2 1 
ATOM   526  N  N   . HIS A 1 60  ? -3.964  -5.772  -4.119  1.00 12.61 ? 141  HIS A N   1 
ATOM   527  C  CA  . HIS A 1 60  ? -4.279  -4.737  -3.137  1.00 11.59 ? 141  HIS A CA  1 
ATOM   528  C  C   . HIS A 1 60  ? -3.480  -3.486  -3.439  1.00 9.75  ? 141  HIS A C   1 
ATOM   529  O  O   . HIS A 1 60  ? -2.264  -3.568  -3.651  1.00 11.62 ? 141  HIS A O   1 
ATOM   530  C  CB  . HIS A 1 60  ? -3.878  -5.191  -1.726  1.00 11.58 ? 141  HIS A CB  1 
ATOM   531  C  CG  . HIS A 1 60  ? -4.808  -6.191  -1.122  1.00 12.79 ? 141  HIS A CG  1 
ATOM   532  N  ND1 . HIS A 1 60  ? -4.967  -7.461  -1.634  1.00 15.05 ? 141  HIS A ND1 1 
ATOM   533  C  CD2 . HIS A 1 60  ? -5.633  -6.104  -0.055  1.00 14.26 ? 141  HIS A CD2 1 
ATOM   534  C  CE1 . HIS A 1 60  ? -5.856  -8.111  -0.902  1.00 14.03 ? 141  HIS A CE1 1 
ATOM   535  N  NE2 . HIS A 1 60  ? -6.275  -7.313  0.060   1.00 14.65 ? 141  HIS A NE2 1 
ATOM   536  N  N   . TRP A 1 61  ? -4.143  -2.330  -3.432  1.00 9.41  ? 142  TRP A N   1 
ATOM   537  C  CA  . TRP A 1 61  ? -3.441  -1.068  -3.621  1.00 8.81  ? 142  TRP A CA  1 
ATOM   538  C  C   . TRP A 1 61  ? -2.525  -0.793  -2.427  1.00 8.87  ? 142  TRP A C   1 
ATOM   539  O  O   . TRP A 1 61  ? -2.883  -1.078  -1.265  1.00 10.33 ? 142  TRP A O   1 
ATOM   540  C  CB  . TRP A 1 61  ? -4.426  0.097   -3.670  1.00 9.37  ? 142  TRP A CB  1 
ATOM   541  C  CG  . TRP A 1 61  ? -5.238  0.221   -4.891  1.00 8.72  ? 142  TRP A CG  1 
ATOM   542  C  CD1 . TRP A 1 61  ? -6.582  0.397   -4.940  1.00 9.85  ? 142  TRP A CD1 1 
ATOM   543  C  CD2 . TRP A 1 61  ? -4.766  0.316   -6.229  1.00 9.83  ? 142  TRP A CD2 1 
ATOM   544  N  NE1 . TRP A 1 61  ? -6.989  0.604   -6.231  1.00 10.60 ? 142  TRP A NE1 1 
ATOM   545  C  CE2 . TRP A 1 61  ? -5.890  0.563   -7.047  1.00 10.09 ? 142  TRP A CE2 1 
ATOM   546  C  CE3 . TRP A 1 61  ? -3.500  0.224   -6.821  1.00 10.24 ? 142  TRP A CE3 1 
ATOM   547  C  CZ2 . TRP A 1 61  ? -5.787  0.722   -8.436  1.00 11.83 ? 142  TRP A CZ2 1 
ATOM   548  C  CZ3 . TRP A 1 61  ? -3.394  0.380   -8.193  1.00 11.56 ? 142  TRP A CZ3 1 
ATOM   549  C  CH2 . TRP A 1 61  ? -4.540  0.629   -8.988  1.00 10.88 ? 142  TRP A CH2 1 
ATOM   550  N  N   . VAL A 1 62  ? -1.351  -0.251  -2.743  1.00 9.07  ? 143  VAL A N   1 
ATOM   551  C  CA  . VAL A 1 62  ? -0.431  0.205   -1.721  1.00 9.14  ? 143  VAL A CA  1 
ATOM   552  C  C   . VAL A 1 62  ? -0.060  1.641   -2.083  1.00 10.62 ? 143  VAL A C   1 
ATOM   553  O  O   . VAL A 1 62  ? -0.504  2.172   -3.098  1.00 10.63 ? 143  VAL A O   1 
ATOM   554  C  CB  . VAL A 1 62  ? 0.775   -0.729  -1.514  1.00 10.08 ? 143  VAL A CB  1 
ATOM   555  C  CG1 . VAL A 1 62  ? 0.276   -2.034  -0.893  1.00 11.04 ? 143  VAL A CG1 1 
ATOM   556  C  CG2 . VAL A 1 62  ? 1.517   -0.971  -2.804  1.00 12.09 ? 143  VAL A CG2 1 
ATOM   557  N  N   . GLY A 1 63  ? 0.783   2.263   -1.273  1.00 9.99  ? 144  GLY A N   1 
ATOM   558  C  CA  . GLY A 1 63  ? 1.000   3.685   -1.435  1.00 10.30 ? 144  GLY A CA  1 
ATOM   559  C  C   . GLY A 1 63  ? 1.972   4.328   -2.379  1.00 10.63 ? 144  GLY A C   1 
ATOM   560  O  O   . GLY A 1 63  ? 2.581   5.311   -1.979  1.00 14.09 ? 144  GLY A O   1 
ATOM   561  N  N   . LEU A 1 64  ? 2.101   3.834   -3.599  1.00 11.88 ? 145  LEU A N   1 
ATOM   562  C  CA  . LEU A 1 64  ? 3.018   4.453   -4.553  1.00 12.79 ? 145  LEU A CA  1 
ATOM   563  C  C   . LEU A 1 64  ? 2.190   4.855   -5.765  1.00 13.87 ? 145  LEU A C   1 
ATOM   564  O  O   . LEU A 1 64  ? 1.399   4.050   -6.272  1.00 14.63 ? 145  LEU A O   1 
ATOM   565  C  CB  . LEU A 1 64  ? 4.096   3.449   -4.937  1.00 16.53 ? 145  LEU A CB  1 
ATOM   566  C  CG  . LEU A 1 64  ? 5.569   3.817   -5.163  1.00 21.57 ? 145  LEU A CG  1 
ATOM   567  C  CD1 . LEU A 1 64  ? 6.063   4.832   -4.122  1.00 18.15 ? 145  LEU A CD1 1 
ATOM   568  C  CD2 . LEU A 1 64  ? 6.380   2.532   -5.095  1.00 21.37 ? 145  LEU A CD2 1 
ATOM   569  N  N   . LYS A 1 65  ? 2.360   6.099   -6.205  1.00 14.10 ? 146  LYS A N   1 
ATOM   570  C  CA  . LYS A 1 65  ? 1.632   6.633   -7.350  1.00 14.86 ? 146  LYS A CA  1 
ATOM   571  C  C   . LYS A 1 65  ? 2.510   7.644   -8.055  1.00 16.32 ? 146  LYS A C   1 
ATOM   572  O  O   . LYS A 1 65  ? 3.371   8.260   -7.443  1.00 15.83 ? 146  LYS A O   1 
ATOM   573  C  CB  . LYS A 1 65  ? 0.349   7.329   -6.885  1.00 15.57 ? 146  LYS A CB  1 
ATOM   574  C  CG  . LYS A 1 65  ? -0.424  8.057   -7.990  1.00 18.92 ? 146  LYS A CG  1 
ATOM   575  C  CD  . LYS A 1 65  ? -1.713  8.668   -7.462  1.00 20.69 ? 146  LYS A CD  1 
ATOM   576  C  CE  . LYS A 1 65  ? -2.417  9.459   -8.568  1.00 25.36 ? 146  LYS A CE  1 
ATOM   577  N  NZ  . LYS A 1 65  ? -3.506  10.324  -8.030  1.00 29.86 ? 146  LYS A NZ  1 
ATOM   578  N  N   . LYS A 1 66  ? 2.313   7.793   -9.355  1.00 16.65 ? 147  LYS A N   1 
ATOM   579  C  CA  . LYS A 1 66  ? 3.088   8.793   -10.058 1.00 19.65 ? 147  LYS A CA  1 
ATOM   580  C  C   . LYS A 1 66  ? 2.214   9.639   -10.959 1.00 19.07 ? 147  LYS A C   1 
ATOM   581  O  O   . LYS A 1 66  ? 1.342   9.130   -11.674 1.00 20.53 ? 147  LYS A O   1 
ATOM   582  C  CB  . LYS A 1 66  ? 4.202   8.144   -10.857 1.00 22.45 ? 147  LYS A CB  1 
ATOM   583  C  CG  . LYS A 1 66  ? 3.754   7.186   -11.905 1.00 24.98 ? 147  LYS A CG  1 
ATOM   584  C  CD  . LYS A 1 66  ? 4.965   6.595   -12.619 1.00 27.79 ? 147  LYS A CD  1 
ATOM   585  C  CE  . LYS A 1 66  ? 5.876   7.688   -13.137 1.00 29.50 ? 147  LYS A CE  1 
ATOM   586  N  NZ  . LYS A 1 66  ? 7.131   7.152   -13.740 1.00 31.99 ? 147  LYS A NZ  1 
ATOM   587  N  N   . GLU A 1 67  ? 2.420   10.946  -10.878 1.00 18.91 ? 148  GLU A N   1 
ATOM   588  C  CA  . GLU A 1 67  ? 1.686   11.886  -11.699 1.00 21.03 ? 148  GLU A CA  1 
ATOM   589  C  C   . GLU A 1 67  ? 2.481   11.980  -12.996 1.00 21.21 ? 148  GLU A C   1 
ATOM   590  O  O   . GLU A 1 67  ? 3.695   11.799  -12.989 1.00 19.34 ? 148  GLU A O   1 
ATOM   591  C  CB  . GLU A 1 67  ? 1.615   13.244  -11.010 1.00 25.06 ? 148  GLU A CB  1 
ATOM   592  C  CG  . GLU A 1 67  ? 0.795   13.240  -9.731  1.00 29.36 ? 148  GLU A CG  1 
ATOM   593  C  CD  . GLU A 1 67  ? -0.570  12.599  -9.919  1.00 32.10 ? 148  GLU A CD  1 
ATOM   594  O  OE1 . GLU A 1 67  ? -1.217  12.859  -10.957 1.00 32.85 ? 148  GLU A OE1 1 
ATOM   595  O  OE2 . GLU A 1 67  ? -0.997  11.840  -9.026  1.00 34.72 ? 148  GLU A OE2 1 
ATOM   596  N  N   . PRO A 1 68  ? 1.809   12.246  -14.124 1.00 21.29 ? 149  PRO A N   1 
ATOM   597  C  CA  . PRO A 1 68  ? 2.529   12.343  -15.397 1.00 21.79 ? 149  PRO A CA  1 
ATOM   598  C  C   . PRO A 1 68  ? 3.696   13.325  -15.309 1.00 21.76 ? 149  PRO A C   1 
ATOM   599  O  O   . PRO A 1 68  ? 3.558   14.415  -14.764 1.00 21.57 ? 149  PRO A O   1 
ATOM   600  C  CB  . PRO A 1 68  ? 1.443   12.805  -16.365 1.00 22.64 ? 149  PRO A CB  1 
ATOM   601  C  CG  . PRO A 1 68  ? 0.190   12.188  -15.780 1.00 22.71 ? 149  PRO A CG  1 
ATOM   602  C  CD  . PRO A 1 68  ? 0.372   12.516  -14.317 1.00 21.98 ? 149  PRO A CD  1 
ATOM   603  N  N   . GLY A 1 69  ? 4.846   12.901  -15.830 1.00 21.79 ? 150  GLY A N   1 
ATOM   604  C  CA  . GLY A 1 69  ? 6.039   13.735  -15.823 1.00 22.13 ? 150  GLY A CA  1 
ATOM   605  C  C   . GLY A 1 69  ? 6.744   13.846  -14.486 1.00 22.06 ? 150  GLY A C   1 
ATOM   606  O  O   . GLY A 1 69  ? 7.757   14.527  -14.361 1.00 22.73 ? 150  GLY A O   1 
ATOM   607  N  N   . HIS A 1 70  ? 6.226   13.174  -13.467 1.00 21.43 ? 151  HIS A N   1 
ATOM   608  C  CA  . HIS A 1 70  ? 6.860   13.258  -12.163 1.00 21.32 ? 151  HIS A CA  1 
ATOM   609  C  C   . HIS A 1 70  ? 7.272   11.888  -11.651 1.00 19.47 ? 151  HIS A C   1 
ATOM   610  O  O   . HIS A 1 70  ? 6.805   10.870  -12.133 1.00 19.57 ? 151  HIS A O   1 
ATOM   611  C  CB  . HIS A 1 70  ? 5.922   13.945  -11.168 1.00 24.46 ? 151  HIS A CB  1 
ATOM   612  C  CG  . HIS A 1 70  ? 5.601   15.363  -11.534 1.00 28.60 ? 151  HIS A CG  1 
ATOM   613  N  ND1 . HIS A 1 70  ? 4.762   15.692  -12.578 1.00 30.79 ? 151  HIS A ND1 1 
ATOM   614  C  CD2 . HIS A 1 70  ? 6.043   16.537  -11.022 1.00 29.83 ? 151  HIS A CD2 1 
ATOM   615  C  CE1 . HIS A 1 70  ? 4.703   17.008  -12.695 1.00 31.95 ? 151  HIS A CE1 1 
ATOM   616  N  NE2 . HIS A 1 70  ? 5.470   17.543  -11.762 1.00 32.02 ? 151  HIS A NE2 1 
ATOM   617  N  N   . PRO A 1 71  ? 8.171   11.856  -10.661 1.00 20.53 ? 152  PRO A N   1 
ATOM   618  C  CA  . PRO A 1 71  ? 8.581   10.544  -10.163 1.00 19.67 ? 152  PRO A CA  1 
ATOM   619  C  C   . PRO A 1 71  ? 7.554   9.860   -9.270  1.00 17.54 ? 152  PRO A C   1 
ATOM   620  O  O   . PRO A 1 71  ? 6.607   10.488  -8.795  1.00 17.98 ? 152  PRO A O   1 
ATOM   621  C  CB  . PRO A 1 71  ? 9.847   10.864  -9.381  1.00 20.73 ? 152  PRO A CB  1 
ATOM   622  C  CG  . PRO A 1 71  ? 9.507   12.190  -8.774  1.00 22.43 ? 152  PRO A CG  1 
ATOM   623  C  CD  . PRO A 1 71  ? 8.889   12.937  -9.961  1.00 21.04 ? 152  PRO A CD  1 
ATOM   624  N  N   . TRP A 1 72  ? 7.752   8.560   -9.085  1.00 18.47 ? 153  TRP A N   1 
ATOM   625  C  CA  . TRP A 1 72  ? 6.913   7.792   -8.180  1.00 17.70 ? 153  TRP A CA  1 
ATOM   626  C  C   . TRP A 1 72  ? 7.037   8.485   -6.832  1.00 17.91 ? 153  TRP A C   1 
ATOM   627  O  O   . TRP A 1 72  ? 8.131   8.896   -6.433  1.00 17.76 ? 153  TRP A O   1 
ATOM   628  C  CB  . TRP A 1 72  ? 7.446   6.373   -8.036  1.00 18.74 ? 153  TRP A CB  1 
ATOM   629  C  CG  . TRP A 1 72  ? 7.152   5.530   -9.199  1.00 21.29 ? 153  TRP A CG  1 
ATOM   630  C  CD1 . TRP A 1 72  ? 8.007   5.180   -10.197 1.00 22.32 ? 153  TRP A CD1 1 
ATOM   631  C  CD2 . TRP A 1 72  ? 5.892   4.937   -9.518  1.00 20.25 ? 153  TRP A CD2 1 
ATOM   632  N  NE1 . TRP A 1 72  ? 7.357   4.403   -11.125 1.00 23.45 ? 153  TRP A NE1 1 
ATOM   633  C  CE2 . TRP A 1 72  ? 6.057   4.237   -10.731 1.00 22.53 ? 153  TRP A CE2 1 
ATOM   634  C  CE3 . TRP A 1 72  ? 4.640   4.930   -8.900  1.00 19.24 ? 153  TRP A CE3 1 
ATOM   635  C  CZ2 . TRP A 1 72  ? 5.009   3.534   -11.340 1.00 21.13 ? 153  TRP A CZ2 1 
ATOM   636  C  CZ3 . TRP A 1 72  ? 3.599   4.230   -9.508  1.00 20.89 ? 153  TRP A CZ3 1 
ATOM   637  C  CH2 . TRP A 1 72  ? 3.795   3.545   -10.714 1.00 21.71 ? 153  TRP A CH2 1 
ATOM   638  N  N   . LYS A 1 73  ? 5.920   8.605   -6.126  1.00 15.05 ? 154  LYS A N   1 
ATOM   639  C  CA  . LYS A 1 73  ? 5.910   9.259   -4.835  1.00 15.91 ? 154  LYS A CA  1 
ATOM   640  C  C   . LYS A 1 73  ? 5.033   8.470   -3.869  1.00 14.40 ? 154  LYS A C   1 
ATOM   641  O  O   . LYS A 1 73  ? 4.030   7.861   -4.274  1.00 14.05 ? 154  LYS A O   1 
ATOM   642  C  CB  . LYS A 1 73  ? 5.368   10.681  -4.988  1.00 20.25 ? 154  LYS A CB  1 
ATOM   643  C  CG  . LYS A 1 73  ? 5.409   11.528  -3.737  1.00 26.16 ? 154  LYS A CG  1 
ATOM   644  C  CD  . LYS A 1 73  ? 4.760   12.888  -3.983  1.00 29.31 ? 154  LYS A CD  1 
ATOM   645  C  CE  . LYS A 1 73  ? 5.387   13.609  -5.163  1.00 31.50 ? 154  LYS A CE  1 
ATOM   646  N  NZ  . LYS A 1 73  ? 4.794   14.971  -5.343  1.00 33.73 ? 154  LYS A NZ  1 
ATOM   647  N  N   . TRP A 1 74  ? 5.415   8.452   -2.601  1.00 13.29 ? 155  TRP A N   1 
ATOM   648  C  CA  . TRP A 1 74  ? 4.598   7.748   -1.628  1.00 13.07 ? 155  TRP A CA  1 
ATOM   649  C  C   . TRP A 1 74  ? 3.323   8.525   -1.376  1.00 14.06 ? 155  TRP A C   1 
ATOM   650  O  O   . TRP A 1 74  ? 3.254   9.742   -1.575  1.00 14.50 ? 155  TRP A O   1 
ATOM   651  C  CB  . TRP A 1 74  ? 5.347   7.576   -0.307  1.00 13.37 ? 155  TRP A CB  1 
ATOM   652  C  CG  . TRP A 1 74  ? 6.490   6.651   -0.401  1.00 14.66 ? 155  TRP A CG  1 
ATOM   653  C  CD1 . TRP A 1 74  ? 7.817   6.982   -0.349  1.00 15.45 ? 155  TRP A CD1 1 
ATOM   654  C  CD2 . TRP A 1 74  ? 6.438   5.233   -0.551  1.00 14.57 ? 155  TRP A CD2 1 
ATOM   655  N  NE1 . TRP A 1 74  ? 8.587   5.863   -0.453  1.00 16.52 ? 155  TRP A NE1 1 
ATOM   656  C  CE2 . TRP A 1 74  ? 7.774   4.768   -0.579  1.00 14.89 ? 155  TRP A CE2 1 
ATOM   657  C  CE3 . TRP A 1 74  ? 5.394   4.307   -0.667  1.00 14.36 ? 155  TRP A CE3 1 
ATOM   658  C  CZ2 . TRP A 1 74  ? 8.092   3.411   -0.718  1.00 15.77 ? 155  TRP A CZ2 1 
ATOM   659  C  CZ3 . TRP A 1 74  ? 5.709   2.963   -0.806  1.00 14.65 ? 155  TRP A CZ3 1 
ATOM   660  C  CH2 . TRP A 1 74  ? 7.048   2.527   -0.831  1.00 16.09 ? 155  TRP A CH2 1 
ATOM   661  N  N   . SER A 1 75  ? 2.314   7.817   -0.880  1.00 13.42 ? 156  SER A N   1 
ATOM   662  C  CA  . SER A 1 75  ? 0.998   8.373   -0.599  1.00 12.95 ? 156  SER A CA  1 
ATOM   663  C  C   . SER A 1 75  ? 0.983   9.472   0.450   1.00 15.46 ? 156  SER A C   1 
ATOM   664  O  O   . SER A 1 75  ? 0.015   10.223  0.538   1.00 17.08 ? 156  SER A O   1 
ATOM   665  C  CB  . SER A 1 75  ? 0.065   7.239   -0.171  1.00 13.83 ? 156  SER A CB  1 
ATOM   666  O  OG  . SER A 1 75  ? 0.573   6.634   1.011   1.00 13.81 ? 156  SER A OG  1 
ATOM   667  N  N   . ASN A 1 76  ? 2.055   9.551   1.239   1.00 16.20 ? 157  ASN A N   1 
ATOM   668  C  CA  . ASN A 1 76  ? 2.164   10.574  2.270   1.00 17.81 ? 157  ASN A CA  1 
ATOM   669  C  C   . ASN A 1 76  ? 3.038   11.718  1.784   1.00 20.23 ? 157  ASN A C   1 
ATOM   670  O  O   . ASN A 1 76  ? 3.453   12.570  2.571   1.00 21.27 ? 157  ASN A O   1 
ATOM   671  C  CB  . ASN A 1 76  ? 2.732   9.979   3.562   1.00 18.23 ? 157  ASN A CB  1 
ATOM   672  C  CG  . ASN A 1 76  ? 4.119   9.395   3.389   1.00 17.82 ? 157  ASN A CG  1 
ATOM   673  O  OD1 . ASN A 1 76  ? 4.738   9.505   2.330   1.00 18.54 ? 157  ASN A OD1 1 
ATOM   674  N  ND2 . ASN A 1 76  ? 4.621   8.762   4.448   1.00 19.06 ? 157  ASN A ND2 1 
ATOM   675  N  N   . GLY A 1 77  ? 3.323   11.731  0.488   1.00 20.41 ? 158  GLY A N   1 
ATOM   676  C  CA  . GLY A 1 77  ? 4.128   12.804  -0.076  1.00 21.74 ? 158  GLY A CA  1 
ATOM   677  C  C   . GLY A 1 77  ? 5.628   12.589  -0.069  1.00 23.35 ? 158  GLY A C   1 
ATOM   678  O  O   . GLY A 1 77  ? 6.349   13.325  -0.753  1.00 24.68 ? 158  GLY A O   1 
ATOM   679  N  N   . LYS A 1 78  ? 6.109   11.600  0.684   1.00 22.83 ? 159  LYS A N   1 
ATOM   680  C  CA  . LYS A 1 78  ? 7.547   11.321  0.750   1.00 23.36 ? 159  LYS A CA  1 
ATOM   681  C  C   . LYS A 1 78  ? 8.070   10.880  -0.612  1.00 23.41 ? 159  LYS A C   1 
ATOM   682  O  O   . LYS A 1 78  ? 7.391   10.160  -1.351  1.00 21.56 ? 159  LYS A O   1 
ATOM   683  C  CB  . LYS A 1 78  ? 7.834   10.229  1.796   1.00 25.20 ? 159  LYS A CB  1 
ATOM   684  C  CG  . LYS A 1 78  ? 9.305   9.797   1.888   1.00 27.13 ? 159  LYS A CG  1 
ATOM   685  C  CD  . LYS A 1 78  ? 9.575   8.807   3.040   1.00 28.33 ? 159  LYS A CD  1 
ATOM   686  C  CE  . LYS A 1 78  ? 9.158   7.362   2.717   1.00 27.50 ? 159  LYS A CE  1 
ATOM   687  N  NZ  . LYS A 1 78  ? 9.487   6.416   3.840   1.00 27.51 ? 159  LYS A NZ  1 
ATOM   688  N  N   . GLU A 1 79  ? 9.272   11.312  -0.974  1.00 24.73 ? 160  GLU A N   1 
ATOM   689  C  CA  . GLU A 1 79  ? 9.784   10.882  -2.261  1.00 25.20 ? 160  GLU A CA  1 
ATOM   690  C  C   . GLU A 1 79  ? 10.223  9.421   -2.161  1.00 23.80 ? 160  GLU A C   1 
ATOM   691  O  O   . GLU A 1 79  ? 10.633  8.955   -1.098  1.00 23.37 ? 160  GLU A O   1 
ATOM   692  C  CB  . GLU A 1 79  ? 10.944  11.770  -2.737  1.00 29.77 ? 160  GLU A CB  1 
ATOM   693  C  CG  . GLU A 1 79  ? 12.206  11.738  -1.906  1.00 33.34 ? 160  GLU A CG  1 
ATOM   694  C  CD  . GLU A 1 79  ? 13.395  12.322  -2.665  1.00 36.08 ? 160  GLU A CD  1 
ATOM   695  O  OE1 . GLU A 1 79  ? 13.204  13.325  -3.390  1.00 37.71 ? 160  GLU A OE1 1 
ATOM   696  O  OE2 . GLU A 1 79  ? 14.516  11.783  -2.537  1.00 37.11 ? 160  GLU A OE2 1 
ATOM   697  N  N   . PHE A 1 80  ? 10.095  8.709   -3.274  1.00 22.80 ? 161  PHE A N   1 
ATOM   698  C  CA  . PHE A 1 80  ? 10.450  7.298   -3.373  1.00 22.06 ? 161  PHE A CA  1 
ATOM   699  C  C   . PHE A 1 80  ? 11.918  7.144   -3.735  1.00 22.84 ? 161  PHE A C   1 
ATOM   700  O  O   . PHE A 1 80  ? 12.380  7.715   -4.723  1.00 22.91 ? 161  PHE A O   1 
ATOM   701  C  CB  . PHE A 1 80  ? 9.579   6.630   -4.441  1.00 20.58 ? 161  PHE A CB  1 
ATOM   702  C  CG  . PHE A 1 80  ? 9.826   5.159   -4.609  1.00 19.52 ? 161  PHE A CG  1 
ATOM   703  C  CD1 . PHE A 1 80  ? 9.920   4.318   -3.501  1.00 19.33 ? 161  PHE A CD1 1 
ATOM   704  C  CD2 . PHE A 1 80  ? 9.912   4.598   -5.877  1.00 21.01 ? 161  PHE A CD2 1 
ATOM   705  C  CE1 . PHE A 1 80  ? 10.091  2.942   -3.659  1.00 16.41 ? 161  PHE A CE1 1 
ATOM   706  C  CE2 . PHE A 1 80  ? 10.080  3.230   -6.049  1.00 19.10 ? 161  PHE A CE2 1 
ATOM   707  C  CZ  . PHE A 1 80  ? 10.170  2.388   -4.935  1.00 18.69 ? 161  PHE A CZ  1 
ATOM   708  N  N   . ASN A 1 81  ? 12.647  6.373   -2.934  1.00 21.95 ? 162  ASN A N   1 
ATOM   709  C  CA  . ASN A 1 81  ? 14.072  6.159   -3.172  1.00 21.67 ? 162  ASN A CA  1 
ATOM   710  C  C   . ASN A 1 81  ? 14.344  5.066   -4.193  1.00 21.45 ? 162  ASN A C   1 
ATOM   711  O  O   . ASN A 1 81  ? 15.488  4.667   -4.395  1.00 23.27 ? 162  ASN A O   1 
ATOM   712  C  CB  . ASN A 1 81  ? 14.793  5.814   -1.869  1.00 21.25 ? 162  ASN A CB  1 
ATOM   713  C  CG  . ASN A 1 81  ? 14.296  4.514   -1.246  1.00 21.85 ? 162  ASN A CG  1 
ATOM   714  O  OD1 . ASN A 1 81  ? 13.614  3.708   -1.895  1.00 20.30 ? 162  ASN A OD1 1 
ATOM   715  N  ND2 . ASN A 1 81  ? 14.654  4.297   0.016   1.00 21.72 ? 162  ASN A ND2 1 
ATOM   716  N  N   . ASN A 1 82  ? 13.294  4.560   -4.828  1.00 21.04 ? 163  ASN A N   1 
ATOM   717  C  CA  . ASN A 1 82  ? 13.463  3.523   -5.833  1.00 20.24 ? 163  ASN A CA  1 
ATOM   718  C  C   . ASN A 1 82  ? 14.202  2.284   -5.334  1.00 20.53 ? 163  ASN A C   1 
ATOM   719  O  O   . ASN A 1 82  ? 14.946  1.662   -6.088  1.00 21.20 ? 163  ASN A O   1 
ATOM   720  C  CB  . ASN A 1 82  ? 14.208  4.104   -7.042  1.00 23.55 ? 163  ASN A CB  1 
ATOM   721  C  CG  . ASN A 1 82  ? 13.394  5.150   -7.771  1.00 25.73 ? 163  ASN A CG  1 
ATOM   722  O  OD1 . ASN A 1 82  ? 12.382  4.830   -8.399  1.00 27.69 ? 163  ASN A OD1 1 
ATOM   723  N  ND2 . ASN A 1 82  ? 13.814  6.406   -7.677  1.00 26.87 ? 163  ASN A ND2 1 
ATOM   724  N  N   . TRP A 1 83  ? 13.999  1.904   -4.076  1.00 18.36 ? 164  TRP A N   1 
ATOM   725  C  CA  . TRP A 1 83  ? 14.702  0.722   -3.587  1.00 18.35 ? 164  TRP A CA  1 
ATOM   726  C  C   . TRP A 1 83  ? 14.221  -0.551  -4.270  1.00 20.02 ? 164  TRP A C   1 
ATOM   727  O  O   . TRP A 1 83  ? 14.918  -1.563  -4.276  1.00 21.14 ? 164  TRP A O   1 
ATOM   728  C  CB  . TRP A 1 83  ? 14.664  0.632   -2.051  1.00 16.54 ? 164  TRP A CB  1 
ATOM   729  C  CG  . TRP A 1 83  ? 13.378  0.224   -1.412  1.00 16.30 ? 164  TRP A CG  1 
ATOM   730  C  CD1 . TRP A 1 83  ? 12.429  1.045   -0.901  1.00 16.33 ? 164  TRP A CD1 1 
ATOM   731  C  CD2 . TRP A 1 83  ? 12.950  -1.111  -1.154  1.00 17.71 ? 164  TRP A CD2 1 
ATOM   732  N  NE1 . TRP A 1 83  ? 11.422  0.303   -0.326  1.00 16.47 ? 164  TRP A NE1 1 
ATOM   733  C  CE2 . TRP A 1 83  ? 11.720  -1.027  -0.469  1.00 15.95 ? 164  TRP A CE2 1 
ATOM   734  C  CE3 . TRP A 1 83  ? 13.487  -2.374  -1.437  1.00 17.62 ? 164  TRP A CE3 1 
ATOM   735  C  CZ2 . TRP A 1 83  ? 11.011  -2.165  -0.058  1.00 16.84 ? 164  TRP A CZ2 1 
ATOM   736  C  CZ3 . TRP A 1 83  ? 12.782  -3.514  -1.028  1.00 18.24 ? 164  TRP A CZ3 1 
ATOM   737  C  CH2 . TRP A 1 83  ? 11.555  -3.395  -0.345  1.00 18.47 ? 164  TRP A CH2 1 
ATOM   738  N  N   . PHE A 1 84  ? 13.022  -0.510  -4.851  1.00 19.85 ? 165  PHE A N   1 
ATOM   739  C  CA  . PHE A 1 84  ? 12.527  -1.648  -5.618  1.00 20.81 ? 165  PHE A CA  1 
ATOM   740  C  C   . PHE A 1 84  ? 11.997  -1.105  -6.936  1.00 22.04 ? 165  PHE A C   1 
ATOM   741  O  O   . PHE A 1 84  ? 11.703  0.083   -7.058  1.00 21.74 ? 165  PHE A O   1 
ATOM   742  C  CB  . PHE A 1 84  ? 11.450  -2.473  -4.869  1.00 20.88 ? 165  PHE A CB  1 
ATOM   743  C  CG  . PHE A 1 84  ? 10.193  -1.714  -4.520  1.00 20.26 ? 165  PHE A CG  1 
ATOM   744  C  CD1 . PHE A 1 84  ? 9.112   -1.679  -5.396  1.00 20.31 ? 165  PHE A CD1 1 
ATOM   745  C  CD2 . PHE A 1 84  ? 10.079  -1.076  -3.294  1.00 19.81 ? 165  PHE A CD2 1 
ATOM   746  C  CE1 . PHE A 1 84  ? 7.940   -1.020  -5.044  1.00 19.22 ? 165  PHE A CE1 1 
ATOM   747  C  CE2 . PHE A 1 84  ? 8.904   -0.412  -2.939  1.00 20.34 ? 165  PHE A CE2 1 
ATOM   748  C  CZ  . PHE A 1 84  ? 7.838   -0.389  -3.821  1.00 20.15 ? 165  PHE A CZ  1 
ATOM   749  N  N   . ASN A 1 85  ? 11.918  -1.977  -7.929  1.00 24.21 ? 166  ASN A N   1 
ATOM   750  C  CA  . ASN A 1 85  ? 11.457  -1.575  -9.246  1.00 25.31 ? 166  ASN A CA  1 
ATOM   751  C  C   . ASN A 1 85  ? 9.975   -1.858  -9.418  1.00 24.49 ? 166  ASN A C   1 
ATOM   752  O  O   . ASN A 1 85  ? 9.471   -2.879  -8.951  1.00 24.32 ? 166  ASN A O   1 
ATOM   753  C  CB  . ASN A 1 85  ? 12.255  -2.319  -10.315 1.00 27.90 ? 166  ASN A CB  1 
ATOM   754  C  CG  . ASN A 1 85  ? 11.785  -2.002  -11.716 1.00 30.30 ? 166  ASN A CG  1 
ATOM   755  O  OD1 . ASN A 1 85  ? 11.902  -0.869  -12.183 1.00 32.08 ? 166  ASN A OD1 1 
ATOM   756  N  ND2 . ASN A 1 85  ? 11.243  -3.005  -12.395 1.00 32.47 ? 166  ASN A ND2 1 
ATOM   757  N  N   . VAL A 1 86  ? 9.282   -0.939  -10.082 1.00 24.35 ? 167  VAL A N   1 
ATOM   758  C  CA  . VAL A 1 86  ? 7.858   -1.098  -10.331 1.00 25.11 ? 167  VAL A CA  1 
ATOM   759  C  C   . VAL A 1 86  ? 7.656   -1.460  -11.796 1.00 25.21 ? 167  VAL A C   1 
ATOM   760  O  O   . VAL A 1 86  ? 7.950   -0.662  -12.690 1.00 26.02 ? 167  VAL A O   1 
ATOM   761  C  CB  . VAL A 1 86  ? 7.079   0.191   -10.015 1.00 25.75 ? 167  VAL A CB  1 
ATOM   762  C  CG1 . VAL A 1 86  ? 5.610   0.003   -10.346 1.00 25.54 ? 167  VAL A CG1 1 
ATOM   763  C  CG2 . VAL A 1 86  ? 7.228   0.539   -8.543  1.00 25.86 ? 167  VAL A CG2 1 
ATOM   764  N  N   . THR A 1 87  ? 7.166   -2.674  -12.021 1.00 26.34 ? 168  THR A N   1 
ATOM   765  C  CA  . THR A 1 87  ? 6.912   -3.185  -13.359 1.00 27.54 ? 168  THR A CA  1 
ATOM   766  C  C   . THR A 1 87  ? 5.604   -2.632  -13.914 1.00 28.03 ? 168  THR A C   1 
ATOM   767  O  O   . THR A 1 87  ? 4.836   -1.981  -13.198 1.00 27.56 ? 168  THR A O   1 
ATOM   768  C  CB  . THR A 1 87  ? 6.840   -4.720  -13.347 1.00 28.66 ? 168  THR A CB  1 
ATOM   769  O  OG1 . THR A 1 87  ? 5.874   -5.145  -12.376 1.00 29.51 ? 168  THR A OG1 1 
ATOM   770  C  CG2 . THR A 1 87  ? 8.197   -5.313  -12.987 1.00 30.05 ? 168  THR A CG2 1 
ATOM   771  N  N   . GLY A 1 88  ? 5.352   -2.891  -15.193 1.00 28.76 ? 169  GLY A N   1 
ATOM   772  C  CA  . GLY A 1 88  ? 4.134   -2.412  -15.820 1.00 28.27 ? 169  GLY A CA  1 
ATOM   773  C  C   . GLY A 1 88  ? 4.245   -0.997  -16.352 1.00 28.18 ? 169  GLY A C   1 
ATOM   774  O  O   . GLY A 1 88  ? 5.278   -0.346  -16.216 1.00 29.01 ? 169  GLY A O   1 
ATOM   775  N  N   . SER A 1 89  ? 3.167   -0.502  -16.946 1.00 27.73 ? 170  SER A N   1 
ATOM   776  C  CA  . SER A 1 89  ? 3.174   0.839   -17.506 1.00 27.84 ? 170  SER A CA  1 
ATOM   777  C  C   . SER A 1 89  ? 2.132   1.763   -16.899 1.00 26.67 ? 170  SER A C   1 
ATOM   778  O  O   . SER A 1 89  ? 1.868   2.831   -17.440 1.00 27.76 ? 170  SER A O   1 
ATOM   779  C  CB  . SER A 1 89  ? 2.956   0.774   -19.022 1.00 28.59 ? 170  SER A CB  1 
ATOM   780  O  OG  . SER A 1 89  ? 1.680   0.235   -19.322 1.00 30.93 ? 170  SER A OG  1 
ATOM   781  N  N   . ASP A 1 90  ? 1.548   1.372   -15.771 1.00 23.81 ? 171  ASP A N   1 
ATOM   782  C  CA  . ASP A 1 90  ? 0.532   2.211   -15.160 1.00 22.67 ? 171  ASP A CA  1 
ATOM   783  C  C   . ASP A 1 90  ? 1.049   3.095   -14.037 1.00 20.79 ? 171  ASP A C   1 
ATOM   784  O  O   . ASP A 1 90  ? 2.216   2.985   -13.652 1.00 20.78 ? 171  ASP A O   1 
ATOM   785  C  CB  . ASP A 1 90  ? -0.648  1.355   -14.719 1.00 23.11 ? 171  ASP A CB  1 
ATOM   786  C  CG  . ASP A 1 90  ? -1.364  0.723   -15.904 1.00 24.44 ? 171  ASP A CG  1 
ATOM   787  O  OD1 . ASP A 1 90  ? -1.791  1.478   -16.802 1.00 26.93 ? 171  ASP A OD1 1 
ATOM   788  O  OD2 . ASP A 1 90  ? -1.482  -0.513  -15.944 1.00 26.77 ? 171  ASP A OD2 1 
ATOM   789  N  N   . LYS A 1 91  ? 0.182   3.957   -13.508 1.00 19.22 ? 172  LYS A N   1 
ATOM   790  C  CA  . LYS A 1 91  ? 0.619   4.926   -12.507 1.00 18.50 ? 172  LYS A CA  1 
ATOM   791  C  C   . LYS A 1 91  ? 0.365   4.715   -11.017 1.00 16.75 ? 172  LYS A C   1 
ATOM   792  O  O   . LYS A 1 91  ? 0.706   5.583   -10.218 1.00 16.97 ? 172  LYS A O   1 
ATOM   793  C  CB  . LYS A 1 91  ? 0.106   6.310   -12.919 1.00 20.79 ? 172  LYS A CB  1 
ATOM   794  C  CG  . LYS A 1 91  ? 0.471   6.674   -14.370 1.00 25.68 ? 172  LYS A CG  1 
ATOM   795  C  CD  . LYS A 1 91  ? 1.979   6.548   -14.601 1.00 28.82 ? 172  LYS A CD  1 
ATOM   796  C  CE  . LYS A 1 91  ? 2.367   6.750   -16.060 1.00 32.33 ? 172  LYS A CE  1 
ATOM   797  N  NZ  . LYS A 1 91  ? 2.120   5.527   -16.868 1.00 33.45 ? 172  LYS A NZ  1 
ATOM   798  N  N   . CYS A 1 92  ? -0.231  3.585   -10.655 1.00 15.80 ? 173  CYS A N   1 
ATOM   799  C  CA  . CYS A 1 92  ? -0.485  3.256   -9.241  1.00 14.55 ? 173  CYS A CA  1 
ATOM   800  C  C   . CYS A 1 92  ? 0.031   1.853   -8.975  1.00 14.34 ? 173  CYS A C   1 
ATOM   801  O  O   . CYS A 1 92  ? -0.030  0.982   -9.835  1.00 15.00 ? 173  CYS A O   1 
ATOM   802  C  CB  . CYS A 1 92  ? -1.989  3.340   -8.915  1.00 14.85 ? 173  CYS A CB  1 
ATOM   803  S  SG  . CYS A 1 92  ? -2.566  5.036   -8.679  1.00 14.79 ? 173  CYS A SG  1 
ATOM   804  N  N   . VAL A 1 93  ? 0.539   1.625   -7.770  1.00 12.44 ? 174  VAL A N   1 
ATOM   805  C  CA  . VAL A 1 93  ? 1.098   0.328   -7.435  1.00 12.63 ? 174  VAL A CA  1 
ATOM   806  C  C   . VAL A 1 93  ? 0.214   -0.547  -6.547  1.00 11.95 ? 174  VAL A C   1 
ATOM   807  O  O   . VAL A 1 93  ? -0.425  -0.056  -5.604  1.00 12.15 ? 174  VAL A O   1 
ATOM   808  C  CB  . VAL A 1 93  ? 2.477   0.508   -6.738  1.00 12.58 ? 174  VAL A CB  1 
ATOM   809  C  CG1 . VAL A 1 93  ? 3.036   -0.841  -6.272  1.00 14.67 ? 174  VAL A CG1 1 
ATOM   810  C  CG2 . VAL A 1 93  ? 3.454   1.184   -7.720  1.00 13.85 ? 174  VAL A CG2 1 
ATOM   811  N  N   . PHE A 1 94  ? 0.174   -1.832  -6.885  1.00 12.43 ? 175  PHE A N   1 
ATOM   812  C  CA  . PHE A 1 94  ? -0.558  -2.828  -6.111  1.00 12.66 ? 175  PHE A CA  1 
ATOM   813  C  C   . PHE A 1 94  ? 0.391   -3.980  -5.844  1.00 13.64 ? 175  PHE A C   1 
ATOM   814  O  O   . PHE A 1 94  ? 1.483   -4.084  -6.433  1.00 13.66 ? 175  PHE A O   1 
ATOM   815  C  CB  . PHE A 1 94  ? -1.753  -3.396  -6.894  1.00 13.48 ? 175  PHE A CB  1 
ATOM   816  C  CG  . PHE A 1 94  ? -1.358  -4.294  -8.033  1.00 14.40 ? 175  PHE A CG  1 
ATOM   817  C  CD1 . PHE A 1 94  ? -1.126  -5.656  -7.831  1.00 14.71 ? 175  PHE A CD1 1 
ATOM   818  C  CD2 . PHE A 1 94  ? -1.171  -3.760  -9.302  1.00 15.07 ? 175  PHE A CD2 1 
ATOM   819  C  CE1 . PHE A 1 94  ? -0.708  -6.475  -8.889  1.00 16.90 ? 175  PHE A CE1 1 
ATOM   820  C  CE2 . PHE A 1 94  ? -0.751  -4.574  -10.362 1.00 17.27 ? 175  PHE A CE2 1 
ATOM   821  C  CZ  . PHE A 1 94  ? -0.522  -5.923  -10.148 1.00 17.48 ? 175  PHE A CZ  1 
ATOM   822  N  N   . LEU A 1 95  ? -0.008  -4.837  -4.927  1.00 13.26 ? 176  LEU A N   1 
ATOM   823  C  CA  . LEU A 1 95  ? 0.753   -6.044  -4.685  1.00 14.36 ? 176  LEU A CA  1 
ATOM   824  C  C   . LEU A 1 95  ? -0.187  -7.157  -4.262  1.00 15.67 ? 176  LEU A C   1 
ATOM   825  O  O   . LEU A 1 95  ? -1.364  -6.934  -3.982  1.00 15.23 ? 176  LEU A O   1 
ATOM   826  C  CB  . LEU A 1 95  ? 1.871   -5.827  -3.643  1.00 13.14 ? 176  LEU A CB  1 
ATOM   827  C  CG  . LEU A 1 95  ? 1.538   -5.174  -2.304  1.00 10.73 ? 176  LEU A CG  1 
ATOM   828  C  CD1 . LEU A 1 95  ? 0.636   -6.058  -1.444  1.00 12.99 ? 176  LEU A CD1 1 
ATOM   829  C  CD2 . LEU A 1 95  ? 2.806   -4.883  -1.580  1.00 11.64 ? 176  LEU A CD2 1 
ATOM   830  N  N   . LYS A 1 96  ? 0.343   -8.373  -4.289  1.00 17.83 ? 177  LYS A N   1 
ATOM   831  C  CA  . LYS A 1 96  ? -0.346  -9.574  -3.857  1.00 19.97 ? 177  LYS A CA  1 
ATOM   832  C  C   . LYS A 1 96  ? 0.818   -10.531 -3.672  1.00 21.84 ? 177  LYS A C   1 
ATOM   833  O  O   . LYS A 1 96  ? 1.965   -10.147 -3.913  1.00 21.26 ? 177  LYS A O   1 
ATOM   834  C  CB  . LYS A 1 96  ? -1.339  -10.095 -4.907  1.00 21.97 ? 177  LYS A CB  1 
ATOM   835  C  CG  . LYS A 1 96  ? -0.744  -10.390 -6.244  1.00 21.89 ? 177  LYS A CG  1 
ATOM   836  C  CD  . LYS A 1 96  ? -1.769  -11.041 -7.166  1.00 24.89 ? 177  LYS A CD  1 
ATOM   837  C  CE  . LYS A 1 96  ? -1.164  -11.263 -8.539  1.00 26.95 ? 177  LYS A CE  1 
ATOM   838  N  NZ  . LYS A 1 96  ? -2.128  -11.868 -9.498  1.00 31.88 ? 177  LYS A NZ  1 
ATOM   839  N  N   . ASN A 1 97  ? 0.549   -11.761 -3.263  1.00 24.53 ? 178  ASN A N   1 
ATOM   840  C  CA  . ASN A 1 97  ? 1.643   -12.704 -3.011  1.00 26.14 ? 178  ASN A CA  1 
ATOM   841  C  C   . ASN A 1 97  ? 2.671   -12.988 -4.108  1.00 27.92 ? 178  ASN A C   1 
ATOM   842  O  O   . ASN A 1 97  ? 3.850   -13.206 -3.811  1.00 28.88 ? 178  ASN A O   1 
ATOM   843  C  CB  . ASN A 1 97  ? 1.079   -14.028 -2.527  1.00 26.53 ? 178  ASN A CB  1 
ATOM   844  C  CG  . ASN A 1 97  ? 0.157   -14.677 -3.531  1.00 23.93 ? 178  ASN A CG  1 
ATOM   845  O  OD1 . ASN A 1 97  ? 0.284   -14.469 -4.744  1.00 25.99 ? 178  ASN A OD1 1 
ATOM   846  N  ND2 . ASN A 1 97  ? -0.752  -15.484 -3.043  1.00 24.76 ? 178  ASN A ND2 1 
ATOM   847  N  N   . THR A 1 98  ? 2.265   -12.988 -5.367  1.00 29.01 ? 179  THR A N   1 
ATOM   848  C  CA  . THR A 1 98  ? 3.207   -13.291 -6.435  1.00 31.16 ? 179  THR A CA  1 
ATOM   849  C  C   . THR A 1 98  ? 3.814   -12.089 -7.114  1.00 30.04 ? 179  THR A C   1 
ATOM   850  O  O   . THR A 1 98  ? 4.664   -12.233 -7.998  1.00 31.92 ? 179  THR A O   1 
ATOM   851  C  CB  . THR A 1 98  ? 2.552   -14.154 -7.524  1.00 32.75 ? 179  THR A CB  1 
ATOM   852  O  OG1 . THR A 1 98  ? 1.507   -13.407 -8.162  1.00 34.41 ? 179  THR A OG1 1 
ATOM   853  C  CG2 . THR A 1 98  ? 1.972   -15.414 -6.914  1.00 34.21 ? 179  THR A CG2 1 
ATOM   854  N  N   . GLU A 1 99  ? 3.403   -10.890 -6.726  1.00 29.06 ? 180  GLU A N   1 
ATOM   855  C  CA  . GLU A 1 99  ? 3.985   -9.744  -7.387  1.00 26.82 ? 180  GLU A CA  1 
ATOM   856  C  C   . GLU A 1 99  ? 3.611   -8.400  -6.813  1.00 24.48 ? 180  GLU A C   1 
ATOM   857  O  O   . GLU A 1 99  ? 2.677   -8.259  -6.024  1.00 22.38 ? 180  GLU A O   1 
ATOM   858  C  CB  . GLU A 1 99  ? 3.593   -9.737  -8.874  1.00 29.19 ? 180  GLU A CB  1 
ATOM   859  C  CG  . GLU A 1 99  ? 2.322   -8.931  -9.146  1.00 30.07 ? 180  GLU A CG  1 
ATOM   860  C  CD  . GLU A 1 99  ? 1.697   -9.184  -10.503 1.00 32.23 ? 180  GLU A CD  1 
ATOM   861  O  OE1 . GLU A 1 99  ? 2.388   -9.033  -11.532 1.00 34.47 ? 180  GLU A OE1 1 
ATOM   862  O  OE2 . GLU A 1 99  ? 0.499   -9.524  -10.536 1.00 32.56 ? 180  GLU A OE2 1 
ATOM   863  N  N   . VAL A 1 100 ? 4.382   -7.424  -7.258  1.00 24.11 ? 181  VAL A N   1 
ATOM   864  C  CA  . VAL A 1 100 ? 4.200   -6.022  -6.954  1.00 23.63 ? 181  VAL A CA  1 
ATOM   865  C  C   . VAL A 1 100 ? 4.339   -5.426  -8.346  1.00 23.01 ? 181  VAL A C   1 
ATOM   866  O  O   . VAL A 1 100 ? 5.342   -5.665  -9.030  1.00 23.54 ? 181  VAL A O   1 
ATOM   867  C  CB  . VAL A 1 100 ? 5.298   -5.482  -6.048  1.00 25.05 ? 181  VAL A CB  1 
ATOM   868  C  CG1 . VAL A 1 100 ? 5.084   -4.010  -5.815  1.00 24.95 ? 181  VAL A CG1 1 
ATOM   869  C  CG2 . VAL A 1 100 ? 5.289   -6.228  -4.743  1.00 26.54 ? 181  VAL A CG2 1 
ATOM   870  N  N   . SER A 1 101 ? 3.331   -4.681  -8.781  1.00 19.84 ? 182  SER A N   1 
ATOM   871  C  CA  . SER A 1 101 ? 3.350   -4.090  -10.116 1.00 19.33 ? 182  SER A CA  1 
ATOM   872  C  C   . SER A 1 101 ? 2.452   -2.867  -10.175 1.00 18.81 ? 182  SER A C   1 
ATOM   873  O  O   . SER A 1 101 ? 1.976   -2.389  -9.145  1.00 18.58 ? 182  SER A O   1 
ATOM   874  C  CB  . SER A 1 101 ? 2.892   -5.139  -11.140 1.00 20.00 ? 182  SER A CB  1 
ATOM   875  O  OG  . SER A 1 101 ? 3.182   -4.733  -12.465 1.00 21.31 ? 182  SER A OG  1 
ATOM   876  N  N   . SER A 1 102 ? 2.202   -2.357  -11.372 1.00 17.72 ? 183  SER A N   1 
ATOM   877  C  CA  . SER A 1 102 ? 1.364   -1.183  -11.518 1.00 18.03 ? 183  SER A CA  1 
ATOM   878  C  C   . SER A 1 102 ? 0.046   -1.504  -12.204 1.00 18.07 ? 183  SER A C   1 
ATOM   879  O  O   . SER A 1 102 ? -0.064  -2.494  -12.933 1.00 18.76 ? 183  SER A O   1 
ATOM   880  C  CB  . SER A 1 102 ? 2.112   -0.083  -12.285 1.00 18.60 ? 183  SER A CB  1 
ATOM   881  O  OG  . SER A 1 102 ? 2.513   -0.525  -13.579 1.00 18.99 ? 183  SER A OG  1 
ATOM   882  N  N   . MET A 1 103 ? -0.956  -0.674  -11.926 1.00 16.88 ? 184  MET A N   1 
ATOM   883  C  CA  . MET A 1 103 ? -2.278  -0.833  -12.511 1.00 17.08 ? 184  MET A CA  1 
ATOM   884  C  C   . MET A 1 103 ? -2.938  0.535   -12.624 1.00 16.63 ? 184  MET A C   1 
ATOM   885  O  O   . MET A 1 103 ? -2.603  1.453   -11.881 1.00 15.52 ? 184  MET A O   1 
ATOM   886  C  CB  A MET A 1 103 ? -3.140  -1.732  -11.625 0.50 17.46 ? 184  MET A CB  1 
ATOM   887  C  CB  B MET A 1 103 ? -3.127  -1.780  -11.659 0.50 19.81 ? 184  MET A CB  1 
ATOM   888  C  CG  A MET A 1 103 ? -4.618  -1.743  -12.006 0.50 18.17 ? 184  MET A CG  1 
ATOM   889  C  CG  B MET A 1 103 ? -4.220  -2.464  -12.462 0.50 23.69 ? 184  MET A CG  1 
ATOM   890  S  SD  A MET A 1 103 ? -4.964  -2.625  -13.554 0.50 18.96 ? 184  MET A SD  1 
ATOM   891  S  SD  B MET A 1 103 ? -5.130  -3.757  -11.602 0.50 27.46 ? 184  MET A SD  1 
ATOM   892  C  CE  A MET A 1 103 ? -4.898  -1.395  -14.756 0.50 21.69 ? 184  MET A CE  1 
ATOM   893  C  CE  B MET A 1 103 ? -3.967  -5.106  -11.647 0.50 26.59 ? 184  MET A CE  1 
ATOM   894  N  N   . GLU A 1 104 ? -3.865  0.686   -13.572 1.00 15.88 ? 185  GLU A N   1 
ATOM   895  C  CA  . GLU A 1 104 ? -4.562  1.944   -13.753 1.00 16.58 ? 185  GLU A CA  1 
ATOM   896  C  C   . GLU A 1 104 ? -5.181  2.314   -12.412 1.00 15.32 ? 185  GLU A C   1 
ATOM   897  O  O   . GLU A 1 104 ? -5.885  1.513   -11.787 1.00 14.24 ? 185  GLU A O   1 
ATOM   898  C  CB  . GLU A 1 104 ? -5.674  1.794   -14.793 1.00 19.10 ? 185  GLU A CB  1 
ATOM   899  C  CG  . GLU A 1 104 ? -5.198  1.343   -16.151 1.00 26.63 ? 185  GLU A CG  1 
ATOM   900  C  CD  . GLU A 1 104 ? -4.848  2.493   -17.067 1.00 30.17 ? 185  GLU A CD  1 
ATOM   901  O  OE1 . GLU A 1 104 ? -4.914  3.660   -16.621 1.00 32.00 ? 185  GLU A OE1 1 
ATOM   902  O  OE2 . GLU A 1 104 ? -4.504  2.224   -18.239 1.00 32.31 ? 185  GLU A OE2 1 
ATOM   903  N  N   . CYS A 1 105 ? -4.931  3.537   -11.989 1.00 15.73 ? 186  CYS A N   1 
ATOM   904  C  CA  . CYS A 1 105 ? -5.420  4.030   -10.711 1.00 15.13 ? 186  CYS A CA  1 
ATOM   905  C  C   . CYS A 1 105 ? -6.930  3.979   -10.516 1.00 14.76 ? 186  CYS A C   1 
ATOM   906  O  O   . CYS A 1 105 ? -7.411  3.950   -9.385  1.00 14.55 ? 186  CYS A O   1 
ATOM   907  C  CB  . CYS A 1 105 ? -4.942  5.466   -10.506 1.00 16.19 ? 186  CYS A CB  1 
ATOM   908  S  SG  . CYS A 1 105 ? -3.132  5.684   -10.508 1.00 19.25 ? 186  CYS A SG  1 
ATOM   909  N  N   . GLU A 1 106 ? -7.697  3.954   -11.608 1.00 14.93 ? 187  GLU A N   1 
ATOM   910  C  CA  . GLU A 1 106 ? -9.152  3.917   -11.478 1.00 14.45 ? 187  GLU A CA  1 
ATOM   911  C  C   . GLU A 1 106 ? -9.700  2.541   -11.127 1.00 13.08 ? 187  GLU A C   1 
ATOM   912  O  O   . GLU A 1 106 ? -10.849 2.416   -10.697 1.00 13.28 ? 187  GLU A O   1 
ATOM   913  C  CB  . GLU A 1 106 ? -9.821  4.371   -12.775 1.00 15.57 ? 187  GLU A CB  1 
ATOM   914  C  CG  . GLU A 1 106 ? -9.628  5.849   -13.106 1.00 22.04 ? 187  GLU A CG  1 
ATOM   915  C  CD  . GLU A 1 106 ? -10.928 6.621   -13.060 1.00 28.48 ? 187  GLU A CD  1 
ATOM   916  O  OE1 . GLU A 1 106 ? -11.538 6.693   -11.973 1.00 32.68 ? 187  GLU A OE1 1 
ATOM   917  O  OE2 . GLU A 1 106 ? -11.349 7.151   -14.115 1.00 32.98 ? 187  GLU A OE2 1 
ATOM   918  N  N   . LYS A 1 107 ? -8.878  1.508   -11.289 1.00 12.31 ? 188  LYS A N   1 
ATOM   919  C  CA  . LYS A 1 107 ? -9.328  0.150   -10.993 1.00 11.63 ? 188  LYS A CA  1 
ATOM   920  C  C   . LYS A 1 107 ? -9.686  0.009   -9.516  1.00 13.70 ? 188  LYS A C   1 
ATOM   921  O  O   . LYS A 1 107 ? -8.960  0.478   -8.639  1.00 12.78 ? 188  LYS A O   1 
ATOM   922  C  CB  . LYS A 1 107 ? -8.230  -0.841  -11.395 1.00 12.81 ? 188  LYS A CB  1 
ATOM   923  C  CG  . LYS A 1 107 ? -8.444  -2.257  -10.946 1.00 16.86 ? 188  LYS A CG  1 
ATOM   924  C  CD  . LYS A 1 107 ? -9.391  -3.006  -11.822 1.00 17.91 ? 188  LYS A CD  1 
ATOM   925  C  CE  . LYS A 1 107 ? -9.420  -4.463  -11.371 1.00 20.38 ? 188  LYS A CE  1 
ATOM   926  N  NZ  . LYS A 1 107 ? -10.447 -5.248  -12.112 1.00 21.04 ? 188  LYS A NZ  1 
ATOM   927  N  N   . ASN A 1 108 ? -10.823 -0.611  -9.243  1.00 12.38 ? 189  ASN A N   1 
ATOM   928  C  CA  . ASN A 1 108 ? -11.232 -0.814  -7.866  1.00 12.63 ? 189  ASN A CA  1 
ATOM   929  C  C   . ASN A 1 108 ? -10.578 -2.091  -7.351  1.00 12.62 ? 189  ASN A C   1 
ATOM   930  O  O   . ASN A 1 108 ? -10.810 -3.177  -7.874  1.00 13.59 ? 189  ASN A O   1 
ATOM   931  C  CB  . ASN A 1 108 ? -12.768 -0.913  -7.737  1.00 14.52 ? 189  ASN A CB  1 
ATOM   932  C  CG  . ASN A 1 108 ? -13.471 0.429   -7.918  1.00 15.57 ? 189  ASN A CG  1 
ATOM   933  O  OD1 . ASN A 1 108 ? -14.531 0.658   -7.326  1.00 20.80 ? 189  ASN A OD1 1 
ATOM   934  N  ND2 . ASN A 1 108 ? -12.900 1.310   -8.739  1.00 16.52 ? 189  ASN A ND2 1 
ATOM   935  N  N   . LEU A 1 109 ? -9.737  -1.948  -6.331  1.00 10.67 ? 190  LEU A N   1 
ATOM   936  C  CA  . LEU A 1 109 ? -9.038  -3.079  -5.735  1.00 9.84  ? 190  LEU A CA  1 
ATOM   937  C  C   . LEU A 1 109 ? -9.162  -2.989  -4.231  1.00 8.93  ? 190  LEU A C   1 
ATOM   938  O  O   . LEU A 1 109 ? -9.517  -1.943  -3.697  1.00 11.03 ? 190  LEU A O   1 
ATOM   939  C  CB  . LEU A 1 109 ? -7.535  -3.027  -6.044  1.00 11.60 ? 190  LEU A CB  1 
ATOM   940  C  CG  . LEU A 1 109 ? -7.069  -3.110  -7.493  1.00 12.30 ? 190  LEU A CG  1 
ATOM   941  C  CD1 . LEU A 1 109 ? -5.528  -3.124  -7.495  1.00 13.59 ? 190  LEU A CD1 1 
ATOM   942  C  CD2 . LEU A 1 109 ? -7.608  -4.366  -8.142  1.00 14.66 ? 190  LEU A CD2 1 
ATOM   943  N  N   . TYR A 1 110 ? -8.883  -4.102  -3.549  1.00 11.18 ? 191  TYR A N   1 
ATOM   944  C  CA  . TYR A 1 110 ? -8.811  -4.064  -2.088  1.00 11.38 ? 191  TYR A CA  1 
ATOM   945  C  C   . TYR A 1 110 ? -7.584  -3.188  -1.824  1.00 11.17 ? 191  TYR A C   1 
ATOM   946  O  O   . TYR A 1 110 ? -6.794  -2.913  -2.745  1.00 10.21 ? 191  TYR A O   1 
ATOM   947  C  CB  . TYR A 1 110 ? -8.556  -5.463  -1.516  1.00 11.77 ? 191  TYR A CB  1 
ATOM   948  C  CG  . TYR A 1 110 ? -9.694  -6.419  -1.739  1.00 15.04 ? 191  TYR A CG  1 
ATOM   949  C  CD1 . TYR A 1 110 ? -10.900 -6.242  -1.082  1.00 16.33 ? 191  TYR A CD1 1 
ATOM   950  C  CD2 . TYR A 1 110 ? -9.564  -7.473  -2.636  1.00 15.83 ? 191  TYR A CD2 1 
ATOM   951  C  CE1 . TYR A 1 110 ? -11.984 -7.105  -1.316  1.00 18.63 ? 191  TYR A CE1 1 
ATOM   952  C  CE2 . TYR A 1 110 ? -10.631 -8.340  -2.884  1.00 19.53 ? 191  TYR A CE2 1 
ATOM   953  C  CZ  . TYR A 1 110 ? -11.829 -8.143  -2.220  1.00 20.35 ? 191  TYR A CZ  1 
ATOM   954  O  OH  . TYR A 1 110 ? -12.898 -8.990  -2.472  1.00 23.40 ? 191  TYR A OH  1 
ATOM   955  N  N   . TRP A 1 111 ? -7.388  -2.764  -0.579  1.00 10.88 ? 192  TRP A N   1 
ATOM   956  C  CA  . TRP A 1 111 ? -6.225  -1.913  -0.294  1.00 9.03  ? 192  TRP A CA  1 
ATOM   957  C  C   . TRP A 1 111 ? -5.671  -2.157  1.094   1.00 9.30  ? 192  TRP A C   1 
ATOM   958  O  O   . TRP A 1 111 ? -6.298  -2.806  1.924   1.00 10.84 ? 192  TRP A O   1 
ATOM   959  C  CB  . TRP A 1 111 ? -6.575  -0.417  -0.455  1.00 10.45 ? 192  TRP A CB  1 
ATOM   960  C  CG  . TRP A 1 111 ? -7.500  0.123   0.600   1.00 11.57 ? 192  TRP A CG  1 
ATOM   961  C  CD1 . TRP A 1 111 ? -7.146  0.686   1.803   1.00 12.27 ? 192  TRP A CD1 1 
ATOM   962  C  CD2 . TRP A 1 111 ? -8.928  0.162   0.544   1.00 12.20 ? 192  TRP A CD2 1 
ATOM   963  N  NE1 . TRP A 1 111 ? -8.272  1.070   2.486   1.00 12.54 ? 192  TRP A NE1 1 
ATOM   964  C  CE2 . TRP A 1 111 ? -9.377  0.763   1.737   1.00 12.41 ? 192  TRP A CE2 1 
ATOM   965  C  CE3 . TRP A 1 111 ? -9.875  -0.251  -0.399  1.00 12.53 ? 192  TRP A CE3 1 
ATOM   966  C  CZ2 . TRP A 1 111 ? -10.737 0.962   2.017   1.00 13.66 ? 192  TRP A CZ2 1 
ATOM   967  C  CZ3 . TRP A 1 111 ? -11.225 -0.055  -0.129  1.00 14.41 ? 192  TRP A CZ3 1 
ATOM   968  C  CH2 . TRP A 1 111 ? -11.645 0.546   1.073   1.00 15.29 ? 192  TRP A CH2 1 
ATOM   969  N  N   . ILE A 1 112 ? -4.470  -1.650  1.323   1.00 10.23 ? 193  ILE A N   1 
ATOM   970  C  CA  . ILE A 1 112 ? -3.828  -1.785  2.621   1.00 9.77  ? 193  ILE A CA  1 
ATOM   971  C  C   . ILE A 1 112 ? -3.323  -0.422  3.034   1.00 10.72 ? 193  ILE A C   1 
ATOM   972  O  O   . ILE A 1 112 ? -2.727  0.300   2.244   1.00 11.36 ? 193  ILE A O   1 
ATOM   973  C  CB  . ILE A 1 112 ? -2.651  -2.764  2.556   1.00 11.44 ? 193  ILE A CB  1 
ATOM   974  C  CG1 . ILE A 1 112 ? -3.164  -4.136  2.130   1.00 13.37 ? 193  ILE A CG1 1 
ATOM   975  C  CG2 . ILE A 1 112 ? -1.970  -2.859  3.935   1.00 12.26 ? 193  ILE A CG2 1 
ATOM   976  C  CD1 . ILE A 1 112 ? -2.072  -5.092  1.735   1.00 15.59 ? 193  ILE A CD1 1 
ATOM   977  N  N   . CYS A 1 113 ? -3.620  -0.052  4.272   1.00 10.38 ? 194  CYS A N   1 
ATOM   978  C  CA  . CYS A 1 113 ? -3.158  1.217   4.794   1.00 10.94 ? 194  CYS A CA  1 
ATOM   979  C  C   . CYS A 1 113 ? -2.159  0.951   5.878   1.00 10.01 ? 194  CYS A C   1 
ATOM   980  O  O   . CYS A 1 113 ? -2.135  -0.125  6.470   1.00 11.08 ? 194  CYS A O   1 
ATOM   981  C  CB  . CYS A 1 113 ? -4.240  1.996   5.540   1.00 14.01 ? 194  CYS A CB  1 
ATOM   982  S  SG  . CYS A 1 113 ? -5.874  2.199   4.813   1.00 14.95 ? 194  CYS A SG  1 
ATOM   983  N  N   . ASN A 1 114 ? -1.313  1.939   6.121   1.00 9.18  ? 195  ASN A N   1 
ATOM   984  C  CA  . ASN A 1 114 ? -0.476  1.858   7.307   1.00 10.57 ? 195  ASN A CA  1 
ATOM   985  C  C   . ASN A 1 114 ? -0.212  3.233   7.887   1.00 11.23 ? 195  ASN A C   1 
ATOM   986  O  O   . ASN A 1 114 ? -0.563  4.276   7.292   1.00 10.58 ? 195  ASN A O   1 
ATOM   987  C  CB  . ASN A 1 114 ? 0.810   1.019   7.129   1.00 10.43 ? 195  ASN A CB  1 
ATOM   988  C  CG  . ASN A 1 114 ? 1.861   1.641   6.229   1.00 10.39 ? 195  ASN A CG  1 
ATOM   989  O  OD1 . ASN A 1 114 ? 1.739   2.764   5.752   1.00 11.42 ? 195  ASN A OD1 1 
ATOM   990  N  ND2 . ASN A 1 114 ? 2.926   0.880   6.004   1.00 14.18 ? 195  ASN A ND2 1 
ATOM   991  N  N   . LYS A 1 115 ? 0.293   3.222   9.109   1.00 12.42 ? 196  LYS A N   1 
ATOM   992  C  CA  . LYS A 1 115 ? 0.644   4.437   9.830   1.00 14.22 ? 196  LYS A CA  1 
ATOM   993  C  C   . LYS A 1 115 ? 1.635   4.028   10.900  1.00 16.87 ? 196  LYS A C   1 
ATOM   994  O  O   . LYS A 1 115 ? 1.681   2.875   11.286  1.00 14.64 ? 196  LYS A O   1 
ATOM   995  C  CB  . LYS A 1 115 ? -0.591  5.078   10.482  1.00 15.45 ? 196  LYS A CB  1 
ATOM   996  C  CG  . LYS A 1 115 ? -1.421  4.194   11.403  1.00 16.02 ? 196  LYS A CG  1 
ATOM   997  C  CD  . LYS A 1 115 ? -2.588  5.016   11.977  1.00 17.90 ? 196  LYS A CD  1 
ATOM   998  C  CE  . LYS A 1 115 ? -3.697  4.149   12.562  1.00 17.20 ? 196  LYS A CE  1 
ATOM   999  N  NZ  . LYS A 1 115 ? -4.786  5.000   13.133  1.00 19.64 ? 196  LYS A NZ  1 
ATOM   1000 N  N   . PRO A 1 116 ? 2.443   4.966   11.397  1.00 17.60 ? 197  PRO A N   1 
ATOM   1001 C  CA  . PRO A 1 116 ? 3.421   4.618   12.438  1.00 20.37 ? 197  PRO A CA  1 
ATOM   1002 C  C   . PRO A 1 116 ? 2.781   4.147   13.756  1.00 22.47 ? 197  PRO A C   1 
ATOM   1003 O  O   . PRO A 1 116 ? 1.645   4.517   14.065  1.00 22.28 ? 197  PRO A O   1 
ATOM   1004 C  CB  . PRO A 1 116 ? 4.194   5.926   12.642  1.00 21.03 ? 197  PRO A CB  1 
ATOM   1005 C  CG  . PRO A 1 116 ? 4.030   6.660   11.354  1.00 20.48 ? 197  PRO A CG  1 
ATOM   1006 C  CD  . PRO A 1 116 ? 2.618   6.359   10.934  1.00 17.97 ? 197  PRO A CD  1 
ATOM   1007 N  N   . TYR A 1 117 ? 3.521   3.330   14.516  1.00 25.35 ? 198  TYR A N   1 
ATOM   1008 C  CA  . TYR A 1 117 ? 3.083   2.825   15.830  1.00 29.86 ? 198  TYR A CA  1 
ATOM   1009 C  C   . TYR A 1 117 ? 2.728   4.004   16.736  1.00 32.62 ? 198  TYR A C   1 
ATOM   1010 O  O   . TYR A 1 117 ? 3.127   5.136   16.473  1.00 32.97 ? 198  TYR A O   1 
ATOM   1011 C  CB  . TYR A 1 117 ? 4.218   2.088   16.558  1.00 31.36 ? 198  TYR A CB  1 
ATOM   1012 C  CG  . TYR A 1 117 ? 4.415   0.599   16.336  1.00 28.02 ? 198  TYR A CG  1 
ATOM   1013 C  CD1 . TYR A 1 117 ? 3.661   -0.134  15.411  1.00 27.27 ? 198  TYR A CD1 1 
ATOM   1014 C  CD2 . TYR A 1 117 ? 5.422   -0.066  17.032  1.00 27.70 ? 198  TYR A CD2 1 
ATOM   1015 C  CE1 . TYR A 1 117 ? 3.931   -1.504  15.186  1.00 27.50 ? 198  TYR A CE1 1 
ATOM   1016 C  CE2 . TYR A 1 117 ? 5.699   -1.404  16.817  1.00 27.76 ? 198  TYR A CE2 1 
ATOM   1017 C  CZ  . TYR A 1 117 ? 4.966   -2.123  15.893  1.00 27.41 ? 198  TYR A CZ  1 
ATOM   1018 O  OH  . TYR A 1 117 ? 5.360   -3.427  15.659  1.00 26.76 ? 198  TYR A OH  1 
ATOM   1019 N  N   . LYS A 1 118 ? 2.026   3.716   17.831  1.00 35.62 ? 199  LYS A N   1 
ATOM   1020 C  CA  . LYS A 1 118 ? 1.638   4.740   18.800  1.00 38.65 ? 199  LYS A CA  1 
ATOM   1021 C  C   . LYS A 1 118 ? 0.564   5.689   18.272  1.00 40.29 ? 199  LYS A C   1 
ATOM   1022 O  O   . LYS A 1 118 ? 0.901   6.853   17.963  1.00 40.90 ? 199  LYS A O   1 
ATOM   1023 C  CB  . LYS A 1 118 ? 2.867   5.546   19.233  1.00 39.32 ? 199  LYS A CB  1 
ATOM   1024 C  CG  . LYS A 1 118 ? 3.951   4.712   19.894  1.00 39.38 ? 199  LYS A CG  1 
ATOM   1025 C  CD  . LYS A 1 118 ? 5.199   5.540   20.145  1.00 40.06 ? 199  LYS A CD  1 
ATOM   1026 C  CE  . LYS A 1 118 ? 6.271   4.731   20.859  1.00 40.22 ? 199  LYS A CE  1 
ATOM   1027 N  NZ  . LYS A 1 118 ? 7.541   5.506   21.022  1.00 41.02 ? 199  LYS A NZ  1 
ATOM   1028 O  OXT . LYS A 1 118 ? -0.605  5.256   18.172  1.00 41.73 ? 199  LYS A OXT 1 
HETATM 1029 ZN ZN  . ZN  B 2 .   ? -9.919  4.108   12.175  1.00 28.86 ? 1001 ZN  A ZN  1 
HETATM 1030 C  C1  . GOL C 3 .   ? -14.032 7.061   -7.835  1.00 39.37 ? 1002 GOL A C1  1 
HETATM 1031 O  O1  . GOL C 3 .   ? -14.383 5.678   -7.622  1.00 38.94 ? 1002 GOL A O1  1 
HETATM 1032 C  C2  . GOL C 3 .   ? -12.483 7.269   -7.777  1.00 38.49 ? 1002 GOL A C2  1 
HETATM 1033 O  O2  . GOL C 3 .   ? -12.144 8.203   -6.785  1.00 39.85 ? 1002 GOL A O2  1 
HETATM 1034 C  C3  . GOL C 3 .   ? -11.958 7.758   -9.142  1.00 39.54 ? 1002 GOL A C3  1 
HETATM 1035 O  O3  . GOL C 3 .   ? -10.551 7.452   -9.256  1.00 38.91 ? 1002 GOL A O3  1 
HETATM 1036 O  O   . HOH D 4 .   ? -3.019  -3.655  20.324  1.00 35.13 ? 2001 HOH A O   1 
HETATM 1037 O  O   . HOH D 4 .   ? -3.670  1.144   14.826  1.00 25.27 ? 2002 HOH A O   1 
HETATM 1038 O  O   . HOH D 4 .   ? -9.975  -0.295  15.477  1.00 43.83 ? 2003 HOH A O   1 
HETATM 1039 O  O   . HOH D 4 .   ? -10.317 0.768   12.141  1.00 29.21 ? 2004 HOH A O   1 
HETATM 1040 O  O   . HOH D 4 .   ? 10.411  -10.032 11.017  1.00 28.66 ? 2005 HOH A O   1 
HETATM 1041 O  O   . HOH D 4 .   ? 11.681  -3.035  8.423   1.00 40.46 ? 2006 HOH A O   1 
HETATM 1042 O  O   . HOH D 4 .   ? 9.104   -0.644  8.693   1.00 30.07 ? 2007 HOH A O   1 
HETATM 1043 O  O   . HOH D 4 .   ? 6.166   -2.016  8.955   1.00 27.36 ? 2008 HOH A O   1 
HETATM 1044 O  O   . HOH D 4 .   ? -7.178  -4.991  8.783   1.00 21.22 ? 2009 HOH A O   1 
HETATM 1045 O  O   . HOH D 4 .   ? -10.033 -5.827  8.098   1.00 39.26 ? 2010 HOH A O   1 
HETATM 1046 O  O   . HOH D 4 .   ? -12.763 -2.189  4.462   1.00 29.60 ? 2011 HOH A O   1 
HETATM 1047 O  O   . HOH D 4 .   ? -16.088 -4.213  -3.025  1.00 30.20 ? 2012 HOH A O   1 
HETATM 1048 O  O   . HOH D 4 .   ? -5.469  10.961  -5.378  1.00 40.94 ? 2013 HOH A O   1 
HETATM 1049 O  O   . HOH D 4 .   ? -5.653  8.336   -8.590  1.00 31.70 ? 2014 HOH A O   1 
HETATM 1050 O  O   . HOH D 4 .   ? -13.499 8.729   -1.645  1.00 35.68 ? 2015 HOH A O   1 
HETATM 1051 O  O   . HOH D 4 .   ? -4.552  11.680  1.645   1.00 23.62 ? 2016 HOH A O   1 
HETATM 1052 O  O   . HOH D 4 .   ? -7.402  10.759  -1.993  1.00 26.03 ? 2017 HOH A O   1 
HETATM 1053 O  O   . HOH D 4 .   ? -7.295  12.045  1.546   1.00 39.62 ? 2018 HOH A O   1 
HETATM 1054 O  O   . HOH D 4 .   ? 14.691  -4.261  7.895   1.00 39.26 ? 2019 HOH A O   1 
HETATM 1055 O  O   . HOH D 4 .   ? -12.237 5.058   6.185   1.00 26.18 ? 2020 HOH A O   1 
HETATM 1056 O  O   . HOH D 4 .   ? -10.584 11.259  3.900   1.00 24.87 ? 2021 HOH A O   1 
HETATM 1057 O  O   . HOH D 4 .   ? -4.009  12.193  4.293   1.00 26.76 ? 2022 HOH A O   1 
HETATM 1058 O  O   . HOH D 4 .   ? -5.717  12.168  7.884   1.00 15.73 ? 2023 HOH A O   1 
HETATM 1059 O  O   . HOH D 4 .   ? -13.198 11.619  4.117   1.00 31.25 ? 2024 HOH A O   1 
HETATM 1060 O  O   . HOH D 4 .   ? -11.596 1.938   6.125   1.00 27.80 ? 2025 HOH A O   1 
HETATM 1061 O  O   . HOH D 4 .   ? -2.081  8.780   12.504  1.00 36.39 ? 2026 HOH A O   1 
HETATM 1062 O  O   . HOH D 4 .   ? -3.091  11.463  8.132   1.00 29.51 ? 2027 HOH A O   1 
HETATM 1063 O  O   . HOH D 4 .   ? -2.882  10.329  5.647   1.00 28.19 ? 2028 HOH A O   1 
HETATM 1064 O  O   . HOH D 4 .   ? -0.844  10.566  3.859   1.00 29.25 ? 2029 HOH A O   1 
HETATM 1065 O  O   . HOH D 4 .   ? 5.337   4.889   7.686   1.00 40.90 ? 2030 HOH A O   1 
HETATM 1066 O  O   . HOH D 4 .   ? 15.196  -8.059  5.433   1.00 31.47 ? 2031 HOH A O   1 
HETATM 1067 O  O   . HOH D 4 .   ? 7.734   5.223   6.708   1.00 37.36 ? 2032 HOH A O   1 
HETATM 1068 O  O   . HOH D 4 .   ? 14.783  -0.199  5.072   1.00 25.13 ? 2033 HOH A O   1 
HETATM 1069 O  O   . HOH D 4 .   ? 13.649  2.460   2.221   1.00 20.08 ? 2034 HOH A O   1 
HETATM 1070 O  O   . HOH D 4 .   ? 11.316  3.493   1.200   1.00 23.59 ? 2035 HOH A O   1 
HETATM 1071 O  O   . HOH D 4 .   ? 8.645   -9.930  6.678   1.00 20.67 ? 2036 HOH A O   1 
HETATM 1072 O  O   . HOH D 4 .   ? 14.226  -5.549  5.528   1.00 22.88 ? 2037 HOH A O   1 
HETATM 1073 O  O   . HOH D 4 .   ? -9.794  -10.047 0.734   1.00 37.44 ? 2038 HOH A O   1 
HETATM 1074 O  O   . HOH D 4 .   ? 7.292   0.564   5.632   1.00 28.25 ? 2039 HOH A O   1 
HETATM 1075 O  O   . HOH D 4 .   ? 8.323   -12.247 -1.008  1.00 47.76 ? 2040 HOH A O   1 
HETATM 1076 O  O   . HOH D 4 .   ? 10.997  -11.070 5.748   1.00 27.85 ? 2041 HOH A O   1 
HETATM 1077 O  O   . HOH D 4 .   ? 6.231   -12.613 0.735   1.00 20.25 ? 2042 HOH A O   1 
HETATM 1078 O  O   . HOH D 4 .   ? 9.295   -9.287  -1.749  1.00 39.99 ? 2043 HOH A O   1 
HETATM 1079 O  O   . HOH D 4 .   ? 12.882  7.249   1.501   1.00 37.06 ? 2044 HOH A O   1 
HETATM 1080 O  O   . HOH D 4 .   ? 6.399   -15.119 1.887   1.00 31.77 ? 2045 HOH A O   1 
HETATM 1081 O  O   . HOH D 4 .   ? 6.820   -11.760 6.188   1.00 31.67 ? 2046 HOH A O   1 
HETATM 1082 O  O   . HOH D 4 .   ? -2.718  -1.422  -19.549 1.00 31.19 ? 2047 HOH A O   1 
HETATM 1083 O  O   . HOH D 4 .   ? -6.355  -7.499  9.493   1.00 24.90 ? 2048 HOH A O   1 
HETATM 1084 O  O   . HOH D 4 .   ? -6.660  -11.598 -0.707  1.00 27.63 ? 2049 HOH A O   1 
HETATM 1085 O  O   . HOH D 4 .   ? -8.175  -18.294 -0.891  1.00 38.35 ? 2050 HOH A O   1 
HETATM 1086 O  O   . HOH D 4 .   ? -3.496  -16.154 1.060   1.00 25.80 ? 2051 HOH A O   1 
HETATM 1087 O  O   . HOH D 4 .   ? -3.373  -14.697 -6.678  1.00 40.56 ? 2052 HOH A O   1 
HETATM 1088 O  O   . HOH D 4 .   ? -9.766  -8.797  -6.687  1.00 34.75 ? 2053 HOH A O   1 
HETATM 1089 O  O   . HOH D 4 .   ? -8.665  -6.462  -5.563  1.00 18.51 ? 2054 HOH A O   1 
HETATM 1090 O  O   . HOH D 4 .   ? -8.479  -7.891  1.507   1.00 16.77 ? 2055 HOH A O   1 
HETATM 1091 O  O   . HOH D 4 .   ? 2.231   10.968  -6.970  1.00 28.03 ? 2056 HOH A O   1 
HETATM 1092 O  O   . HOH D 4 .   ? -1.431  9.570   -11.695 1.00 34.76 ? 2057 HOH A O   1 
HETATM 1093 O  O   . HOH D 4 .   ? 1.301   15.903  -13.690 1.00 37.08 ? 2058 HOH A O   1 
HETATM 1094 O  O   . HOH D 4 .   ? 7.082   19.150  -9.337  1.00 32.87 ? 2059 HOH A O   1 
HETATM 1095 O  O   . HOH D 4 .   ? 4.886   19.743  -10.702 1.00 40.01 ? 2060 HOH A O   1 
HETATM 1096 O  O   . HOH D 4 .   ? 6.410   10.008  -14.633 1.00 40.43 ? 2061 HOH A O   1 
HETATM 1097 O  O   . HOH D 4 .   ? 9.786   10.964  -13.665 1.00 32.11 ? 2062 HOH A O   1 
HETATM 1098 O  O   . HOH D 4 .   ? 4.240   11.798  -8.763  1.00 24.77 ? 2063 HOH A O   1 
HETATM 1099 O  O   . HOH D 4 .   ? 9.750   10.500  -5.320  1.00 28.27 ? 2064 HOH A O   1 
HETATM 1100 O  O   . HOH D 4 .   ? 10.779  8.352   -7.289  1.00 41.15 ? 2065 HOH A O   1 
HETATM 1101 O  O   . HOH D 4 .   ? 4.293   14.571  -8.040  1.00 45.52 ? 2066 HOH A O   1 
HETATM 1102 O  O   . HOH D 4 .   ? 1.644   9.803   -4.445  1.00 30.91 ? 2067 HOH A O   1 
HETATM 1103 O  O   . HOH D 4 .   ? 11.442  5.703   -0.366  1.00 20.01 ? 2068 HOH A O   1 
HETATM 1104 O  O   . HOH D 4 .   ? 1.443   11.612  -2.575  1.00 41.60 ? 2069 HOH A O   1 
HETATM 1105 O  O   . HOH D 4 .   ? -1.866  10.728  -1.512  1.00 26.45 ? 2070 HOH A O   1 
HETATM 1106 O  O   . HOH D 4 .   ? 6.882   7.307   5.627   1.00 32.05 ? 2071 HOH A O   1 
HETATM 1107 O  O   . HOH D 4 .   ? 2.295   7.733   7.003   1.00 39.33 ? 2072 HOH A O   1 
HETATM 1108 O  O   . HOH D 4 .   ? 8.257   14.027  -2.635  1.00 34.66 ? 2073 HOH A O   1 
HETATM 1109 O  O   . HOH D 4 .   ? 12.009  6.658   4.621   1.00 37.53 ? 2074 HOH A O   1 
HETATM 1110 O  O   . HOH D 4 .   ? 10.622  13.178  1.055   1.00 35.32 ? 2075 HOH A O   1 
HETATM 1111 O  O   . HOH D 4 .   ? 17.466  3.573   -3.442  1.00 39.64 ? 2076 HOH A O   1 
HETATM 1112 O  O   . HOH D 4 .   ? 12.615  8.962   -8.968  1.00 36.60 ? 2077 HOH A O   1 
HETATM 1113 O  O   . HOH D 4 .   ? 15.957  7.848   -6.124  1.00 48.62 ? 2078 HOH A O   1 
HETATM 1114 O  O   . HOH D 4 .   ? 14.967  -4.293  -4.386  1.00 36.81 ? 2079 HOH A O   1 
HETATM 1115 O  O   . HOH D 4 .   ? 12.039  1.954   -8.976  1.00 30.82 ? 2080 HOH A O   1 
HETATM 1116 O  O   . HOH D 4 .   ? 12.843  -4.643  -7.468  1.00 33.79 ? 2081 HOH A O   1 
HETATM 1117 O  O   . HOH D 4 .   ? 10.710  1.638   -11.215 1.00 37.16 ? 2082 HOH A O   1 
HETATM 1118 O  O   . HOH D 4 .   ? 4.620   2.390   -14.750 1.00 30.57 ? 2083 HOH A O   1 
HETATM 1119 O  O   . HOH D 4 .   ? -2.855  -1.831  -16.973 1.00 21.19 ? 2084 HOH A O   1 
HETATM 1120 O  O   . HOH D 4 .   ? -2.185  4.575   -15.033 1.00 34.34 ? 2085 HOH A O   1 
HETATM 1121 O  O   . HOH D 4 .   ? 4.401   -13.751 -1.006  1.00 22.63 ? 2086 HOH A O   1 
HETATM 1122 O  O   . HOH D 4 .   ? -2.091  -9.097  -11.479 1.00 35.29 ? 2087 HOH A O   1 
HETATM 1123 O  O   . HOH D 4 .   ? 6.587   -8.518  -8.855  1.00 37.69 ? 2088 HOH A O   1 
HETATM 1124 O  O   . HOH D 4 .   ? 6.904   -3.698  -9.262  1.00 32.90 ? 2089 HOH A O   1 
HETATM 1125 O  O   . HOH D 4 .   ? 0.805   -2.551  -15.768 1.00 38.39 ? 2090 HOH A O   1 
HETATM 1126 O  O   . HOH D 4 .   ? -6.456  4.522   -14.521 1.00 39.01 ? 2091 HOH A O   1 
HETATM 1127 O  O   . HOH D 4 .   ? -6.501  0.639   -18.621 1.00 43.15 ? 2092 HOH A O   1 
HETATM 1128 O  O   . HOH D 4 .   ? -7.859  6.652   -8.403  1.00 20.13 ? 2093 HOH A O   1 
HETATM 1129 O  O   . HOH D 4 .   ? -4.187  6.093   -13.754 1.00 24.16 ? 2094 HOH A O   1 
HETATM 1130 O  O   . HOH D 4 .   ? -12.523 4.603   -10.572 1.00 23.44 ? 2095 HOH A O   1 
HETATM 1131 O  O   . HOH D 4 .   ? -9.291  -8.073  -11.842 1.00 40.90 ? 2096 HOH A O   1 
HETATM 1132 O  O   . HOH D 4 .   ? -12.477 -3.930  -9.952  1.00 20.80 ? 2097 HOH A O   1 
HETATM 1133 O  O   . HOH D 4 .   ? -9.091  2.266   5.039   1.00 23.12 ? 2098 HOH A O   1 
HETATM 1134 O  O   . HOH D 4 .   ? 2.871   5.068   7.168   1.00 22.07 ? 2099 HOH A O   1 
HETATM 1135 O  O   . HOH D 4 .   ? -6.313  2.962   14.256  1.00 35.66 ? 2100 HOH A O   1 
HETATM 1136 O  O   . HOH D 4 .   ? 4.899   -5.943  16.174  1.00 21.42 ? 2101 HOH A O   1 
HETATM 1137 O  O   . HOH D 4 .   ? 2.821   -5.081  17.642  1.00 33.52 ? 2102 HOH A O   1 
HETATM 1138 O  O   . HOH D 4 .   ? -2.267  3.267   15.690  1.00 42.47 ? 2103 HOH A O   1 
HETATM 1139 O  O   . HOH D 4 .   ? -10.584 5.984   12.498  1.00 21.46 ? 2104 HOH A O   1 
HETATM 1140 O  O   . HOH D 4 .   ? -11.451 2.824   12.685  1.00 28.91 ? 2105 HOH A O   1 
HETATM 1141 O  O   . HOH D 4 .   ? -8.339  3.949   13.121  1.00 26.81 ? 2106 HOH A O   1 
HETATM 1142 O  O   . HOH D 4 .   ? -13.794 3.693   -5.803  1.00 22.81 ? 2107 HOH A O   1 
HETATM 1143 O  O   . HOH D 4 .   ? -14.687 3.638   -9.086  1.00 31.79 ? 2108 HOH A O   1 
# 
